data_4QQV
#
_entry.id   4QQV
#
_cell.length_a   197.150
_cell.length_b   166.460
_cell.length_c   128.000
_cell.angle_alpha   90.00
_cell.angle_beta   122.77
_cell.angle_gamma   90.00
#
_symmetry.space_group_name_H-M   'C 1 2 1'
#
loop_
_entity.id
_entity.type
_entity.pdbx_description
1 polymer 'Interleukin-3 receptor class 2 subunit beta'
2 non-polymer 2-acetamido-2-deoxy-beta-D-glucopyranose
#
_entity_poly.entity_id   1
_entity_poly.type   'polypeptide(L)'
_entity_poly.pdbx_seq_one_letter_code
;HEVTEEEETVPLKTLECYNDYTNRIICSWADTEDAQGLINMTLLYHQLDKIQSVSCELSEKLMWSECPSSHRCVPRRCVI
PYTRFSNGDNDYYSFQPDRDLGIQLMVPLAQHVQPPPPKDIHISPSGDHFLLEWSVSLGDSQVSWLSSKDIEFEVAYKRL
QDSWEDASSLHTSNFQVNLEPKLFLPNSIYAARVRTRLSAGSSLSGRPSRWSPEVHWDSQPGDKAQPQNLQCFFDGIQSL
HCSWEVWTQTTGSVSFGLFYRPSPAAPEEKCSPVVKEPQASVYTRYRCSLPVPEPSAHSQYTVSVKHLEQGKFIMSYYHI
QMEPPILQQTANAASYSLHWETQKIPKYIDHTFQVQYKKKSESWKDSKTENLGRVNSMDLPQLEPDTSYCARVRVKPISD
YDGIWSEWSNEYTWTT
;
_entity_poly.pdbx_strand_id   A,B,C,D
#
# COMPACT_ATOMS: atom_id res chain seq x y z
N GLU A 7 -34.30 9.54 -13.59
CA GLU A 7 -34.28 8.67 -12.42
C GLU A 7 -35.21 7.48 -12.62
N GLU A 8 -35.69 7.32 -13.84
CA GLU A 8 -36.65 6.28 -14.17
C GLU A 8 -36.02 4.89 -14.19
N THR A 9 -36.63 3.94 -13.48
CA THR A 9 -36.17 2.56 -13.44
C THR A 9 -36.32 1.92 -14.82
N VAL A 10 -35.65 0.81 -15.07
CA VAL A 10 -35.69 0.16 -16.38
C VAL A 10 -37.07 -0.36 -16.82
N PRO A 11 -37.75 -1.18 -15.98
CA PRO A 11 -38.99 -1.80 -16.46
C PRO A 11 -40.10 -0.81 -16.83
N LEU A 12 -40.10 0.36 -16.21
CA LEU A 12 -41.13 1.35 -16.45
C LEU A 12 -40.93 2.08 -17.78
N LYS A 13 -39.68 2.29 -18.17
CA LYS A 13 -39.47 2.96 -19.45
C LYS A 13 -39.76 1.98 -20.57
N THR A 14 -39.43 0.70 -20.34
CA THR A 14 -39.66 -0.35 -21.34
C THR A 14 -41.11 -0.78 -21.48
N LEU A 15 -42.00 -0.18 -20.69
CA LEU A 15 -43.44 -0.45 -20.81
C LEU A 15 -44.17 0.30 -21.93
N GLU A 16 -44.91 -0.46 -22.73
CA GLU A 16 -46.05 0.06 -23.46
C GLU A 16 -47.13 -1.01 -23.33
N CYS A 17 -48.34 -0.61 -22.97
CA CYS A 17 -49.43 -1.56 -22.90
C CYS A 17 -50.56 -1.09 -23.81
N TYR A 18 -50.97 -1.98 -24.73
CA TYR A 18 -51.99 -1.67 -25.73
C TYR A 18 -53.15 -2.68 -25.72
N ASN A 19 -54.36 -2.16 -25.54
CA ASN A 19 -55.62 -2.89 -25.59
C ASN A 19 -56.01 -3.43 -26.95
N ASP A 20 -56.45 -4.68 -26.92
CA ASP A 20 -56.98 -5.34 -28.10
C ASP A 20 -58.44 -5.28 -28.25
N TYR A 21 -59.15 -4.88 -27.22
CA TYR A 21 -60.46 -4.35 -27.46
C TYR A 21 -61.54 -5.35 -27.55
N THR A 22 -61.23 -6.61 -27.24
CA THR A 22 -62.18 -7.70 -27.40
C THR A 22 -62.48 -7.86 -25.94
N ASN A 23 -61.46 -8.37 -25.29
CA ASN A 23 -61.44 -8.44 -23.88
C ASN A 23 -60.12 -7.88 -23.40
N ARG A 24 -59.05 -8.49 -23.88
CA ARG A 24 -57.75 -8.36 -23.28
C ARG A 24 -57.03 -7.00 -23.41
N ILE A 25 -55.95 -6.90 -22.65
CA ILE A 25 -54.98 -5.82 -22.74
C ILE A 25 -53.65 -6.51 -22.78
N ILE A 26 -52.77 -6.08 -23.67
CA ILE A 26 -51.48 -6.72 -23.77
C ILE A 26 -50.37 -5.69 -23.52
N CYS A 27 -49.48 -6.00 -22.56
CA CYS A 27 -48.42 -5.08 -22.14
C CYS A 27 -47.04 -5.71 -22.34
N SER A 28 -46.06 -4.89 -22.75
CA SER A 28 -44.69 -5.36 -23.00
C SER A 28 -43.68 -4.51 -22.23
N TRP A 29 -42.88 -5.17 -21.40
CA TRP A 29 -41.88 -4.50 -20.56
C TRP A 29 -40.57 -5.31 -20.45
N ALA A 30 -39.56 -4.71 -19.83
CA ALA A 30 -38.27 -5.38 -19.70
C ALA A 30 -37.55 -5.08 -18.39
N ASP A 31 -36.68 -5.99 -17.98
CA ASP A 31 -35.82 -5.76 -16.83
C ASP A 31 -34.38 -5.93 -17.31
N THR A 32 -33.40 -5.50 -16.50
CA THR A 32 -31.96 -5.60 -16.89
C THR A 32 -31.43 -7.03 -16.73
N GLU A 33 -30.44 -7.39 -17.54
CA GLU A 33 -29.99 -8.78 -17.56
C GLU A 33 -28.89 -9.10 -16.55
N ASP A 34 -28.35 -8.09 -15.88
CA ASP A 34 -27.56 -8.40 -14.71
C ASP A 34 -28.50 -8.57 -13.51
N ALA A 35 -29.59 -7.81 -13.51
CA ALA A 35 -30.44 -7.67 -12.32
C ALA A 35 -31.50 -8.74 -12.07
N GLN A 36 -31.89 -9.51 -13.07
CA GLN A 36 -32.96 -10.50 -12.89
C GLN A 36 -32.55 -11.52 -11.83
N GLY A 37 -31.24 -11.64 -11.64
CA GLY A 37 -30.71 -12.56 -10.67
C GLY A 37 -30.97 -12.05 -9.26
N LEU A 38 -30.88 -10.75 -9.06
CA LEU A 38 -31.03 -10.20 -7.72
C LEU A 38 -32.48 -10.02 -7.30
N ILE A 39 -33.32 -9.57 -8.23
CA ILE A 39 -34.72 -9.28 -7.91
C ILE A 39 -35.63 -9.42 -9.13
N ASN A 40 -36.86 -9.85 -8.88
CA ASN A 40 -37.84 -10.07 -9.93
C ASN A 40 -38.93 -9.02 -9.75
N MET A 41 -39.68 -8.71 -10.80
CA MET A 41 -40.74 -7.70 -10.68
C MET A 41 -42.15 -8.23 -10.96
N THR A 42 -43.15 -7.72 -10.22
CA THR A 42 -44.56 -7.99 -10.56
C THR A 42 -45.29 -6.72 -10.98
N LEU A 43 -46.17 -6.87 -11.97
CA LEU A 43 -46.89 -5.73 -12.51
C LEU A 43 -48.24 -5.55 -11.82
N LEU A 44 -48.59 -4.30 -11.59
CA LEU A 44 -49.85 -3.93 -10.95
C LEU A 44 -50.74 -3.24 -11.97
N TYR A 45 -51.98 -3.70 -12.08
CA TYR A 45 -52.96 -3.06 -12.95
C TYR A 45 -53.98 -2.32 -12.09
N HIS A 46 -54.13 -1.01 -12.24
CA HIS A 46 -55.07 -0.28 -11.36
C HIS A 46 -56.38 0.23 -12.00
N GLN A 47 -57.50 -0.38 -11.60
CA GLN A 47 -58.85 0.00 -12.02
C GLN A 47 -59.77 0.36 -10.84
N LEU A 48 -60.02 1.65 -10.60
CA LEU A 48 -60.80 2.07 -9.42
C LEU A 48 -60.22 1.45 -8.11
N ASP A 49 -60.86 0.45 -7.48
CA ASP A 49 -60.29 -0.10 -6.21
C ASP A 49 -59.45 -1.42 -6.15
N LYS A 50 -59.27 -2.08 -7.30
CA LYS A 50 -58.82 -3.48 -7.39
C LYS A 50 -57.48 -4.08 -6.87
N ILE A 51 -56.40 -3.31 -6.74
CA ILE A 51 -55.05 -3.90 -6.71
C ILE A 51 -54.81 -4.73 -8.00
N GLN A 52 -54.88 -6.07 -7.96
CA GLN A 52 -54.69 -6.94 -9.16
C GLN A 52 -53.29 -7.04 -9.84
N SER A 53 -52.44 -7.91 -9.28
CA SER A 53 -51.16 -8.30 -9.89
C SER A 53 -51.28 -9.02 -11.24
N VAL A 54 -50.56 -8.51 -12.25
CA VAL A 54 -50.61 -9.05 -13.61
C VAL A 54 -49.75 -10.27 -13.80
N SER A 55 -50.32 -11.35 -14.31
CA SER A 55 -49.52 -12.50 -14.65
C SER A 55 -48.74 -12.19 -15.92
N CYS A 56 -47.42 -12.28 -15.79
CA CYS A 56 -46.48 -11.89 -16.84
C CYS A 56 -45.75 -13.08 -17.42
N GLU A 57 -45.39 -12.96 -18.69
CA GLU A 57 -44.50 -13.91 -19.35
C GLU A 57 -43.45 -13.13 -20.13
N LEU A 58 -42.45 -13.82 -20.66
CA LEU A 58 -41.33 -13.14 -21.31
C LEU A 58 -41.13 -13.50 -22.77
N SER A 59 -41.31 -12.50 -23.64
CA SER A 59 -41.06 -12.63 -25.07
C SER A 59 -39.56 -12.73 -25.31
N GLU A 60 -39.14 -12.83 -26.57
CA GLU A 60 -37.72 -12.71 -26.88
C GLU A 60 -37.34 -11.29 -27.28
N LYS A 61 -38.31 -10.42 -27.46
CA LYS A 61 -38.03 -9.03 -27.81
C LYS A 61 -39.15 -8.10 -27.33
N LEU A 62 -38.79 -6.88 -26.94
CA LEU A 62 -39.80 -5.89 -26.56
C LEU A 62 -40.71 -5.69 -27.74
N MET A 63 -42.00 -5.86 -27.50
CA MET A 63 -42.97 -5.68 -28.55
C MET A 63 -43.05 -4.21 -28.95
N TRP A 64 -43.35 -3.33 -28.00
CA TRP A 64 -43.54 -1.92 -28.32
C TRP A 64 -42.44 -0.91 -28.01
N SER A 65 -41.30 -1.36 -27.49
CA SER A 65 -40.27 -0.39 -27.14
C SER A 65 -38.85 -0.84 -27.40
N GLU A 66 -37.91 0.05 -27.11
CA GLU A 66 -36.49 -0.25 -27.21
C GLU A 66 -35.85 -0.06 -25.85
N CYS A 67 -35.14 -1.09 -25.39
CA CYS A 67 -34.40 -0.99 -24.12
C CYS A 67 -33.33 0.07 -24.28
N PRO A 68 -32.97 0.76 -23.18
CA PRO A 68 -31.81 1.66 -23.29
C PRO A 68 -30.55 0.91 -23.71
N SER A 69 -29.89 1.37 -24.77
CA SER A 69 -28.86 0.59 -25.45
C SER A 69 -27.63 0.29 -24.59
N SER A 70 -27.46 1.05 -23.50
CA SER A 70 -26.35 0.83 -22.57
C SER A 70 -26.48 -0.57 -21.96
N HIS A 71 -27.62 -0.80 -21.33
CA HIS A 71 -28.04 -2.14 -20.93
C HIS A 71 -28.42 -2.90 -22.19
N ARG A 72 -28.54 -4.22 -22.07
CA ARG A 72 -29.34 -4.98 -23.00
C ARG A 72 -30.51 -5.51 -22.14
N CYS A 73 -31.67 -5.79 -22.72
CA CYS A 73 -32.86 -5.97 -21.87
C CYS A 73 -33.39 -7.41 -21.72
N VAL A 74 -34.36 -7.60 -20.86
CA VAL A 74 -35.04 -8.89 -20.76
C VAL A 74 -36.53 -8.75 -21.04
N PRO A 75 -37.02 -9.37 -22.13
CA PRO A 75 -38.37 -9.07 -22.64
C PRO A 75 -39.48 -9.64 -21.76
N ARG A 76 -40.63 -8.96 -21.72
CA ARG A 76 -41.82 -9.49 -21.04
C ARG A 76 -43.12 -9.22 -21.85
N ARG A 77 -43.97 -10.23 -21.95
CA ARG A 77 -45.25 -10.14 -22.63
C ARG A 77 -46.38 -10.53 -21.69
N CYS A 78 -47.26 -9.58 -21.40
CA CYS A 78 -48.36 -9.81 -20.48
C CYS A 78 -49.72 -9.51 -21.08
N VAL A 79 -50.70 -10.38 -20.87
CA VAL A 79 -52.09 -10.11 -21.30
C VAL A 79 -53.07 -10.02 -20.12
N ILE A 80 -53.77 -8.90 -20.02
CA ILE A 80 -54.80 -8.77 -18.99
C ILE A 80 -56.18 -8.90 -19.59
N PRO A 81 -56.88 -10.00 -19.30
CA PRO A 81 -58.23 -10.15 -19.84
C PRO A 81 -59.18 -9.13 -19.23
N TYR A 82 -59.87 -8.39 -20.07
CA TYR A 82 -60.77 -7.35 -19.59
C TYR A 82 -62.11 -7.55 -20.26
N THR A 83 -63.09 -8.08 -19.54
CA THR A 83 -64.33 -8.47 -20.20
C THR A 83 -65.05 -7.22 -20.65
N ARG A 84 -64.88 -6.16 -19.87
CA ARG A 84 -65.52 -4.87 -20.10
C ARG A 84 -64.62 -3.67 -19.82
N PHE A 85 -64.49 -2.84 -20.84
CA PHE A 85 -63.92 -1.54 -20.73
C PHE A 85 -65.07 -0.60 -20.55
N SER A 86 -64.71 0.66 -20.69
CA SER A 86 -65.69 1.68 -20.80
C SER A 86 -64.99 2.88 -21.42
N ASN A 87 -65.67 4.00 -21.46
CA ASN A 87 -65.00 5.23 -21.76
C ASN A 87 -64.42 5.81 -20.46
N GLY A 88 -64.95 5.33 -19.34
CA GLY A 88 -64.59 5.88 -18.03
C GLY A 88 -63.69 4.99 -17.22
N ASP A 89 -63.48 3.78 -17.72
CA ASP A 89 -62.51 2.89 -17.13
C ASP A 89 -61.17 3.60 -17.06
N ASN A 90 -60.48 3.38 -15.97
CA ASN A 90 -59.30 4.16 -15.71
C ASN A 90 -58.11 3.31 -15.34
N ASP A 91 -57.07 3.38 -16.17
CA ASP A 91 -55.96 2.44 -16.10
C ASP A 91 -54.64 3.05 -15.61
N TYR A 92 -54.05 2.40 -14.61
CA TYR A 92 -52.71 2.73 -14.12
C TYR A 92 -51.89 1.48 -13.87
N TYR A 93 -50.73 1.41 -14.50
CA TYR A 93 -49.90 0.24 -14.37
C TYR A 93 -48.68 0.64 -13.54
N SER A 94 -48.47 -0.03 -12.41
CA SER A 94 -47.33 0.31 -11.60
C SER A 94 -46.52 -0.95 -11.35
N PHE A 95 -45.25 -0.74 -11.04
CA PHE A 95 -44.32 -1.82 -10.74
C PHE A 95 -43.98 -1.91 -9.26
N GLN A 96 -43.88 -3.11 -8.72
CA GLN A 96 -43.33 -3.27 -7.39
C GLN A 96 -42.64 -4.62 -7.24
N PRO A 97 -41.66 -4.70 -6.31
CA PRO A 97 -40.86 -5.92 -6.15
C PRO A 97 -41.61 -7.02 -5.39
N ASP A 98 -41.34 -8.27 -5.76
CA ASP A 98 -42.08 -9.44 -5.26
C ASP A 98 -41.77 -9.81 -3.82
N ARG A 99 -40.82 -9.10 -3.22
CA ARG A 99 -40.44 -9.35 -1.85
C ARG A 99 -40.25 -8.01 -1.17
N ASP A 100 -40.76 -7.83 0.05
CA ASP A 100 -40.94 -6.47 0.53
C ASP A 100 -39.65 -6.00 1.16
N LEU A 101 -38.96 -5.14 0.43
CA LEU A 101 -37.63 -4.82 0.86
C LEU A 101 -37.54 -3.34 1.08
N GLY A 102 -36.62 -2.97 1.95
CA GLY A 102 -36.47 -1.61 2.41
C GLY A 102 -35.92 -1.79 3.80
N ILE A 103 -35.59 -0.69 4.44
CA ILE A 103 -34.89 -0.74 5.71
C ILE A 103 -35.44 0.43 6.54
N GLN A 104 -35.42 0.31 7.87
CA GLN A 104 -36.01 1.35 8.74
C GLN A 104 -35.21 1.50 10.01
N LEU A 105 -34.92 2.74 10.41
CA LEU A 105 -34.08 2.97 11.58
C LEU A 105 -34.68 3.97 12.58
N MET A 106 -34.61 3.64 13.87
CA MET A 106 -35.05 4.56 14.92
C MET A 106 -33.84 5.41 15.32
N VAL A 107 -33.98 6.72 15.37
CA VAL A 107 -32.81 7.56 15.67
C VAL A 107 -33.12 8.60 16.73
N PRO A 108 -32.91 8.21 17.99
CA PRO A 108 -33.15 9.14 19.10
C PRO A 108 -32.20 10.29 18.89
N LEU A 109 -32.66 11.52 18.91
CA LEU A 109 -31.77 12.57 18.42
C LEU A 109 -30.62 12.78 19.36
N ALA A 110 -30.86 12.66 20.66
CA ALA A 110 -29.80 12.81 21.65
C ALA A 110 -28.59 11.95 21.31
N GLN A 111 -28.77 10.64 21.19
CA GLN A 111 -27.59 9.83 21.09
C GLN A 111 -27.04 9.74 19.67
N HIS A 112 -27.66 10.42 18.73
CA HIS A 112 -27.07 10.46 17.39
C HIS A 112 -26.44 11.77 16.92
N VAL A 113 -26.22 12.72 17.81
CA VAL A 113 -25.58 13.98 17.39
C VAL A 113 -24.07 13.91 17.01
N GLN A 114 -23.80 14.30 15.76
CA GLN A 114 -22.48 14.59 15.23
C GLN A 114 -22.40 16.08 14.92
N PRO A 115 -21.68 16.81 15.77
CA PRO A 115 -21.62 18.27 15.79
C PRO A 115 -21.02 18.77 14.51
N PRO A 116 -21.18 20.06 14.24
CA PRO A 116 -20.56 20.61 13.04
C PRO A 116 -19.03 20.71 13.20
N PRO A 117 -18.28 20.45 12.12
CA PRO A 117 -16.83 20.63 12.13
C PRO A 117 -16.45 22.07 12.38
N PRO A 118 -15.20 22.32 12.84
CA PRO A 118 -14.55 23.63 12.85
C PRO A 118 -14.05 23.96 11.45
N LYS A 119 -14.02 25.25 11.15
CA LYS A 119 -13.58 25.73 9.86
C LYS A 119 -13.00 27.12 10.08
N ASP A 120 -12.59 27.79 9.00
CA ASP A 120 -11.85 29.04 9.12
C ASP A 120 -10.69 28.79 10.07
N ILE A 121 -9.71 28.03 9.61
CA ILE A 121 -8.67 27.57 10.50
C ILE A 121 -7.30 28.08 10.08
N HIS A 122 -6.72 28.90 10.97
CA HIS A 122 -5.52 29.67 10.65
C HIS A 122 -4.36 29.32 11.58
N ILE A 123 -3.17 29.21 11.01
CA ILE A 123 -1.97 28.98 11.82
C ILE A 123 -1.16 30.26 11.79
N SER A 124 -0.90 30.79 12.98
CA SER A 124 -0.06 31.98 13.10
C SER A 124 0.86 31.82 14.29
N PRO A 125 2.14 32.22 14.16
CA PRO A 125 2.96 32.44 15.37
C PRO A 125 2.64 33.79 16.00
N SER A 126 2.56 33.92 17.32
CA SER A 126 2.54 35.28 17.89
C SER A 126 3.89 35.67 18.52
N GLY A 127 4.82 34.72 18.57
CA GLY A 127 6.00 34.86 19.39
C GLY A 127 6.67 33.50 19.46
N ASP A 128 7.38 33.22 20.55
CA ASP A 128 7.92 31.87 20.77
C ASP A 128 6.84 30.78 20.65
N HIS A 129 5.62 31.14 21.04
CA HIS A 129 4.44 30.30 20.93
C HIS A 129 3.90 30.20 19.51
N PHE A 130 3.05 29.20 19.27
CA PHE A 130 2.33 29.03 18.01
C PHE A 130 0.80 29.08 18.22
N LEU A 131 0.11 29.88 17.42
CA LEU A 131 -1.31 30.13 17.64
C LEU A 131 -2.16 29.36 16.64
N LEU A 132 -2.86 28.36 17.15
CA LEU A 132 -3.77 27.60 16.31
C LEU A 132 -5.17 28.10 16.57
N GLU A 133 -5.81 28.60 15.52
CA GLU A 133 -7.17 29.06 15.65
C GLU A 133 -8.11 28.39 14.66
N TRP A 134 -9.38 28.38 15.04
CA TRP A 134 -10.46 27.77 14.30
C TRP A 134 -11.75 28.55 14.63
N SER A 135 -12.78 28.34 13.83
CA SER A 135 -14.11 28.85 14.14
C SER A 135 -15.16 27.75 13.96
N VAL A 136 -16.29 27.91 14.64
CA VAL A 136 -17.42 26.97 14.54
C VAL A 136 -18.74 27.71 14.40
N SER A 137 -19.60 27.23 13.50
CA SER A 137 -20.88 27.88 13.29
C SER A 137 -22.01 27.14 14.00
N LEU A 138 -22.53 27.73 15.07
CA LEU A 138 -23.70 27.19 15.73
C LEU A 138 -25.01 27.90 15.36
N GLY A 139 -24.92 28.89 14.47
CA GLY A 139 -26.08 29.71 14.12
C GLY A 139 -26.69 30.44 15.30
N ASP A 140 -28.01 30.36 15.40
CA ASP A 140 -28.75 30.93 16.53
C ASP A 140 -30.08 30.19 16.62
N SER A 141 -30.76 30.18 17.78
CA SER A 141 -30.47 30.96 18.98
C SER A 141 -29.19 30.60 19.73
N GLN A 142 -28.72 31.53 20.56
CA GLN A 142 -27.62 31.30 21.49
C GLN A 142 -27.91 30.10 22.38
N VAL A 143 -29.18 29.99 22.81
CA VAL A 143 -29.61 28.72 23.36
C VAL A 143 -30.43 28.00 22.30
N SER A 144 -29.77 27.11 21.55
CA SER A 144 -30.47 26.06 20.83
C SER A 144 -29.70 24.76 20.94
N TRP A 145 -30.13 23.93 21.89
CA TRP A 145 -29.73 22.54 21.99
C TRP A 145 -28.25 22.25 22.27
N LEU A 146 -27.36 23.18 21.94
CA LEU A 146 -25.97 23.10 22.41
C LEU A 146 -25.30 24.47 22.29
N SER A 147 -24.20 24.63 23.04
CA SER A 147 -23.57 25.92 23.30
C SER A 147 -22.08 25.66 23.59
N SER A 148 -21.41 26.64 24.20
CA SER A 148 -20.03 26.48 24.66
C SER A 148 -19.84 25.15 25.42
N LYS A 149 -20.82 24.80 26.24
CA LYS A 149 -21.06 23.43 26.66
C LYS A 149 -22.18 22.96 25.75
N ASP A 150 -22.21 21.71 25.31
CA ASP A 150 -21.40 20.59 25.75
C ASP A 150 -20.20 20.35 24.84
N ILE A 151 -20.01 21.29 23.91
CA ILE A 151 -18.94 21.22 22.91
C ILE A 151 -17.51 21.27 23.50
N GLU A 152 -16.59 20.54 22.86
CA GLU A 152 -15.17 20.68 23.16
C GLU A 152 -14.37 20.34 21.89
N PHE A 153 -13.05 20.52 21.92
CA PHE A 153 -12.28 20.39 20.68
C PHE A 153 -11.12 19.44 20.77
N GLU A 154 -10.76 18.84 19.65
CA GLU A 154 -9.62 17.94 19.62
C GLU A 154 -8.78 18.29 18.43
N VAL A 155 -7.51 18.59 18.72
CA VAL A 155 -6.54 18.96 17.70
C VAL A 155 -5.44 17.93 17.63
N ALA A 156 -5.09 17.56 16.42
CA ALA A 156 -4.07 16.59 16.22
C ALA A 156 -2.97 17.23 15.44
N TYR A 157 -1.75 17.09 15.93
CA TYR A 157 -0.61 17.54 15.19
C TYR A 157 0.34 16.41 14.94
N LYS A 158 1.02 16.48 13.82
CA LYS A 158 2.01 15.51 13.45
C LYS A 158 2.92 16.15 12.43
N ARG A 159 4.07 15.54 12.20
CA ARG A 159 4.95 16.01 11.17
C ARG A 159 4.59 15.22 9.91
N LEU A 160 4.76 15.85 8.76
CA LEU A 160 4.31 15.30 7.48
C LEU A 160 4.62 13.85 7.21
N GLN A 161 5.78 13.38 7.62
CA GLN A 161 6.16 12.03 7.24
C GLN A 161 5.37 11.05 8.10
N ASP A 162 4.86 11.52 9.24
CA ASP A 162 4.05 10.65 10.06
C ASP A 162 2.68 10.40 9.44
N SER A 163 2.12 9.23 9.68
CA SER A 163 0.69 9.05 9.47
C SER A 163 -0.07 9.63 10.65
N TRP A 164 -1.33 9.96 10.40
CA TRP A 164 -2.17 10.51 11.43
C TRP A 164 -2.44 9.47 12.50
N GLU A 165 -2.42 8.19 12.12
CA GLU A 165 -2.86 7.11 12.99
C GLU A 165 -2.22 7.27 14.37
N ASP A 166 -0.91 7.49 14.38
CA ASP A 166 -0.24 7.83 15.63
C ASP A 166 0.17 9.29 15.63
N ALA A 167 -0.53 10.08 16.42
CA ALA A 167 -0.24 11.50 16.53
C ALA A 167 -0.76 12.04 17.85
N SER A 168 -0.18 13.13 18.32
CA SER A 168 -0.51 13.62 19.65
C SER A 168 -1.82 14.37 19.53
N SER A 169 -2.42 14.80 20.65
CA SER A 169 -3.76 15.41 20.61
C SER A 169 -4.01 16.34 21.79
N LEU A 170 -4.81 17.39 21.57
CA LEU A 170 -5.14 18.32 22.66
C LEU A 170 -6.64 18.50 22.81
N HIS A 171 -7.06 18.95 24.00
CA HIS A 171 -8.46 19.21 24.25
C HIS A 171 -8.67 20.55 24.90
N THR A 172 -9.31 21.49 24.21
CA THR A 172 -9.67 22.76 24.82
C THR A 172 -11.12 23.12 24.52
N SER A 173 -11.78 23.77 25.47
CA SER A 173 -13.08 24.36 25.24
C SER A 173 -12.92 25.70 24.53
N ASN A 174 -11.73 26.28 24.64
CA ASN A 174 -11.41 27.52 23.96
C ASN A 174 -11.38 27.30 22.44
N PHE A 175 -11.56 28.39 21.69
CA PHE A 175 -11.66 28.31 20.24
C PHE A 175 -10.32 28.48 19.53
N GLN A 176 -9.26 28.57 20.32
CA GLN A 176 -7.89 28.60 19.84
C GLN A 176 -6.98 27.96 20.88
N VAL A 177 -5.92 27.31 20.44
CA VAL A 177 -4.96 26.79 21.40
C VAL A 177 -3.56 27.27 21.09
N ASN A 178 -2.82 27.58 22.15
CA ASN A 178 -1.44 28.02 22.07
C ASN A 178 -0.47 26.84 22.06
N LEU A 179 0.32 26.76 20.99
CA LEU A 179 1.32 25.71 20.87
C LEU A 179 2.72 26.24 21.08
N GLU A 180 3.44 25.60 21.98
CA GLU A 180 4.79 26.02 22.35
C GLU A 180 5.71 24.88 21.99
N PRO A 181 7.01 25.15 21.82
CA PRO A 181 7.89 24.04 21.45
C PRO A 181 8.14 23.13 22.64
N LYS A 182 8.95 22.09 22.41
CA LYS A 182 9.13 20.94 23.31
C LYS A 182 8.00 19.99 23.01
N LEU A 183 7.04 20.50 22.25
CA LEU A 183 6.00 19.71 21.66
C LEU A 183 6.43 19.41 20.25
N PHE A 184 7.56 19.96 19.85
CA PHE A 184 7.95 19.82 18.45
C PHE A 184 9.44 19.49 18.22
N LEU A 185 9.69 18.75 17.14
CA LEU A 185 11.03 18.44 16.75
C LEU A 185 11.43 19.56 15.81
N PRO A 186 12.57 20.18 16.11
CA PRO A 186 12.89 21.50 15.58
C PRO A 186 12.86 21.71 14.09
N ASN A 187 13.53 20.90 13.31
CA ASN A 187 13.76 21.39 11.96
C ASN A 187 12.79 20.85 10.90
N SER A 188 11.64 20.38 11.36
CA SER A 188 10.65 19.70 10.50
C SER A 188 9.31 20.46 10.26
N ILE A 189 8.61 20.06 9.18
CA ILE A 189 7.24 20.53 8.89
C ILE A 189 6.11 19.83 9.64
N TYR A 190 5.30 20.58 10.36
CA TYR A 190 4.19 20.00 11.11
C TYR A 190 2.82 20.32 10.52
N ALA A 191 1.85 19.44 10.78
CA ALA A 191 0.48 19.63 10.31
C ALA A 191 -0.50 19.57 11.49
N ALA A 192 -1.48 20.46 11.51
CA ALA A 192 -2.52 20.40 12.55
C ALA A 192 -3.96 20.35 11.99
N ARG A 193 -4.86 19.60 12.66
CA ARG A 193 -6.30 19.73 12.40
C ARG A 193 -7.21 19.44 13.57
N VAL A 194 -8.26 20.25 13.61
CA VAL A 194 -9.32 20.22 14.61
C VAL A 194 -10.63 19.52 14.25
N ARG A 195 -11.21 18.89 15.26
CA ARG A 195 -12.55 18.36 15.14
C ARG A 195 -13.29 18.61 16.42
N THR A 196 -14.60 18.69 16.30
CA THR A 196 -15.44 19.09 17.41
C THR A 196 -15.98 17.86 18.11
N ARG A 197 -15.78 17.81 19.41
CA ARG A 197 -16.12 16.61 20.13
C ARG A 197 -17.20 16.88 21.15
N LEU A 198 -17.96 15.86 21.54
CA LEU A 198 -18.97 16.09 22.55
C LEU A 198 -18.36 15.99 23.92
N SER A 199 -18.82 16.80 24.86
CA SER A 199 -18.35 16.73 26.24
C SER A 199 -18.44 15.29 26.71
N ALA A 200 -17.34 14.77 27.24
CA ALA A 200 -17.38 13.50 27.94
C ALA A 200 -18.38 13.69 29.09
N GLY A 201 -18.41 14.93 29.58
CA GLY A 201 -19.20 15.34 30.71
C GLY A 201 -20.61 15.80 30.36
N SER A 202 -21.15 15.28 29.26
CA SER A 202 -22.54 15.58 28.96
C SER A 202 -23.40 14.38 28.56
N SER A 203 -24.70 14.63 28.60
CA SER A 203 -25.72 13.65 28.24
C SER A 203 -25.65 13.16 26.79
N LEU A 204 -25.28 14.07 25.89
CA LEU A 204 -25.39 13.84 24.45
C LEU A 204 -24.34 12.89 23.89
N SER A 205 -24.80 11.94 23.07
CA SER A 205 -23.93 10.90 22.53
C SER A 205 -23.77 11.00 21.03
N GLY A 206 -22.65 10.51 20.49
CA GLY A 206 -22.54 10.39 19.06
C GLY A 206 -21.16 10.61 18.47
N ARG A 207 -21.12 10.64 17.15
CA ARG A 207 -19.86 10.76 16.45
C ARG A 207 -19.27 12.13 16.65
N PRO A 208 -17.94 12.21 16.83
CA PRO A 208 -17.18 13.46 16.69
C PRO A 208 -17.38 14.09 15.34
N SER A 209 -17.06 15.38 15.27
CA SER A 209 -17.25 16.16 14.06
C SER A 209 -16.31 15.71 12.95
N ARG A 210 -16.59 16.09 11.72
CA ARG A 210 -15.69 15.80 10.62
C ARG A 210 -14.32 16.39 10.93
N TRP A 211 -13.20 15.71 10.59
CA TRP A 211 -11.85 16.30 10.71
C TRP A 211 -11.72 17.58 9.93
N SER A 212 -11.25 18.66 10.55
CA SER A 212 -11.02 19.94 9.84
C SER A 212 -10.01 19.79 8.69
N PRO A 213 -9.92 20.80 7.80
CA PRO A 213 -8.84 20.72 6.81
C PRO A 213 -7.49 20.97 7.46
N GLU A 214 -6.44 20.41 6.88
CA GLU A 214 -5.14 20.44 7.51
C GLU A 214 -4.57 21.82 7.43
N VAL A 215 -3.63 22.11 8.33
CA VAL A 215 -2.86 23.31 8.21
C VAL A 215 -1.39 22.93 8.44
N HIS A 216 -0.49 23.50 7.61
CA HIS A 216 0.94 23.18 7.65
C HIS A 216 1.79 24.36 8.11
N TRP A 217 2.85 24.07 8.87
CA TRP A 217 3.82 25.08 9.30
C TRP A 217 5.18 24.47 9.74
N ASP A 218 6.24 25.28 9.72
CA ASP A 218 7.60 24.81 10.09
C ASP A 218 7.92 25.14 11.53
N SER A 219 8.37 24.12 12.25
CA SER A 219 8.72 24.24 13.65
C SER A 219 9.92 25.14 13.86
N GLN A 220 10.04 25.65 15.08
CA GLN A 220 11.17 26.48 15.47
C GLN A 220 12.50 25.88 15.06
N PRO A 221 13.46 26.72 14.67
CA PRO A 221 14.72 26.20 14.14
C PRO A 221 15.55 25.56 15.25
N GLY A 222 16.54 24.74 14.87
CA GLY A 222 17.30 24.00 15.85
C GLY A 222 18.75 23.77 15.47
N ASP A 223 19.53 23.22 16.41
CA ASP A 223 20.98 23.12 16.27
C ASP A 223 21.48 22.37 15.05
N LYS A 224 20.79 21.32 14.63
CA LYS A 224 21.01 20.70 13.32
C LYS A 224 22.25 19.83 13.23
N ALA A 225 23.22 20.12 14.07
CA ALA A 225 24.43 19.33 14.08
C ALA A 225 24.15 18.16 14.99
N GLN A 226 23.44 18.47 16.08
CA GLN A 226 23.07 17.53 17.15
C GLN A 226 22.04 16.52 16.68
N PRO A 227 22.15 15.27 17.15
CA PRO A 227 21.14 14.30 16.73
C PRO A 227 19.91 14.54 17.54
N GLN A 228 18.73 14.29 16.98
CA GLN A 228 17.53 14.37 17.81
C GLN A 228 16.58 13.20 17.63
N ASN A 229 15.51 13.27 18.43
CA ASN A 229 14.56 12.16 18.54
C ASN A 229 15.22 10.87 19.09
N LEU A 230 15.66 10.89 20.34
CA LEU A 230 16.21 9.67 20.89
C LEU A 230 15.09 8.92 21.52
N GLN A 231 14.75 7.80 20.91
CA GLN A 231 13.64 6.97 21.38
C GLN A 231 14.09 5.51 21.54
N CYS A 232 14.00 5.00 22.77
CA CYS A 232 14.46 3.64 23.05
C CYS A 232 13.31 2.92 23.77
N PHE A 233 12.98 1.71 23.31
CA PHE A 233 11.86 0.92 23.83
C PHE A 233 12.21 -0.55 24.09
N PHE A 234 11.55 -1.17 25.08
CA PHE A 234 11.95 -2.52 25.53
C PHE A 234 10.90 -3.60 25.25
N ASP A 235 11.32 -4.67 24.61
CA ASP A 235 10.38 -5.65 24.11
C ASP A 235 10.07 -6.69 25.13
N GLY A 236 10.46 -6.46 26.37
CA GLY A 236 10.04 -7.36 27.45
C GLY A 236 10.73 -8.71 27.40
N ILE A 237 11.40 -8.99 26.29
CA ILE A 237 12.31 -10.12 26.26
C ILE A 237 13.69 -9.71 25.73
N GLN A 238 14.64 -9.54 26.65
CA GLN A 238 16.08 -9.45 26.33
C GLN A 238 16.48 -8.63 25.06
N SER A 239 15.73 -7.60 24.69
CA SER A 239 16.18 -6.67 23.64
C SER A 239 15.65 -5.25 23.80
N LEU A 240 16.48 -4.26 23.56
CA LEU A 240 16.02 -2.90 23.65
C LEU A 240 16.32 -2.22 22.32
N HIS A 241 15.33 -1.52 21.77
CA HIS A 241 15.47 -0.89 20.45
C HIS A 241 15.42 0.62 20.56
N CYS A 242 16.53 1.24 20.20
CA CYS A 242 16.63 2.68 20.26
C CYS A 242 16.64 3.19 18.81
N SER A 243 16.01 4.34 18.58
CA SER A 243 16.07 5.00 17.28
C SER A 243 16.42 6.46 17.46
N TRP A 244 17.08 7.06 16.47
CA TRP A 244 17.37 8.49 16.53
C TRP A 244 17.41 9.10 15.14
N GLU A 245 17.41 10.42 15.11
CA GLU A 245 17.41 11.15 13.86
C GLU A 245 18.57 12.09 13.82
N VAL A 246 19.35 12.09 12.73
CA VAL A 246 20.21 13.23 12.47
C VAL A 246 19.86 13.94 11.13
N TRP A 247 20.00 15.26 11.14
CA TRP A 247 19.90 16.14 9.96
C TRP A 247 20.84 15.62 8.86
N THR A 248 20.35 15.43 7.65
CA THR A 248 21.05 14.62 6.66
C THR A 248 22.42 15.18 6.21
N GLN A 249 22.51 16.50 6.21
CA GLN A 249 23.64 17.18 5.61
C GLN A 249 24.83 17.07 6.55
N THR A 250 24.52 16.87 7.81
CA THR A 250 25.52 16.62 8.84
C THR A 250 26.34 15.32 8.60
N THR A 251 25.70 14.26 8.09
CA THR A 251 26.29 12.89 8.02
C THR A 251 27.58 12.75 7.20
N GLY A 252 27.92 13.80 6.44
CA GLY A 252 29.18 13.83 5.73
C GLY A 252 30.25 14.37 6.64
N SER A 253 29.82 15.23 7.57
CA SER A 253 30.74 15.81 8.55
C SER A 253 31.03 14.95 9.79
N VAL A 254 30.01 14.29 10.33
CA VAL A 254 30.14 13.48 11.53
C VAL A 254 29.48 12.11 11.38
N SER A 255 30.05 11.11 12.04
CA SER A 255 29.45 9.77 12.08
C SER A 255 29.00 9.47 13.52
N PHE A 256 27.77 8.99 13.69
CA PHE A 256 27.26 8.70 15.02
C PHE A 256 27.00 7.21 15.28
N GLY A 257 27.03 6.87 16.55
CA GLY A 257 26.84 5.53 17.00
C GLY A 257 26.17 5.66 18.34
N LEU A 258 25.75 4.51 18.86
CA LEU A 258 24.87 4.52 20.00
C LEU A 258 25.47 3.65 21.07
N PHE A 259 25.70 4.26 22.22
CA PHE A 259 26.35 3.58 23.33
C PHE A 259 25.39 3.44 24.49
N TYR A 260 25.45 2.29 25.14
CA TYR A 260 24.61 2.01 26.29
C TYR A 260 25.39 1.53 27.49
N ARG A 261 24.97 1.92 28.69
CA ARG A 261 25.37 1.15 29.85
C ARG A 261 24.16 0.79 30.72
N PRO A 262 24.07 -0.50 31.10
CA PRO A 262 23.09 -0.92 32.09
C PRO A 262 23.54 -0.34 33.39
N SER A 263 22.68 0.39 34.08
CA SER A 263 23.08 1.10 35.32
C SER A 263 24.12 2.17 35.04
N PRO A 264 24.15 3.21 35.88
CA PRO A 264 25.16 4.24 35.67
C PRO A 264 26.49 3.88 36.33
N ALA A 265 26.93 2.66 36.08
CA ALA A 265 28.16 2.14 36.66
C ALA A 265 28.92 1.42 35.57
N ALA A 266 28.26 0.45 34.96
CA ALA A 266 28.86 -0.49 34.02
C ALA A 266 29.66 0.16 32.92
N PRO A 267 30.66 -0.56 32.41
CA PRO A 267 31.43 0.05 31.33
C PRO A 267 30.50 0.36 30.19
N GLU A 268 30.70 1.52 29.58
CA GLU A 268 29.95 1.91 28.43
C GLU A 268 30.14 0.83 27.38
N GLU A 269 29.08 0.55 26.64
CA GLU A 269 29.11 -0.54 25.68
C GLU A 269 28.52 -0.05 24.37
N LYS A 270 29.06 -0.54 23.26
CA LYS A 270 28.72 0.01 21.96
C LYS A 270 27.72 -0.86 21.25
N CYS A 271 26.67 -0.24 20.71
CA CYS A 271 25.66 -1.02 20.02
C CYS A 271 26.01 -1.23 18.56
N SER A 272 25.76 -2.43 18.09
CA SER A 272 25.86 -2.72 16.68
C SER A 272 24.80 -3.77 16.34
N PRO A 273 24.27 -3.72 15.12
CA PRO A 273 24.69 -2.70 14.17
C PRO A 273 23.80 -1.46 14.25
N VAL A 274 24.21 -0.45 13.49
CA VAL A 274 23.40 0.72 13.33
C VAL A 274 22.87 0.66 11.93
N VAL A 275 21.57 0.89 11.76
CA VAL A 275 21.00 0.79 10.43
C VAL A 275 20.53 2.14 9.87
N LYS A 276 20.87 2.31 8.59
CA LYS A 276 20.64 3.56 7.88
C LYS A 276 19.30 3.51 7.09
N GLU A 277 18.31 4.27 7.54
CA GLU A 277 17.07 4.35 6.80
C GLU A 277 17.33 5.27 5.63
N PRO A 278 16.76 4.97 4.46
CA PRO A 278 17.45 5.20 3.19
C PRO A 278 18.18 6.56 3.04
N GLN A 279 17.67 7.76 3.34
CA GLN A 279 16.28 8.19 3.20
C GLN A 279 16.35 9.54 2.46
N ALA A 280 15.28 9.88 1.72
CA ALA A 280 15.27 11.10 0.90
C ALA A 280 14.87 12.31 1.72
N SER A 281 14.39 12.07 2.93
CA SER A 281 13.93 13.13 3.80
C SER A 281 15.08 14.04 4.23
N VAL A 282 14.73 15.19 4.78
CA VAL A 282 15.70 16.15 5.28
C VAL A 282 16.36 15.66 6.56
N TYR A 283 15.63 14.87 7.35
CA TYR A 283 16.21 14.12 8.46
C TYR A 283 16.47 12.69 8.01
N THR A 284 17.54 12.10 8.56
CA THR A 284 17.83 10.69 8.30
C THR A 284 17.74 9.85 9.59
N ARG A 285 17.01 8.75 9.53
CA ARG A 285 16.68 8.06 10.76
C ARG A 285 17.61 6.86 10.95
N TYR A 286 17.96 6.62 12.20
CA TYR A 286 18.89 5.57 12.56
C TYR A 286 18.31 4.73 13.68
N ARG A 287 18.58 3.43 13.62
CA ARG A 287 18.07 2.52 14.63
C ARG A 287 19.13 1.47 14.96
N CYS A 288 19.20 1.12 16.24
CA CYS A 288 20.09 0.07 16.68
C CYS A 288 19.40 -0.69 17.82
N SER A 289 19.53 -2.01 17.80
CA SER A 289 18.96 -2.88 18.84
C SER A 289 20.09 -3.53 19.60
N LEU A 290 20.07 -3.33 20.92
CA LEU A 290 21.06 -3.86 21.87
C LEU A 290 20.49 -4.93 22.79
N PRO A 291 21.15 -6.09 22.90
CA PRO A 291 20.71 -7.09 23.88
C PRO A 291 20.68 -6.57 25.33
N VAL A 292 19.67 -7.00 26.08
CA VAL A 292 19.54 -6.65 27.50
C VAL A 292 19.26 -7.95 28.23
N PRO A 293 20.34 -8.68 28.56
CA PRO A 293 20.29 -10.07 29.00
C PRO A 293 19.79 -10.27 30.42
N GLU A 294 19.85 -9.26 31.27
CA GLU A 294 19.47 -9.52 32.64
C GLU A 294 18.62 -8.40 33.20
N PRO A 295 17.41 -8.21 32.63
CA PRO A 295 16.63 -7.07 33.09
C PRO A 295 16.38 -7.17 34.55
N SER A 296 16.83 -6.15 35.27
CA SER A 296 16.70 -6.17 36.70
C SER A 296 15.25 -5.79 36.94
N ALA A 297 14.84 -5.78 38.19
CA ALA A 297 13.50 -5.36 38.51
C ALA A 297 13.30 -3.92 38.05
N HIS A 298 14.15 -3.06 38.59
CA HIS A 298 14.12 -1.61 38.40
C HIS A 298 15.07 -1.07 37.30
N SER A 299 15.64 -1.96 36.49
CA SER A 299 16.80 -1.64 35.65
C SER A 299 16.64 -0.35 34.86
N GLN A 300 17.60 0.57 35.03
CA GLN A 300 17.64 1.78 34.23
C GLN A 300 18.81 1.70 33.28
N TYR A 301 18.54 1.46 32.02
CA TYR A 301 19.62 1.55 31.06
C TYR A 301 19.86 3.02 30.77
N THR A 302 21.09 3.38 30.47
CA THR A 302 21.39 4.77 30.18
C THR A 302 21.98 4.78 28.77
N VAL A 303 21.26 5.41 27.85
CA VAL A 303 21.67 5.39 26.45
C VAL A 303 21.99 6.74 25.85
N SER A 304 23.14 6.84 25.18
CA SER A 304 23.57 8.09 24.57
C SER A 304 24.07 7.92 23.12
N VAL A 305 23.92 8.99 22.36
CA VAL A 305 24.40 9.04 21.00
C VAL A 305 25.58 9.98 21.00
N LYS A 306 26.77 9.42 20.74
CA LYS A 306 28.05 10.12 20.75
C LYS A 306 28.61 9.99 19.36
N HIS A 307 29.53 10.86 18.99
CA HIS A 307 30.08 10.79 17.63
C HIS A 307 31.15 9.73 17.54
N LEU A 308 31.15 9.00 16.45
CA LEU A 308 32.13 7.94 16.32
C LEU A 308 33.52 8.54 16.12
N GLU A 309 34.56 7.72 16.08
CA GLU A 309 35.89 8.32 15.97
C GLU A 309 36.41 8.23 14.57
N GLN A 310 37.08 9.28 14.16
CA GLN A 310 37.53 9.37 12.80
C GLN A 310 38.95 9.92 12.72
N GLY A 311 39.89 9.09 12.27
CA GLY A 311 41.31 9.44 12.31
C GLY A 311 42.25 8.51 11.55
N LYS A 312 43.52 8.87 11.48
CA LYS A 312 44.50 8.04 10.77
C LYS A 312 45.96 8.28 11.22
N PHE A 313 46.81 7.28 11.02
CA PHE A 313 48.21 7.46 11.32
C PHE A 313 48.89 8.01 10.07
N ILE A 314 49.56 9.16 10.21
CA ILE A 314 50.32 9.71 9.11
C ILE A 314 51.86 9.56 9.15
N MET A 315 52.42 9.36 10.33
CA MET A 315 53.87 9.21 10.54
C MET A 315 54.74 10.28 9.82
N SER A 316 55.92 9.87 9.36
CA SER A 316 56.64 10.42 8.20
C SER A 316 58.04 9.78 8.04
N TYR A 317 58.48 9.41 6.84
CA TYR A 317 57.66 8.83 5.74
C TYR A 317 56.85 9.70 4.80
N TYR A 318 56.58 10.94 5.20
CA TYR A 318 55.85 11.89 4.37
C TYR A 318 56.62 13.19 4.29
N HIS A 319 57.15 13.54 3.13
CA HIS A 319 57.99 14.73 3.10
C HIS A 319 57.92 15.59 1.88
N ILE A 320 57.98 16.91 2.07
CA ILE A 320 57.79 17.77 0.92
C ILE A 320 59.10 18.54 0.57
N GLN A 321 59.48 19.50 1.41
CA GLN A 321 60.50 20.58 1.23
C GLN A 321 60.44 21.38 -0.10
N MET A 322 61.55 22.00 -0.50
CA MET A 322 61.63 22.91 -1.68
C MET A 322 63.04 23.58 -1.78
N GLU A 323 63.50 23.95 -2.99
CA GLU A 323 64.90 24.46 -3.15
C GLU A 323 65.18 25.36 -4.38
N PRO A 324 66.00 26.44 -4.24
CA PRO A 324 66.46 27.31 -5.35
C PRO A 324 67.75 26.95 -6.12
N PRO A 325 67.78 26.97 -7.48
CA PRO A 325 69.07 27.14 -8.16
C PRO A 325 69.51 28.59 -8.30
N ILE A 326 70.83 28.85 -8.33
CA ILE A 326 71.33 30.14 -8.80
C ILE A 326 71.87 29.95 -10.21
N LEU A 327 71.52 30.90 -11.07
CA LEU A 327 71.68 30.79 -12.51
C LEU A 327 72.40 32.02 -12.99
N GLN A 328 73.63 31.82 -13.44
CA GLN A 328 74.55 32.92 -13.63
C GLN A 328 74.66 33.42 -15.07
N GLN A 329 73.92 32.80 -16.00
CA GLN A 329 74.09 33.15 -17.41
C GLN A 329 72.91 32.78 -18.33
N THR A 330 72.81 33.45 -19.49
CA THR A 330 72.05 32.89 -20.64
C THR A 330 72.83 32.95 -21.98
N ALA A 331 73.34 31.80 -22.38
CA ALA A 331 74.15 31.53 -23.58
C ALA A 331 75.25 32.54 -23.89
N ASN A 332 75.59 32.66 -25.17
CA ASN A 332 76.62 33.58 -25.70
C ASN A 332 77.85 33.74 -24.80
N ALA A 333 78.27 32.66 -24.14
CA ALA A 333 79.39 32.68 -23.17
C ALA A 333 79.51 31.30 -22.52
N ALA A 334 80.51 31.07 -21.69
CA ALA A 334 80.62 29.73 -21.10
C ALA A 334 79.83 29.65 -19.78
N SER A 335 78.71 28.94 -19.82
CA SER A 335 77.85 28.77 -18.65
C SER A 335 77.94 27.35 -18.16
N TYR A 336 78.64 27.17 -17.06
CA TYR A 336 78.90 25.83 -16.61
C TYR A 336 78.08 25.51 -15.36
N SER A 337 77.44 24.35 -15.44
CA SER A 337 76.62 23.74 -14.39
C SER A 337 75.44 24.56 -13.85
N LEU A 338 75.05 24.23 -12.61
CA LEU A 338 73.99 24.93 -11.86
C LEU A 338 74.09 24.55 -10.36
N HIS A 339 73.56 25.39 -9.47
CA HIS A 339 73.72 25.17 -8.02
C HIS A 339 72.42 25.39 -7.27
N TRP A 340 72.15 24.56 -6.27
CA TRP A 340 70.88 24.64 -5.53
C TRP A 340 71.11 24.98 -4.06
N GLU A 341 70.52 26.09 -3.62
CA GLU A 341 70.90 26.67 -2.34
C GLU A 341 70.35 25.97 -1.07
N THR A 342 69.04 25.76 -0.94
CA THR A 342 68.52 25.30 0.35
C THR A 342 67.37 24.28 0.29
N GLN A 343 67.40 23.17 1.04
CA GLN A 343 68.45 22.74 1.99
C GLN A 343 68.74 23.78 3.09
N LYS A 344 67.83 24.01 4.06
CA LYS A 344 66.75 23.11 4.53
C LYS A 344 67.33 21.73 4.76
N ILE A 345 68.58 21.70 5.17
CA ILE A 345 69.41 20.51 5.11
C ILE A 345 68.86 19.42 6.03
N PRO A 346 68.39 18.32 5.42
CA PRO A 346 67.83 17.11 6.06
C PRO A 346 68.78 16.29 6.95
N LYS A 347 69.97 15.99 6.41
CA LYS A 347 71.15 15.33 7.03
C LYS A 347 71.05 13.82 7.31
N TYR A 348 69.84 13.29 7.51
CA TYR A 348 69.65 11.86 7.79
C TYR A 348 69.58 11.01 6.51
N ILE A 349 68.95 11.57 5.48
CA ILE A 349 68.30 10.77 4.42
C ILE A 349 68.50 11.23 2.99
N ASP A 350 68.53 10.27 2.07
CA ASP A 350 68.87 10.50 0.66
C ASP A 350 67.78 11.22 -0.14
N HIS A 351 68.18 11.72 -1.31
CA HIS A 351 67.47 12.81 -1.95
C HIS A 351 66.94 12.56 -3.37
N THR A 352 67.81 12.13 -4.29
CA THR A 352 67.48 11.99 -5.72
C THR A 352 66.86 13.29 -6.28
N PHE A 353 67.71 14.30 -6.40
CA PHE A 353 67.36 15.59 -7.01
C PHE A 353 67.02 15.45 -8.49
N GLN A 354 66.19 16.36 -8.97
CA GLN A 354 65.75 16.30 -10.36
C GLN A 354 65.87 17.65 -11.02
N VAL A 355 66.36 17.65 -12.26
CA VAL A 355 66.56 18.87 -13.02
C VAL A 355 65.84 18.77 -14.37
N GLN A 356 65.61 19.92 -15.01
CA GLN A 356 64.93 20.01 -16.31
C GLN A 356 65.54 21.18 -17.11
N TYR A 357 65.49 21.18 -18.45
CA TYR A 357 65.90 22.39 -19.19
C TYR A 357 65.31 22.68 -20.60
N LYS A 358 65.94 23.61 -21.31
CA LYS A 358 65.49 24.26 -22.56
C LYS A 358 64.26 25.17 -22.40
N LYS A 359 63.27 25.08 -23.30
CA LYS A 359 62.16 26.06 -23.37
C LYS A 359 60.78 25.45 -23.10
N SER A 367 59.00 20.50 -21.14
CA SER A 367 59.10 19.04 -21.05
C SER A 367 60.42 18.41 -21.61
N LYS A 368 61.57 18.77 -21.04
CA LYS A 368 62.86 18.06 -21.26
C LYS A 368 63.71 17.84 -19.97
N THR A 369 63.87 16.60 -19.50
CA THR A 369 64.46 16.36 -18.14
C THR A 369 65.49 15.21 -18.00
N GLU A 370 66.19 15.16 -16.85
CA GLU A 370 67.10 14.05 -16.54
C GLU A 370 67.21 13.75 -15.02
N ASN A 371 67.32 12.45 -14.67
CA ASN A 371 67.42 11.99 -13.29
C ASN A 371 68.83 12.07 -12.70
N LEU A 372 68.91 12.37 -11.41
CA LEU A 372 70.20 12.63 -10.78
C LEU A 372 70.31 12.01 -9.39
N GLY A 373 71.52 12.00 -8.82
CA GLY A 373 71.71 11.45 -7.49
C GLY A 373 71.54 12.53 -6.45
N ARG A 374 72.02 12.30 -5.23
CA ARG A 374 71.96 13.39 -4.27
C ARG A 374 73.27 14.13 -4.39
N VAL A 375 73.23 15.25 -5.09
CA VAL A 375 74.42 15.99 -5.49
C VAL A 375 74.09 17.45 -5.40
N ASN A 376 74.89 18.28 -4.75
CA ASN A 376 74.47 19.67 -4.61
C ASN A 376 74.53 20.45 -5.93
N SER A 377 75.13 19.86 -6.96
CA SER A 377 75.19 20.49 -8.28
C SER A 377 75.35 19.51 -9.43
N MET A 378 74.92 19.94 -10.61
CA MET A 378 74.95 19.10 -11.80
C MET A 378 75.50 19.87 -13.00
N ASP A 379 76.22 19.19 -13.89
CA ASP A 379 76.90 19.85 -15.01
C ASP A 379 76.10 19.81 -16.33
N LEU A 380 76.19 20.89 -17.11
CA LEU A 380 75.49 21.06 -18.39
C LEU A 380 76.34 20.77 -19.61
N PRO A 381 75.85 19.92 -20.51
CA PRO A 381 76.64 19.56 -21.70
C PRO A 381 76.96 20.71 -22.66
N GLN A 382 75.93 21.44 -23.09
CA GLN A 382 76.05 22.59 -24.02
C GLN A 382 74.65 23.15 -24.32
N LEU A 383 74.55 24.41 -24.73
CA LEU A 383 73.30 24.85 -25.36
C LEU A 383 73.60 25.64 -26.63
N GLU A 384 74.18 26.84 -26.51
CA GLU A 384 74.34 27.70 -27.67
C GLU A 384 72.91 28.15 -27.99
N PRO A 385 72.64 28.75 -29.17
CA PRO A 385 71.82 29.95 -29.37
C PRO A 385 70.47 29.92 -28.69
N ASP A 386 69.82 31.07 -28.64
CA ASP A 386 68.87 31.44 -27.60
C ASP A 386 69.62 31.56 -26.28
N THR A 387 69.00 31.14 -25.18
CA THR A 387 69.43 31.52 -23.84
C THR A 387 69.48 30.27 -22.94
N SER A 388 70.38 30.27 -21.95
CA SER A 388 70.68 29.09 -21.09
C SER A 388 69.41 28.53 -20.51
N TYR A 389 68.48 29.44 -20.37
CA TYR A 389 67.14 29.16 -19.91
C TYR A 389 66.45 28.11 -20.76
N CYS A 390 65.60 27.31 -20.12
CA CYS A 390 65.28 27.45 -18.70
C CYS A 390 65.72 26.18 -17.98
N ALA A 391 65.88 26.23 -16.65
CA ALA A 391 66.14 25.00 -15.90
C ALA A 391 65.57 25.04 -14.49
N ARG A 392 64.92 23.97 -14.08
CA ARG A 392 64.17 23.94 -12.82
C ARG A 392 64.63 22.73 -12.00
N VAL A 393 64.34 22.69 -10.69
CA VAL A 393 64.80 21.57 -9.83
C VAL A 393 63.70 21.02 -8.88
N ARG A 394 63.80 19.76 -8.45
CA ARG A 394 63.06 19.27 -7.25
C ARG A 394 63.76 18.16 -6.42
N VAL A 395 63.18 17.88 -5.24
CA VAL A 395 63.69 16.87 -4.31
C VAL A 395 62.66 15.89 -3.72
N LYS A 396 62.84 14.60 -4.00
CA LYS A 396 61.98 13.55 -3.45
C LYS A 396 62.72 12.58 -2.54
N PRO A 397 62.43 12.63 -1.23
CA PRO A 397 62.98 11.65 -0.27
C PRO A 397 62.81 10.20 -0.75
N ILE A 398 63.88 9.43 -0.61
CA ILE A 398 63.94 8.12 -1.25
C ILE A 398 64.63 7.10 -0.31
N SER A 399 64.69 5.83 -0.71
CA SER A 399 65.17 4.72 0.12
C SER A 399 64.38 4.50 1.41
N ASP A 400 65.08 4.55 2.54
CA ASP A 400 64.48 4.32 3.87
C ASP A 400 63.19 5.11 4.04
N TYR A 401 63.21 6.35 3.56
CA TYR A 401 62.13 7.28 3.83
C TYR A 401 61.31 7.55 2.57
N ASP A 402 60.03 7.85 2.72
CA ASP A 402 59.22 8.15 1.55
C ASP A 402 58.68 9.57 1.60
N GLY A 403 57.81 9.89 0.66
CA GLY A 403 57.28 11.23 0.54
C GLY A 403 56.94 11.58 -0.89
N ILE A 404 56.83 12.87 -1.17
CA ILE A 404 56.40 13.32 -2.47
C ILE A 404 57.35 14.38 -3.01
N TRP A 405 57.42 14.51 -4.33
CA TRP A 405 58.31 15.48 -4.95
C TRP A 405 58.05 16.88 -4.41
N SER A 406 59.12 17.66 -4.25
CA SER A 406 59.01 19.02 -3.75
C SER A 406 58.50 19.92 -4.86
N GLU A 407 57.89 21.01 -4.47
CA GLU A 407 57.39 21.93 -5.47
C GLU A 407 58.59 22.50 -6.21
N TRP A 408 58.39 22.81 -7.49
CA TRP A 408 59.41 23.29 -8.41
C TRP A 408 59.98 24.65 -8.03
N SER A 409 61.12 24.96 -8.64
CA SER A 409 61.99 26.03 -8.19
C SER A 409 62.29 27.14 -9.18
N ASN A 410 62.29 28.38 -8.67
CA ASN A 410 62.85 29.51 -9.42
C ASN A 410 62.21 29.70 -10.78
N GLU A 411 62.94 29.26 -11.79
CA GLU A 411 62.68 29.57 -13.18
C GLU A 411 61.38 28.98 -13.69
N TYR A 412 61.18 29.16 -15.00
CA TYR A 412 60.09 28.55 -15.78
C TYR A 412 59.38 27.38 -15.09
N GLU B 7 31.59 3.62 5.60
CA GLU B 7 31.03 4.93 5.89
C GLU B 7 32.02 5.80 6.68
N GLU B 8 32.87 6.55 5.97
CA GLU B 8 33.84 7.42 6.63
C GLU B 8 33.65 8.90 6.24
N THR B 9 33.76 9.82 7.20
CA THR B 9 33.41 11.20 6.90
C THR B 9 34.34 11.80 5.85
N VAL B 10 33.83 12.79 5.12
CA VAL B 10 34.59 13.43 4.07
C VAL B 10 35.95 14.03 4.59
N PRO B 11 35.99 14.59 5.82
CA PRO B 11 37.32 14.98 6.29
C PRO B 11 38.33 13.83 6.44
N LEU B 12 37.91 12.68 6.93
CA LEU B 12 38.86 11.60 7.06
C LEU B 12 39.26 11.11 5.68
N LYS B 13 38.36 11.17 4.71
CA LYS B 13 38.74 10.68 3.40
C LYS B 13 39.78 11.60 2.75
N THR B 14 39.58 12.90 2.97
CA THR B 14 40.34 13.98 2.34
C THR B 14 41.61 14.42 3.05
N LEU B 15 41.99 13.71 4.12
CA LEU B 15 43.08 14.17 4.98
C LEU B 15 44.39 13.70 4.47
N GLU B 16 45.21 14.64 4.05
CA GLU B 16 46.57 14.29 3.76
C GLU B 16 47.47 15.23 4.50
N CYS B 17 48.25 14.69 5.42
CA CYS B 17 49.20 15.52 6.10
C CYS B 17 50.49 15.13 5.48
N TYR B 18 51.29 16.13 5.11
CA TYR B 18 52.62 15.89 4.57
C TYR B 18 53.65 16.74 5.31
N ASN B 19 54.93 16.43 5.17
CA ASN B 19 55.86 17.00 6.11
C ASN B 19 57.17 17.62 5.57
N ASP B 20 57.64 18.65 6.27
CA ASP B 20 58.94 19.25 5.96
C ASP B 20 59.73 19.31 7.24
N TYR B 21 60.70 18.42 7.31
CA TYR B 21 61.21 17.89 8.56
C TYR B 21 61.82 18.91 9.50
N THR B 22 62.21 20.04 8.93
CA THR B 22 62.81 21.12 9.69
C THR B 22 61.94 21.49 10.88
N ASN B 23 60.81 22.12 10.57
CA ASN B 23 60.12 22.97 11.51
C ASN B 23 58.66 22.61 11.70
N ARG B 24 57.91 22.56 10.60
CA ARG B 24 56.46 22.37 10.71
C ARG B 24 55.88 21.15 9.97
N ILE B 25 54.59 20.89 10.18
CA ILE B 25 53.84 19.98 9.30
C ILE B 25 52.61 20.69 8.73
N ILE B 26 52.20 20.28 7.54
CA ILE B 26 51.06 20.87 6.88
C ILE B 26 50.08 19.80 6.40
N CYS B 27 48.80 20.00 6.74
CA CYS B 27 47.76 19.04 6.37
C CYS B 27 46.60 19.68 5.56
N SER B 28 46.01 18.93 4.62
CA SER B 28 44.95 19.42 3.74
C SER B 28 43.72 18.49 3.75
N TRP B 29 42.55 19.04 4.04
CA TRP B 29 41.34 18.23 4.11
C TRP B 29 40.11 19.06 3.88
N ALA B 30 38.94 18.42 3.87
CA ALA B 30 37.68 19.09 3.55
C ALA B 30 36.45 18.64 4.34
N ASP B 31 35.45 19.50 4.34
CA ASP B 31 34.13 19.22 4.88
C ASP B 31 33.14 19.35 3.75
N THR B 32 31.97 18.71 3.86
CA THR B 32 31.00 18.78 2.77
C THR B 32 30.58 20.20 2.53
N GLU B 33 30.30 20.51 1.28
CA GLU B 33 29.80 21.80 0.89
C GLU B 33 28.64 22.15 1.82
N ASP B 34 27.67 21.25 1.88
CA ASP B 34 26.43 21.46 2.60
C ASP B 34 26.72 21.88 4.02
N ALA B 35 27.63 21.16 4.64
CA ALA B 35 27.88 21.30 6.06
C ALA B 35 28.30 22.68 6.50
N GLN B 36 28.63 23.54 5.54
CA GLN B 36 29.40 24.73 5.85
C GLN B 36 28.68 25.62 6.85
N GLY B 37 27.37 25.75 6.74
CA GLY B 37 26.68 26.57 7.68
C GLY B 37 26.59 25.87 9.02
N LEU B 38 26.52 24.55 8.95
CA LEU B 38 26.08 23.73 10.09
C LEU B 38 27.08 23.36 11.20
N ILE B 39 28.26 22.85 10.84
CA ILE B 39 29.18 22.43 11.89
C ILE B 39 30.65 22.73 11.59
N ASN B 40 31.33 23.25 12.61
CA ASN B 40 32.78 23.50 12.57
C ASN B 40 33.50 22.30 13.15
N MET B 41 34.17 21.56 12.28
CA MET B 41 35.02 20.46 12.66
C MET B 41 36.42 20.97 13.03
N THR B 42 37.06 20.36 14.04
CA THR B 42 38.48 20.66 14.30
C THR B 42 39.36 19.44 14.10
N LEU B 43 40.65 19.69 13.84
CA LEU B 43 41.59 18.64 13.50
C LEU B 43 42.55 18.50 14.64
N LEU B 44 42.81 17.26 15.07
CA LEU B 44 43.65 16.99 16.25
C LEU B 44 44.91 16.24 15.87
N TYR B 45 46.03 16.66 16.46
CA TYR B 45 47.32 16.05 16.21
C TYR B 45 47.70 15.14 17.35
N HIS B 46 47.65 13.82 17.19
CA HIS B 46 47.89 13.00 18.37
C HIS B 46 49.31 12.54 18.45
N GLN B 47 49.86 12.88 19.60
CA GLN B 47 51.23 12.65 19.95
C GLN B 47 51.23 12.23 21.40
N LEU B 48 51.80 11.06 21.72
CA LEU B 48 52.25 10.77 23.10
C LEU B 48 51.25 11.07 24.20
N ASP B 49 51.61 12.09 24.98
CA ASP B 49 50.73 12.72 25.93
C ASP B 49 49.77 13.80 25.34
N LYS B 50 50.14 14.44 24.24
CA LYS B 50 49.68 15.80 23.98
C LYS B 50 48.28 16.09 23.40
N ILE B 51 47.74 15.30 22.48
CA ILE B 51 46.47 15.73 21.81
C ILE B 51 46.67 17.07 21.05
N GLN B 52 46.32 18.26 21.56
CA GLN B 52 46.71 19.52 20.84
C GLN B 52 46.02 19.82 19.49
N SER B 53 44.83 20.43 19.57
CA SER B 53 44.07 20.83 18.39
C SER B 53 44.84 21.73 17.41
N VAL B 54 44.83 21.32 16.15
CA VAL B 54 45.47 22.06 15.08
C VAL B 54 44.72 23.33 14.81
N SER B 55 45.46 24.39 14.50
CA SER B 55 44.88 25.59 13.94
C SER B 55 44.87 25.46 12.43
N CYS B 56 43.71 25.62 11.81
CA CYS B 56 43.55 25.48 10.35
C CYS B 56 42.83 26.72 9.78
N GLU B 57 42.95 26.94 8.47
CA GLU B 57 42.23 28.00 7.76
C GLU B 57 41.81 27.49 6.38
N LEU B 58 40.93 28.22 5.70
CA LEU B 58 40.27 27.67 4.51
C LEU B 58 41.12 27.79 3.24
N SER B 59 41.16 26.73 2.45
CA SER B 59 42.06 26.61 1.32
C SER B 59 41.28 26.77 0.03
N GLU B 60 41.91 27.26 -1.04
CA GLU B 60 41.23 27.31 -2.33
C GLU B 60 41.02 25.90 -2.88
N LYS B 61 42.02 25.04 -2.76
CA LYS B 61 41.86 23.68 -3.24
C LYS B 61 42.42 22.64 -2.29
N LEU B 62 41.98 21.41 -2.53
CA LEU B 62 42.49 20.26 -1.81
C LEU B 62 43.87 19.98 -2.33
N MET B 63 44.88 20.00 -1.47
CA MET B 63 46.25 19.81 -1.95
C MET B 63 46.56 18.42 -2.45
N TRP B 64 46.41 17.42 -1.59
CA TRP B 64 46.82 16.06 -1.97
C TRP B 64 45.71 15.08 -2.28
N SER B 65 44.48 15.53 -2.18
CA SER B 65 43.39 14.60 -2.31
C SER B 65 42.34 15.12 -3.24
N GLU B 66 41.67 14.20 -3.93
CA GLU B 66 40.50 14.56 -4.70
C GLU B 66 39.32 14.50 -3.76
N CYS B 67 38.34 15.36 -4.01
CA CYS B 67 37.12 15.26 -3.27
C CYS B 67 36.41 13.88 -3.43
N PRO B 68 35.72 13.37 -2.38
CA PRO B 68 34.90 12.16 -2.49
C PRO B 68 33.91 12.28 -3.63
N SER B 69 33.86 11.26 -4.46
CA SER B 69 33.19 11.22 -5.75
C SER B 69 31.77 11.77 -5.76
N SER B 70 31.04 11.50 -4.69
CA SER B 70 29.68 12.00 -4.52
C SER B 70 29.60 13.49 -4.22
N HIS B 71 30.45 13.94 -3.30
CA HIS B 71 30.40 15.31 -2.80
C HIS B 71 31.26 16.34 -3.53
N ARG B 72 31.10 17.56 -3.04
CA ARG B 72 31.83 18.71 -3.46
C ARG B 72 32.24 19.20 -2.15
N CYS B 73 33.39 19.83 -2.07
CA CYS B 73 33.83 20.16 -0.77
C CYS B 73 34.57 21.43 -0.62
N VAL B 74 34.73 21.72 0.64
CA VAL B 74 35.35 22.92 1.04
C VAL B 74 36.60 22.55 1.78
N PRO B 75 37.77 22.76 1.13
CA PRO B 75 39.09 22.51 1.68
C PRO B 75 39.50 23.48 2.77
N ARG B 76 40.30 22.91 3.69
CA ARG B 76 41.04 23.61 4.73
C ARG B 76 42.54 23.36 4.51
N ARG B 77 43.37 24.32 4.92
CA ARG B 77 44.81 24.10 5.03
C ARG B 77 45.24 24.34 6.47
N CYS B 78 46.01 23.42 7.04
CA CYS B 78 46.39 23.51 8.46
C CYS B 78 47.92 23.45 8.60
N VAL B 79 48.53 24.32 9.42
CA VAL B 79 49.97 24.16 9.74
C VAL B 79 50.22 23.85 11.20
N ILE B 80 51.21 23.03 11.48
CA ILE B 80 51.58 22.83 12.87
C ILE B 80 53.10 22.99 13.05
N PRO B 81 53.48 23.72 14.10
CA PRO B 81 54.85 24.04 14.45
C PRO B 81 55.49 22.91 15.26
N TYR B 82 56.07 21.92 14.58
CA TYR B 82 56.70 20.78 15.24
C TYR B 82 58.19 20.69 14.98
N THR B 83 59.04 21.07 15.94
CA THR B 83 60.48 20.98 15.66
C THR B 83 61.02 19.59 15.92
N ARG B 84 60.52 18.96 16.98
CA ARG B 84 61.04 17.68 17.41
C ARG B 84 60.45 16.51 16.63
N PHE B 85 61.30 15.69 16.03
CA PHE B 85 60.88 14.49 15.32
C PHE B 85 61.66 13.26 15.70
N SER B 86 61.17 12.10 15.29
CA SER B 86 61.90 10.85 15.49
C SER B 86 61.47 9.77 14.52
N ASN B 87 62.30 8.73 14.42
CA ASN B 87 61.92 7.53 13.68
C ASN B 87 60.79 6.80 14.43
N GLY B 88 60.85 6.83 15.76
CA GLY B 88 59.83 6.19 16.58
C GLY B 88 58.52 6.96 16.69
N ASP B 89 58.56 8.22 16.30
CA ASP B 89 57.41 9.10 16.46
C ASP B 89 56.13 8.52 15.89
N ASN B 90 55.04 8.73 16.63
CA ASN B 90 53.74 8.20 16.27
C ASN B 90 52.82 9.34 15.92
N ASP B 91 52.48 9.46 14.66
CA ASP B 91 51.62 10.57 14.25
C ASP B 91 50.20 10.06 14.03
N TYR B 92 49.24 10.59 14.78
CA TYR B 92 47.84 10.23 14.59
C TYR B 92 46.96 11.47 14.53
N TYR B 93 46.15 11.59 13.50
CA TYR B 93 45.29 12.76 13.35
C TYR B 93 43.84 12.32 13.42
N SER B 94 43.03 13.04 14.19
CA SER B 94 41.65 12.66 14.33
C SER B 94 40.78 13.91 14.29
N PHE B 95 39.62 13.77 13.65
CA PHE B 95 38.65 14.86 13.55
C PHE B 95 37.61 14.76 14.62
N GLN B 96 37.18 15.89 15.16
CA GLN B 96 36.01 15.96 16.01
C GLN B 96 35.30 17.30 15.89
N PRO B 97 33.97 17.33 16.05
CA PRO B 97 33.28 18.61 16.15
C PRO B 97 33.76 19.37 17.35
N ASP B 98 33.74 20.69 17.26
CA ASP B 98 34.24 21.53 18.34
C ASP B 98 33.21 21.64 19.44
N ARG B 99 31.95 21.67 19.05
CA ARG B 99 30.87 21.66 20.02
C ARG B 99 30.69 20.27 20.62
N ASP B 100 30.03 20.24 21.78
CA ASP B 100 29.94 19.05 22.62
C ASP B 100 28.85 18.14 22.09
N LEU B 101 28.34 18.52 20.92
CA LEU B 101 27.11 18.05 20.36
C LEU B 101 27.01 16.54 20.45
N GLY B 102 25.87 16.08 20.98
CA GLY B 102 25.61 14.68 21.24
C GLY B 102 24.48 14.61 22.24
N ILE B 103 23.92 13.42 22.45
CA ILE B 103 22.64 13.34 23.14
C ILE B 103 22.55 12.13 24.09
N GLN B 104 21.94 12.33 25.26
CA GLN B 104 21.93 11.29 26.30
C GLN B 104 20.56 11.13 26.97
N LEU B 105 20.07 9.89 26.94
CA LEU B 105 18.72 9.56 27.38
C LEU B 105 18.67 8.38 28.35
N MET B 106 18.04 8.58 29.50
CA MET B 106 17.83 7.51 30.44
C MET B 106 16.50 6.83 30.13
N VAL B 107 16.51 5.51 30.16
CA VAL B 107 15.31 4.74 29.86
C VAL B 107 15.08 3.66 30.93
N PRO B 108 14.36 4.04 32.01
CA PRO B 108 13.95 2.94 32.91
C PRO B 108 13.12 1.94 32.12
N LEU B 109 13.51 0.66 32.15
CA LEU B 109 12.95 -0.34 31.24
C LEU B 109 11.48 -0.53 31.53
N ALA B 110 11.21 -0.61 32.82
CA ALA B 110 9.89 -0.86 33.37
C ALA B 110 8.83 0.03 32.76
N GLN B 111 9.17 1.28 32.52
CA GLN B 111 8.19 2.19 31.96
C GLN B 111 8.29 2.47 30.44
N HIS B 112 9.31 2.01 29.73
CA HIS B 112 9.24 2.09 28.26
C HIS B 112 9.25 0.72 27.65
N VAL B 113 8.08 0.11 27.47
CA VAL B 113 8.05 -1.23 26.91
C VAL B 113 7.08 -1.26 25.76
N GLN B 114 7.58 -1.76 24.65
CA GLN B 114 6.79 -1.98 23.49
C GLN B 114 6.77 -3.47 23.26
N PRO B 115 5.64 -4.12 23.60
CA PRO B 115 5.48 -5.57 23.51
C PRO B 115 5.67 -6.10 22.09
N PRO B 116 5.98 -7.39 21.95
CA PRO B 116 6.10 -7.93 20.61
C PRO B 116 4.76 -7.93 19.92
N PRO B 117 4.73 -7.55 18.63
CA PRO B 117 3.47 -7.40 17.90
C PRO B 117 2.85 -8.74 17.62
N PRO B 118 1.53 -8.77 17.42
CA PRO B 118 0.90 -9.98 16.89
C PRO B 118 1.58 -10.39 15.58
N LYS B 119 1.60 -11.67 15.23
CA LYS B 119 2.00 -12.09 13.89
C LYS B 119 1.60 -13.51 13.59
N ASP B 120 1.89 -13.94 12.36
CA ASP B 120 1.33 -15.17 11.80
C ASP B 120 -0.18 -15.18 11.99
N ILE B 121 -0.81 -14.11 11.50
CA ILE B 121 -2.22 -13.84 11.71
C ILE B 121 -3.10 -14.34 10.53
N HIS B 122 -4.13 -15.12 10.87
CA HIS B 122 -4.99 -15.81 9.90
C HIS B 122 -6.47 -15.36 9.96
N ILE B 123 -7.09 -15.13 8.80
CA ILE B 123 -8.51 -14.81 8.80
C ILE B 123 -9.30 -16.09 8.57
N SER B 124 -10.11 -16.38 9.56
CA SER B 124 -10.78 -17.66 9.65
C SER B 124 -12.33 -17.54 9.72
N PRO B 125 -13.04 -17.96 8.65
CA PRO B 125 -14.50 -18.10 8.72
C PRO B 125 -15.01 -19.39 9.39
N SER B 126 -16.12 -19.32 10.10
CA SER B 126 -16.88 -20.51 10.50
C SER B 126 -18.16 -20.65 9.69
N GLY B 127 -19.05 -21.54 10.08
CA GLY B 127 -20.34 -21.47 9.45
C GLY B 127 -21.00 -20.13 9.78
N ASP B 128 -21.40 -19.91 11.03
CA ASP B 128 -22.05 -18.63 11.35
C ASP B 128 -21.07 -17.51 11.75
N HIS B 129 -20.11 -17.80 12.63
CA HIS B 129 -19.22 -16.74 13.13
C HIS B 129 -18.05 -16.42 12.19
N PHE B 130 -17.12 -15.57 12.65
CA PHE B 130 -15.83 -15.32 11.97
C PHE B 130 -14.65 -15.44 12.96
N LEU B 131 -13.77 -16.43 12.77
CA LEU B 131 -12.66 -16.67 13.71
C LEU B 131 -11.50 -15.74 13.34
N LEU B 132 -10.84 -15.11 14.30
CA LEU B 132 -9.65 -14.31 13.97
C LEU B 132 -8.44 -14.76 14.74
N GLU B 133 -7.46 -15.33 14.04
CA GLU B 133 -6.31 -15.98 14.64
C GLU B 133 -5.06 -15.19 14.52
N TRP B 134 -4.18 -15.31 15.51
CA TRP B 134 -2.80 -14.88 15.36
C TRP B 134 -1.90 -15.59 16.37
N SER B 135 -0.63 -15.19 16.39
CA SER B 135 0.29 -15.64 17.41
C SER B 135 1.06 -14.43 17.95
N VAL B 136 1.80 -14.64 19.04
CA VAL B 136 2.76 -13.67 19.58
C VAL B 136 3.99 -14.40 20.14
N SER B 137 5.22 -13.98 19.80
CA SER B 137 6.39 -14.69 20.36
C SER B 137 6.86 -14.05 21.67
N LEU B 138 6.64 -14.74 22.79
CA LEU B 138 6.97 -14.18 24.10
C LEU B 138 8.24 -14.68 24.82
N GLY B 139 8.97 -15.61 24.22
CA GLY B 139 10.25 -16.06 24.76
C GLY B 139 10.21 -16.92 26.03
N ASP B 140 11.39 -17.20 26.58
CA ASP B 140 11.50 -17.90 27.86
C ASP B 140 12.69 -17.33 28.64
N SER B 141 12.80 -17.54 29.96
CA SER B 141 11.99 -18.46 30.77
C SER B 141 10.52 -18.08 30.85
N GLN B 142 9.68 -19.04 31.23
CA GLN B 142 8.23 -18.81 31.36
C GLN B 142 7.99 -17.60 32.25
N VAL B 143 8.92 -17.34 33.16
CA VAL B 143 9.01 -16.02 33.74
C VAL B 143 10.05 -15.23 32.95
N SER B 144 9.61 -14.37 32.03
CA SER B 144 10.39 -13.20 31.67
C SER B 144 9.47 -12.02 31.65
N TRP B 145 9.45 -11.29 32.75
CA TRP B 145 9.02 -9.91 32.79
C TRP B 145 7.59 -9.56 32.35
N LEU B 146 7.02 -10.35 31.44
CA LEU B 146 5.62 -10.23 31.05
C LEU B 146 5.21 -11.55 30.42
N SER B 147 4.02 -12.09 30.73
CA SER B 147 3.58 -13.27 29.98
C SER B 147 2.14 -13.31 29.42
N SER B 148 1.22 -13.75 30.26
CA SER B 148 -0.19 -13.75 29.92
C SER B 148 -0.64 -12.37 30.24
N LYS B 149 -0.19 -11.94 31.40
CA LYS B 149 -0.20 -10.56 31.75
C LYS B 149 1.29 -10.20 31.75
N ASP B 150 1.61 -8.94 31.49
CA ASP B 150 0.69 -7.80 31.49
C ASP B 150 0.07 -7.42 30.12
N ILE B 151 0.22 -8.35 29.17
CA ILE B 151 -0.31 -8.24 27.82
C ILE B 151 -1.85 -8.16 27.69
N GLU B 152 -2.31 -7.44 26.66
CA GLU B 152 -3.72 -7.33 26.29
C GLU B 152 -3.80 -7.27 24.76
N PHE B 153 -4.97 -7.03 24.19
CA PHE B 153 -5.07 -6.96 22.72
C PHE B 153 -6.09 -5.97 22.17
N GLU B 154 -5.83 -5.53 20.95
CA GLU B 154 -6.71 -4.62 20.27
C GLU B 154 -6.79 -4.98 18.81
N VAL B 155 -7.99 -5.28 18.33
CA VAL B 155 -8.17 -5.56 16.91
C VAL B 155 -9.02 -4.47 16.29
N ALA B 156 -8.64 -4.04 15.09
CA ALA B 156 -9.47 -3.15 14.32
C ALA B 156 -9.84 -3.80 13.02
N TYR B 157 -11.08 -3.59 12.63
CA TYR B 157 -11.63 -4.19 11.44
C TYR B 157 -12.40 -3.09 10.78
N LYS B 158 -12.35 -3.06 9.47
CA LYS B 158 -13.04 -2.04 8.71
C LYS B 158 -13.19 -2.55 7.31
N ARG B 159 -14.04 -1.86 6.55
CA ARG B 159 -14.35 -2.31 5.22
C ARG B 159 -13.22 -1.87 4.35
N LEU B 160 -12.93 -2.61 3.30
CA LEU B 160 -11.81 -2.31 2.42
C LEU B 160 -11.74 -0.86 1.97
N GLN B 161 -12.91 -0.26 1.81
CA GLN B 161 -13.02 1.12 1.32
C GLN B 161 -12.81 2.18 2.39
N ASP B 162 -13.00 1.85 3.66
CA ASP B 162 -12.82 2.87 4.69
C ASP B 162 -11.35 3.18 4.95
N SER B 163 -11.12 4.34 5.56
CA SER B 163 -9.81 4.66 6.11
C SER B 163 -9.74 4.14 7.53
N TRP B 164 -8.56 3.67 7.94
CA TRP B 164 -8.38 3.13 9.26
C TRP B 164 -8.65 4.16 10.33
N GLU B 165 -8.44 5.43 10.00
CA GLU B 165 -8.66 6.50 10.97
C GLU B 165 -10.01 6.31 11.66
N ASP B 166 -11.05 6.10 10.88
CA ASP B 166 -12.31 5.70 11.46
C ASP B 166 -12.45 4.22 11.24
N ALA B 167 -12.30 3.43 12.30
CA ALA B 167 -12.52 2.01 12.19
C ALA B 167 -12.92 1.43 13.54
N SER B 168 -13.69 0.34 13.51
CA SER B 168 -14.26 -0.20 14.74
C SER B 168 -13.21 -1.03 15.42
N SER B 169 -13.12 -0.90 16.74
CA SER B 169 -12.07 -1.57 17.50
C SER B 169 -12.68 -2.50 18.54
N LEU B 170 -11.90 -3.51 18.95
CA LEU B 170 -12.33 -4.55 19.90
C LEU B 170 -11.22 -4.87 20.91
N HIS B 171 -11.57 -5.27 22.14
CA HIS B 171 -10.52 -5.63 23.12
C HIS B 171 -10.59 -7.02 23.76
N THR B 172 -9.62 -7.89 23.46
CA THR B 172 -9.56 -9.21 24.09
C THR B 172 -8.25 -9.49 24.85
N SER B 173 -8.29 -10.51 25.69
CA SER B 173 -7.10 -10.99 26.41
C SER B 173 -6.49 -12.21 25.75
N ASN B 174 -7.06 -12.60 24.60
CA ASN B 174 -6.83 -13.90 24.02
C ASN B 174 -6.17 -13.83 22.65
N PHE B 175 -5.64 -14.95 22.18
CA PHE B 175 -4.87 -15.00 20.95
C PHE B 175 -5.73 -15.25 19.73
N GLN B 176 -7.04 -15.24 19.93
CA GLN B 176 -7.99 -15.29 18.84
C GLN B 176 -9.28 -14.58 19.25
N VAL B 177 -10.14 -14.26 18.28
CA VAL B 177 -11.46 -13.76 18.60
C VAL B 177 -12.51 -14.29 17.66
N ASN B 178 -13.73 -14.43 18.18
CA ASN B 178 -14.87 -14.77 17.37
C ASN B 178 -15.64 -13.53 17.01
N LEU B 179 -15.68 -13.24 15.71
CA LEU B 179 -16.35 -12.06 15.25
C LEU B 179 -17.78 -12.38 14.84
N GLU B 180 -18.69 -11.95 15.70
CA GLU B 180 -20.10 -12.08 15.45
C GLU B 180 -20.37 -11.38 14.13
N PRO B 181 -21.28 -11.93 13.30
CA PRO B 181 -21.82 -11.12 12.21
C PRO B 181 -22.76 -10.13 12.85
N LYS B 182 -23.17 -9.09 12.14
CA LYS B 182 -23.94 -8.02 12.75
C LYS B 182 -22.97 -7.18 13.52
N LEU B 183 -21.70 -7.55 13.41
CA LEU B 183 -20.61 -6.60 13.55
C LEU B 183 -20.20 -6.20 12.13
N PHE B 184 -20.81 -6.87 11.17
CA PHE B 184 -20.39 -6.76 9.77
C PHE B 184 -21.57 -6.59 8.82
N LEU B 185 -21.51 -5.52 8.04
CA LEU B 185 -22.38 -5.36 6.89
C LEU B 185 -22.24 -6.56 5.99
N PRO B 186 -23.34 -6.90 5.31
CA PRO B 186 -23.50 -8.06 4.42
C PRO B 186 -22.51 -8.14 3.25
N ASN B 187 -22.93 -8.60 2.07
CA ASN B 187 -21.91 -8.85 1.06
C ASN B 187 -21.06 -7.63 0.69
N SER B 188 -19.77 -7.76 1.01
CA SER B 188 -18.83 -6.67 1.14
C SER B 188 -17.52 -7.23 1.68
N ILE B 189 -16.43 -6.47 1.54
CA ILE B 189 -15.07 -6.94 1.86
C ILE B 189 -14.45 -6.22 3.05
N TYR B 190 -14.15 -6.97 4.09
CA TYR B 190 -13.66 -6.34 5.30
C TYR B 190 -12.16 -6.55 5.42
N ALA B 191 -11.47 -5.64 6.12
CA ALA B 191 -10.05 -5.83 6.49
C ALA B 191 -9.86 -5.77 8.01
N ALA B 192 -8.79 -6.39 8.50
CA ALA B 192 -8.48 -6.30 9.94
C ALA B 192 -6.97 -6.47 10.32
N ARG B 193 -6.59 -5.88 11.47
CA ARG B 193 -5.24 -5.89 12.02
C ARG B 193 -5.30 -5.99 13.52
N VAL B 194 -4.18 -6.37 14.13
CA VAL B 194 -4.13 -6.49 15.59
C VAL B 194 -2.84 -5.96 16.14
N ARG B 195 -2.89 -5.32 17.30
CA ARG B 195 -1.67 -4.97 18.01
C ARG B 195 -1.70 -5.43 19.46
N THR B 196 -0.52 -5.54 20.05
CA THR B 196 -0.37 -5.98 21.42
C THR B 196 -0.39 -4.79 22.34
N ARG B 197 -1.08 -4.85 23.47
CA ARG B 197 -1.07 -3.68 24.37
C ARG B 197 -0.76 -4.02 25.79
N LEU B 198 -0.71 -3.01 26.64
CA LEU B 198 -0.47 -3.28 28.05
C LEU B 198 -1.74 -3.18 28.84
N SER B 199 -2.02 -4.24 29.59
CA SER B 199 -3.20 -4.27 30.44
C SER B 199 -3.10 -3.11 31.38
N ALA B 200 -4.23 -2.46 31.63
CA ALA B 200 -4.26 -1.33 32.54
C ALA B 200 -3.73 -1.74 33.90
N GLY B 201 -3.91 -3.01 34.24
CA GLY B 201 -3.53 -3.51 35.53
C GLY B 201 -2.03 -3.52 35.65
N SER B 202 -1.36 -3.52 34.51
CA SER B 202 0.10 -3.59 34.48
C SER B 202 0.80 -2.48 35.24
N SER B 203 1.94 -2.81 35.82
CA SER B 203 2.90 -1.80 36.30
C SER B 203 3.70 -1.25 35.10
N LEU B 204 4.10 -2.15 34.20
CA LEU B 204 4.76 -1.79 32.95
C LEU B 204 3.99 -0.73 32.15
N SER B 205 4.72 0.23 31.57
CA SER B 205 4.17 1.30 30.74
C SER B 205 4.92 1.35 29.41
N GLY B 206 4.34 1.94 28.38
CA GLY B 206 5.02 1.88 27.10
C GLY B 206 4.21 2.26 25.88
N ARG B 207 4.59 1.65 24.77
CA ARG B 207 3.81 1.85 23.58
C ARG B 207 3.24 0.54 23.15
N PRO B 208 1.98 0.56 22.78
CA PRO B 208 1.36 -0.52 22.03
C PRO B 208 2.21 -0.94 20.86
N SER B 209 2.20 -2.23 20.53
CA SER B 209 3.11 -2.76 19.56
C SER B 209 2.78 -2.26 18.18
N ARG B 210 3.59 -2.63 17.20
CA ARG B 210 3.30 -2.31 15.82
C ARG B 210 2.06 -3.08 15.44
N TRP B 211 1.37 -2.69 14.36
CA TRP B 211 0.18 -3.45 13.92
C TRP B 211 0.56 -4.79 13.29
N SER B 212 -0.24 -5.82 13.52
CA SER B 212 -0.04 -7.06 12.79
C SER B 212 -0.35 -6.73 11.34
N PRO B 213 -0.02 -7.62 10.40
CA PRO B 213 -0.37 -7.27 9.03
C PRO B 213 -1.90 -7.21 8.82
N GLU B 214 -2.36 -6.57 7.74
CA GLU B 214 -3.78 -6.55 7.42
C GLU B 214 -4.14 -7.91 6.89
N VAL B 215 -5.38 -8.32 7.09
CA VAL B 215 -5.86 -9.54 6.44
C VAL B 215 -7.33 -9.40 5.99
N HIS B 216 -7.62 -9.90 4.79
CA HIS B 216 -8.85 -9.54 4.08
C HIS B 216 -9.79 -10.73 3.83
N TRP B 217 -11.09 -10.50 4.00
CA TRP B 217 -12.15 -11.49 3.70
C TRP B 217 -13.49 -10.83 3.41
N ASP B 218 -14.42 -11.56 2.80
CA ASP B 218 -15.74 -11.00 2.51
C ASP B 218 -16.80 -11.62 3.42
N SER B 219 -17.67 -10.75 3.91
CA SER B 219 -18.50 -11.06 5.06
C SER B 219 -19.62 -11.95 4.65
N GLN B 220 -20.56 -12.16 5.56
CA GLN B 220 -21.73 -12.96 5.24
C GLN B 220 -22.42 -12.42 4.00
N PRO B 221 -22.99 -13.34 3.19
CA PRO B 221 -23.83 -12.94 2.05
C PRO B 221 -25.14 -12.44 2.62
N GLY B 222 -25.89 -11.68 1.85
CA GLY B 222 -27.06 -11.02 2.37
C GLY B 222 -28.06 -10.81 1.26
N ASP B 223 -29.12 -10.08 1.56
CA ASP B 223 -30.24 -9.93 0.62
C ASP B 223 -29.76 -9.42 -0.72
N LYS B 224 -29.07 -8.29 -0.65
CA LYS B 224 -28.42 -7.62 -1.79
C LYS B 224 -29.40 -6.85 -2.66
N ALA B 225 -30.67 -7.21 -2.60
CA ALA B 225 -31.67 -6.40 -3.26
C ALA B 225 -32.00 -5.31 -2.28
N GLN B 226 -31.88 -5.64 -0.99
CA GLN B 226 -32.12 -4.67 0.06
C GLN B 226 -30.93 -3.74 0.18
N PRO B 227 -31.21 -2.47 0.49
CA PRO B 227 -30.20 -1.50 0.90
C PRO B 227 -29.77 -1.69 2.35
N GLN B 228 -28.47 -1.59 2.60
CA GLN B 228 -27.92 -1.57 3.97
C GLN B 228 -27.23 -0.28 4.31
N ASN B 229 -26.85 -0.22 5.58
CA ASN B 229 -26.02 0.84 6.08
C ASN B 229 -26.69 2.20 6.16
N LEU B 230 -27.94 2.19 6.58
CA LEU B 230 -28.59 3.44 6.87
C LEU B 230 -28.01 4.01 8.15
N GLN B 231 -27.47 5.22 8.08
CA GLN B 231 -27.21 5.93 9.33
C GLN B 231 -27.49 7.43 9.28
N CYS B 232 -27.96 7.94 10.41
CA CYS B 232 -28.35 9.35 10.51
C CYS B 232 -27.73 10.05 11.71
N PHE B 233 -27.36 11.30 11.48
CA PHE B 233 -26.77 12.08 12.54
C PHE B 233 -27.40 13.42 12.66
N PHE B 234 -27.46 13.90 13.88
CA PHE B 234 -28.09 15.16 14.15
C PHE B 234 -27.00 16.17 14.40
N ASP B 235 -26.96 17.21 13.59
CA ASP B 235 -25.88 18.17 13.67
C ASP B 235 -26.19 19.23 14.73
N GLY B 236 -27.14 18.95 15.59
CA GLY B 236 -27.28 19.72 16.81
C GLY B 236 -27.92 21.05 16.55
N ILE B 237 -27.99 21.40 15.26
CA ILE B 237 -28.85 22.48 14.79
C ILE B 237 -29.68 22.12 13.55
N GLN B 238 -30.98 21.94 13.75
CA GLN B 238 -31.97 22.03 12.67
C GLN B 238 -31.75 21.11 11.43
N SER B 239 -30.97 20.05 11.58
CA SER B 239 -30.65 19.20 10.45
C SER B 239 -30.37 17.75 10.84
N LEU B 240 -30.68 16.83 9.93
CA LEU B 240 -30.31 15.46 10.17
C LEU B 240 -29.82 14.93 8.87
N HIS B 241 -28.64 14.29 8.90
CA HIS B 241 -27.98 13.81 7.69
C HIS B 241 -27.89 12.31 7.69
N CYS B 242 -28.45 11.75 6.62
CA CYS B 242 -28.56 10.31 6.44
C CYS B 242 -27.81 9.83 5.22
N SER B 243 -27.45 8.57 5.25
CA SER B 243 -26.66 7.98 4.20
C SER B 243 -27.00 6.52 4.11
N TRP B 244 -27.07 5.98 2.91
CA TRP B 244 -27.31 4.55 2.80
C TRP B 244 -26.63 4.02 1.55
N GLU B 245 -26.52 2.70 1.44
CA GLU B 245 -25.93 2.07 0.25
C GLU B 245 -26.96 1.19 -0.37
N VAL B 246 -26.86 0.95 -1.67
CA VAL B 246 -27.53 -0.18 -2.28
C VAL B 246 -26.53 -0.95 -3.12
N TRP B 247 -26.90 -2.15 -3.51
CA TRP B 247 -26.07 -2.90 -4.43
C TRP B 247 -26.27 -2.22 -5.78
N THR B 248 -25.17 -1.78 -6.41
CA THR B 248 -25.27 -0.86 -7.55
C THR B 248 -26.13 -1.35 -8.71
N GLN B 249 -26.04 -2.64 -9.02
CA GLN B 249 -26.71 -3.15 -10.20
C GLN B 249 -28.15 -3.49 -9.85
N THR B 250 -28.55 -3.16 -8.64
CA THR B 250 -29.98 -3.17 -8.29
C THR B 250 -30.72 -1.92 -8.80
N THR B 251 -30.07 -0.75 -8.80
CA THR B 251 -30.71 0.52 -9.17
C THR B 251 -31.35 0.49 -10.58
N GLY B 252 -31.02 -0.52 -11.36
CA GLY B 252 -31.74 -0.76 -12.60
C GLY B 252 -33.17 -1.23 -12.34
N SER B 253 -33.37 -2.05 -11.33
CA SER B 253 -34.71 -2.58 -11.08
C SER B 253 -35.60 -1.77 -10.13
N VAL B 254 -35.01 -0.88 -9.34
CA VAL B 254 -35.71 -0.27 -8.22
C VAL B 254 -35.17 1.12 -7.88
N SER B 255 -36.05 2.01 -7.43
CA SER B 255 -35.61 3.28 -6.86
C SER B 255 -35.90 3.31 -5.38
N PHE B 256 -34.98 3.81 -4.57
CA PHE B 256 -35.28 3.96 -3.15
C PHE B 256 -35.26 5.42 -2.78
N GLY B 257 -35.90 5.74 -1.67
CA GLY B 257 -35.98 7.13 -1.25
C GLY B 257 -35.98 7.12 0.25
N LEU B 258 -35.85 8.29 0.86
CA LEU B 258 -35.72 8.33 2.32
C LEU B 258 -36.87 9.10 2.93
N PHE B 259 -37.49 8.53 3.95
CA PHE B 259 -38.66 9.11 4.56
C PHE B 259 -38.47 9.19 6.06
N TYR B 260 -39.11 10.14 6.71
CA TYR B 260 -38.90 10.30 8.15
C TYR B 260 -40.17 10.61 8.92
N ARG B 261 -40.28 10.08 10.12
CA ARG B 261 -41.35 10.50 11.03
C ARG B 261 -40.78 11.07 12.34
N PRO B 262 -40.87 12.38 12.54
CA PRO B 262 -40.52 12.86 13.89
C PRO B 262 -41.51 12.30 14.86
N SER B 263 -41.10 11.50 15.84
CA SER B 263 -42.05 10.68 16.61
C SER B 263 -42.82 9.69 15.67
N PRO B 264 -43.20 8.52 16.18
CA PRO B 264 -43.80 7.50 15.31
C PRO B 264 -45.25 7.85 14.92
N ALA B 265 -45.95 8.48 15.86
CA ALA B 265 -47.32 8.94 15.70
C ALA B 265 -47.53 9.85 14.49
N ALA B 266 -46.47 10.47 14.02
CA ALA B 266 -46.56 11.54 13.05
C ALA B 266 -46.56 11.03 11.62
N PRO B 267 -47.03 11.87 10.69
CA PRO B 267 -47.13 11.48 9.29
C PRO B 267 -45.81 11.49 8.55
N GLU B 268 -45.65 10.49 7.72
CA GLU B 268 -44.43 10.28 6.98
C GLU B 268 -44.15 11.38 5.96
N GLU B 269 -42.97 11.96 6.05
CA GLU B 269 -42.54 12.99 5.13
C GLU B 269 -41.46 12.44 4.23
N LYS B 270 -41.40 12.95 3.00
CA LYS B 270 -40.40 12.50 2.04
C LYS B 270 -39.26 13.51 2.01
N CYS B 271 -38.08 13.04 2.38
CA CYS B 271 -36.88 13.87 2.44
C CYS B 271 -36.27 13.97 1.03
N SER B 272 -35.99 15.20 0.60
CA SER B 272 -35.40 15.45 -0.72
C SER B 272 -34.49 16.65 -0.63
N PRO B 273 -33.52 16.77 -1.57
CA PRO B 273 -33.17 15.82 -2.65
C PRO B 273 -32.31 14.66 -2.21
N VAL B 274 -32.43 13.51 -2.86
CA VAL B 274 -31.54 12.41 -2.55
C VAL B 274 -30.34 12.49 -3.47
N VAL B 275 -29.16 12.59 -2.89
CA VAL B 275 -27.94 12.74 -3.68
C VAL B 275 -27.19 11.41 -3.81
N LYS B 276 -26.73 11.10 -5.01
CA LYS B 276 -26.01 9.85 -5.18
C LYS B 276 -24.52 10.08 -5.42
N GLU B 277 -23.69 9.37 -4.67
CA GLU B 277 -22.26 9.41 -4.87
C GLU B 277 -21.98 8.56 -6.10
N PRO B 278 -20.76 8.65 -6.68
CA PRO B 278 -20.65 7.93 -7.95
C PRO B 278 -20.93 6.41 -7.81
N GLN B 279 -20.36 5.63 -6.88
CA GLN B 279 -19.02 5.80 -6.32
C GLN B 279 -18.36 4.48 -6.67
N ALA B 280 -17.06 4.50 -6.95
CA ALA B 280 -16.50 3.35 -7.67
C ALA B 280 -16.30 2.18 -6.71
N SER B 281 -17.10 1.15 -6.96
CA SER B 281 -17.24 -0.02 -6.09
C SER B 281 -18.40 -0.82 -6.66
N VAL B 282 -18.72 -1.94 -6.01
CA VAL B 282 -19.95 -2.67 -6.32
C VAL B 282 -21.19 -2.03 -5.68
N TYR B 283 -20.98 -1.28 -4.61
CA TYR B 283 -22.03 -0.43 -4.01
C TYR B 283 -22.18 1.00 -4.57
N THR B 284 -23.35 1.60 -4.32
CA THR B 284 -23.62 3.03 -4.58
C THR B 284 -24.20 3.76 -3.37
N ARG B 285 -23.52 4.77 -2.89
CA ARG B 285 -23.93 5.43 -1.66
C ARG B 285 -24.87 6.57 -1.97
N TYR B 286 -25.92 6.73 -1.16
CA TYR B 286 -26.83 7.85 -1.28
C TYR B 286 -26.85 8.65 0.04
N ARG B 287 -27.08 9.95 -0.09
CA ARG B 287 -27.22 10.81 1.07
C ARG B 287 -28.40 11.75 0.90
N CYS B 288 -29.05 12.08 2.01
CA CYS B 288 -30.10 13.09 2.02
C CYS B 288 -30.18 13.74 3.38
N SER B 289 -30.38 15.05 3.41
CA SER B 289 -30.44 15.75 4.68
C SER B 289 -31.77 16.39 4.81
N LEU B 290 -32.45 16.10 5.91
CA LEU B 290 -33.81 16.57 6.15
C LEU B 290 -33.85 17.48 7.36
N PRO B 291 -34.80 18.42 7.39
CA PRO B 291 -34.82 19.42 8.47
C PRO B 291 -35.36 18.87 9.80
N VAL B 292 -35.48 19.72 10.80
CA VAL B 292 -36.20 19.41 12.05
C VAL B 292 -36.92 20.67 12.58
N PRO B 293 -37.96 20.49 13.39
CA PRO B 293 -38.59 21.56 14.17
C PRO B 293 -37.69 21.93 15.31
N GLU B 294 -38.22 22.62 16.31
CA GLU B 294 -37.59 22.55 17.61
C GLU B 294 -37.47 21.06 17.98
N PRO B 295 -36.24 20.55 18.17
CA PRO B 295 -36.21 19.18 18.71
C PRO B 295 -36.64 19.17 20.16
N SER B 296 -37.60 18.31 20.46
CA SER B 296 -37.98 18.07 21.85
C SER B 296 -36.70 17.47 22.46
N ALA B 297 -36.50 17.64 23.76
CA ALA B 297 -35.31 17.10 24.44
C ALA B 297 -35.08 15.61 24.13
N HIS B 298 -36.15 14.84 24.24
CA HIS B 298 -36.15 13.41 23.94
C HIS B 298 -36.57 13.06 22.51
N SER B 299 -36.69 14.05 21.62
CA SER B 299 -37.37 13.82 20.34
C SER B 299 -36.80 12.62 19.62
N GLN B 300 -37.70 11.69 19.35
CA GLN B 300 -37.37 10.45 18.70
C GLN B 300 -37.81 10.50 17.26
N TYR B 301 -36.88 10.28 16.36
CA TYR B 301 -37.16 10.37 14.95
C TYR B 301 -37.19 8.94 14.42
N THR B 302 -37.94 8.70 13.35
CA THR B 302 -37.93 7.38 12.74
C THR B 302 -37.66 7.53 11.23
N VAL B 303 -36.58 6.90 10.76
CA VAL B 303 -36.20 7.01 9.35
C VAL B 303 -36.14 5.71 8.58
N SER B 304 -36.82 5.69 7.44
CA SER B 304 -36.94 4.48 6.62
C SER B 304 -36.55 4.74 5.18
N VAL B 305 -35.98 3.73 4.55
CA VAL B 305 -35.77 3.74 3.13
C VAL B 305 -36.81 2.75 2.58
N LYS B 306 -37.67 3.25 1.68
CA LYS B 306 -38.72 2.46 1.02
C LYS B 306 -38.48 2.57 -0.48
N HIS B 307 -39.14 1.73 -1.29
CA HIS B 307 -39.03 1.91 -2.73
C HIS B 307 -40.01 2.95 -3.24
N LEU B 308 -39.49 3.93 -3.98
CA LEU B 308 -40.30 4.99 -4.56
C LEU B 308 -41.28 4.44 -5.57
N GLU B 309 -42.43 5.10 -5.70
CA GLU B 309 -43.49 4.58 -6.56
C GLU B 309 -43.06 4.64 -8.01
N GLN B 310 -43.28 3.55 -8.71
CA GLN B 310 -42.88 3.50 -10.11
C GLN B 310 -43.99 3.00 -11.02
N GLY B 311 -44.48 3.88 -11.90
CA GLY B 311 -45.53 3.53 -12.82
C GLY B 311 -46.01 4.68 -13.71
N LYS B 312 -46.76 4.32 -14.76
CA LYS B 312 -47.29 5.30 -15.71
C LYS B 312 -48.72 4.95 -16.17
N PHE B 313 -49.47 5.99 -16.55
CA PHE B 313 -50.85 5.86 -17.01
C PHE B 313 -51.02 5.34 -18.46
N ILE B 314 -52.18 4.78 -18.72
CA ILE B 314 -52.47 4.22 -20.05
C ILE B 314 -53.86 4.62 -20.63
N MET B 315 -54.93 4.20 -19.96
CA MET B 315 -56.32 4.23 -20.45
C MET B 315 -56.42 3.64 -21.86
N SER B 316 -57.46 3.98 -22.62
CA SER B 316 -57.45 3.70 -24.07
C SER B 316 -58.37 4.60 -24.95
N TYR B 317 -57.86 5.41 -25.89
CA TYR B 317 -56.61 6.20 -25.81
C TYR B 317 -55.28 5.51 -26.12
N TYR B 318 -55.31 4.19 -26.24
CA TYR B 318 -54.27 3.39 -26.89
C TYR B 318 -55.02 2.24 -27.52
N HIS B 319 -54.67 1.82 -28.74
CA HIS B 319 -55.16 0.54 -29.34
C HIS B 319 -54.36 0.06 -30.54
N ILE B 320 -54.48 -1.22 -30.87
CA ILE B 320 -53.89 -1.79 -32.08
C ILE B 320 -54.75 -2.95 -32.59
N GLN B 321 -54.71 -3.25 -33.90
CA GLN B 321 -55.59 -4.27 -34.48
C GLN B 321 -55.00 -4.94 -35.76
N MET B 322 -55.82 -5.71 -36.48
CA MET B 322 -55.42 -6.34 -37.75
C MET B 322 -56.59 -6.35 -38.72
N GLU B 323 -56.32 -6.31 -40.02
CA GLU B 323 -57.34 -5.88 -40.99
C GLU B 323 -57.33 -6.55 -42.36
N PRO B 324 -57.92 -7.74 -42.48
CA PRO B 324 -57.87 -8.49 -43.74
C PRO B 324 -58.68 -7.96 -44.95
N PRO B 325 -58.06 -7.83 -46.15
CA PRO B 325 -58.78 -7.86 -47.45
C PRO B 325 -59.07 -9.25 -48.08
N ILE B 326 -60.23 -9.45 -48.72
CA ILE B 326 -60.41 -10.46 -49.79
C ILE B 326 -60.03 -9.88 -51.16
N LEU B 327 -59.69 -10.75 -52.13
CA LEU B 327 -59.32 -10.28 -53.47
C LEU B 327 -60.26 -10.70 -54.59
N GLN B 328 -60.55 -9.80 -55.51
CA GLN B 328 -61.30 -10.15 -56.69
C GLN B 328 -60.46 -10.99 -57.65
N GLN B 329 -59.30 -10.45 -58.05
CA GLN B 329 -58.34 -11.20 -58.88
C GLN B 329 -57.00 -10.47 -59.06
N THR B 330 -56.10 -11.10 -59.84
CA THR B 330 -54.78 -10.54 -60.16
C THR B 330 -54.48 -10.69 -61.67
N ALA B 331 -53.86 -9.68 -62.28
CA ALA B 331 -53.44 -9.74 -63.69
C ALA B 331 -54.53 -9.91 -64.77
N ASN B 332 -55.13 -8.78 -65.18
CA ASN B 332 -55.91 -8.63 -66.44
C ASN B 332 -57.42 -8.87 -66.40
N ALA B 333 -57.94 -9.39 -65.30
CA ALA B 333 -59.37 -9.34 -65.02
C ALA B 333 -59.58 -8.25 -63.96
N ALA B 334 -60.78 -8.13 -63.39
CA ALA B 334 -61.18 -6.86 -62.76
C ALA B 334 -60.18 -6.36 -61.72
N SER B 335 -59.63 -5.19 -62.04
CA SER B 335 -58.53 -4.60 -61.30
C SER B 335 -58.93 -3.48 -60.35
N TYR B 336 -60.22 -3.17 -60.26
CA TYR B 336 -60.57 -2.04 -59.40
C TYR B 336 -61.29 -2.44 -58.11
N SER B 337 -61.07 -1.56 -57.15
CA SER B 337 -61.32 -1.65 -55.71
C SER B 337 -60.71 -2.80 -54.90
N LEU B 338 -61.29 -3.02 -53.71
CA LEU B 338 -60.80 -3.99 -52.70
C LEU B 338 -61.90 -4.19 -51.65
N HIS B 339 -61.85 -5.29 -50.88
CA HIS B 339 -62.81 -5.50 -49.79
C HIS B 339 -62.06 -5.60 -48.46
N TRP B 340 -62.67 -5.17 -47.36
CA TRP B 340 -62.04 -5.34 -46.03
C TRP B 340 -63.01 -6.04 -45.06
N GLU B 341 -62.46 -6.79 -44.12
CA GLU B 341 -63.28 -7.61 -43.21
C GLU B 341 -62.89 -7.44 -41.74
N THR B 342 -63.71 -8.02 -40.86
CA THR B 342 -63.35 -8.25 -39.45
C THR B 342 -63.07 -6.89 -38.75
N GLN B 343 -64.09 -6.20 -38.23
CA GLN B 343 -65.40 -6.70 -37.74
C GLN B 343 -65.40 -7.87 -36.72
N LYS B 344 -64.76 -7.82 -35.53
CA LYS B 344 -63.92 -6.76 -34.91
C LYS B 344 -64.52 -5.36 -34.85
N ILE B 345 -65.67 -5.26 -34.22
CA ILE B 345 -66.47 -4.03 -34.22
C ILE B 345 -66.20 -3.13 -33.01
N PRO B 346 -65.44 -2.02 -33.19
CA PRO B 346 -65.33 -0.95 -32.18
C PRO B 346 -66.53 0.03 -32.11
N LYS B 347 -66.95 0.53 -33.26
CA LYS B 347 -68.21 1.25 -33.46
C LYS B 347 -68.37 2.59 -32.70
N TYR B 348 -67.58 2.81 -31.65
CA TYR B 348 -67.68 4.05 -30.86
C TYR B 348 -66.87 5.18 -31.52
N ILE B 349 -65.82 4.77 -32.25
CA ILE B 349 -64.74 5.67 -32.70
C ILE B 349 -64.45 5.67 -34.21
N ASP B 350 -63.95 6.81 -34.68
CA ASP B 350 -63.33 6.95 -35.99
C ASP B 350 -62.18 5.96 -36.28
N HIS B 351 -62.04 5.67 -37.55
CA HIS B 351 -61.42 4.46 -38.05
C HIS B 351 -60.25 4.75 -38.99
N THR B 352 -60.49 5.56 -40.02
CA THR B 352 -59.44 6.07 -40.93
C THR B 352 -58.44 5.02 -41.40
N PHE B 353 -58.94 3.90 -41.91
CA PHE B 353 -58.09 2.84 -42.44
C PHE B 353 -57.26 3.43 -43.58
N GLN B 354 -56.09 2.86 -43.85
CA GLN B 354 -55.23 3.42 -44.91
C GLN B 354 -54.61 2.36 -45.81
N VAL B 355 -54.78 2.52 -47.12
CA VAL B 355 -54.31 1.57 -48.12
C VAL B 355 -53.06 2.12 -48.83
N GLN B 356 -52.17 1.23 -49.26
CA GLN B 356 -51.03 1.70 -50.04
C GLN B 356 -50.70 0.72 -51.15
N TYR B 357 -50.53 1.23 -52.35
CA TYR B 357 -49.67 0.56 -53.31
C TYR B 357 -48.35 1.25 -53.64
N LYS B 358 -48.15 2.44 -53.11
CA LYS B 358 -47.26 3.39 -53.75
C LYS B 358 -45.77 3.18 -53.43
N LYS B 359 -45.46 2.43 -52.36
CA LYS B 359 -44.07 2.19 -51.97
C LYS B 359 -43.80 0.75 -51.52
N GLU B 370 -52.30 5.63 -49.31
CA GLU B 370 -53.14 6.79 -49.52
C GLU B 370 -54.20 6.90 -48.42
N ASN B 371 -54.12 7.97 -47.63
CA ASN B 371 -55.04 8.17 -46.53
C ASN B 371 -56.51 8.09 -46.95
N LEU B 372 -57.26 7.27 -46.21
CA LEU B 372 -58.63 6.96 -46.57
C LEU B 372 -59.54 7.22 -45.37
N GLY B 373 -60.85 7.21 -45.59
CA GLY B 373 -61.77 7.49 -44.51
C GLY B 373 -62.22 6.27 -43.74
N ARG B 374 -63.29 6.42 -42.98
CA ARG B 374 -63.88 5.34 -42.21
C ARG B 374 -64.46 4.26 -43.12
N VAL B 375 -64.47 4.53 -44.42
CA VAL B 375 -64.96 3.61 -45.43
C VAL B 375 -64.21 2.27 -45.40
N ASN B 376 -64.89 1.19 -45.74
CA ASN B 376 -64.30 -0.16 -45.81
C ASN B 376 -63.86 -0.61 -47.21
N SER B 377 -63.94 0.28 -48.20
CA SER B 377 -63.50 -0.05 -49.57
C SER B 377 -62.84 1.13 -50.27
N MET B 378 -61.75 0.87 -50.97
CA MET B 378 -61.08 1.87 -51.81
C MET B 378 -61.11 1.42 -53.26
N ASP B 379 -61.11 2.35 -54.21
CA ASP B 379 -60.94 2.03 -55.63
C ASP B 379 -59.63 2.64 -56.15
N LEU B 380 -59.05 2.06 -57.20
CA LEU B 380 -57.80 2.55 -57.77
C LEU B 380 -57.85 2.70 -59.29
N PRO B 381 -56.96 3.55 -59.86
CA PRO B 381 -56.97 3.83 -61.31
C PRO B 381 -56.60 2.61 -62.17
N GLN B 382 -55.78 1.74 -61.57
CA GLN B 382 -54.99 0.64 -62.14
C GLN B 382 -53.96 0.99 -63.25
N LEU B 383 -53.46 -0.04 -63.92
CA LEU B 383 -52.39 0.06 -64.92
C LEU B 383 -52.67 -0.89 -66.08
N GLU B 384 -52.73 -2.16 -65.68
CA GLU B 384 -52.72 -3.40 -66.47
C GLU B 384 -51.52 -3.79 -67.36
N PRO B 385 -50.28 -3.51 -66.92
CA PRO B 385 -49.12 -4.41 -66.98
C PRO B 385 -49.06 -5.37 -65.78
N ASP B 386 -48.33 -6.48 -65.92
CA ASP B 386 -47.93 -7.35 -64.81
C ASP B 386 -49.06 -7.95 -63.96
N THR B 387 -48.83 -7.99 -62.65
CA THR B 387 -49.75 -8.63 -61.70
C THR B 387 -50.01 -7.70 -60.52
N SER B 388 -51.23 -7.75 -59.99
CA SER B 388 -51.65 -6.76 -59.01
C SER B 388 -50.83 -6.76 -57.73
N TYR B 389 -50.49 -7.94 -57.19
CA TYR B 389 -49.91 -8.05 -55.84
C TYR B 389 -48.54 -7.33 -55.68
N CYS B 390 -48.28 -6.66 -54.53
CA CYS B 390 -48.96 -6.78 -53.22
C CYS B 390 -49.58 -5.49 -52.60
N ALA B 391 -50.79 -5.60 -52.03
CA ALA B 391 -51.59 -4.46 -51.49
C ALA B 391 -51.90 -4.47 -49.97
N ARG B 392 -51.57 -3.37 -49.29
CA ARG B 392 -51.57 -3.34 -47.82
C ARG B 392 -52.55 -2.30 -47.24
N VAL B 393 -52.97 -2.49 -45.99
CA VAL B 393 -53.84 -1.53 -45.31
C VAL B 393 -53.41 -1.35 -43.82
N ARG B 394 -54.16 -0.56 -43.04
CA ARG B 394 -53.85 -0.21 -41.62
C ARG B 394 -55.14 0.20 -40.87
N VAL B 395 -55.19 0.12 -39.52
CA VAL B 395 -56.40 0.54 -38.74
C VAL B 395 -56.17 1.36 -37.44
N LYS B 396 -56.63 2.63 -37.39
CA LYS B 396 -56.43 3.49 -36.20
C LYS B 396 -57.53 4.54 -35.93
N PRO B 397 -57.50 5.12 -34.72
CA PRO B 397 -58.42 6.20 -34.36
C PRO B 397 -57.77 7.61 -34.29
N ILE B 398 -58.57 8.62 -34.63
CA ILE B 398 -58.21 10.05 -34.55
C ILE B 398 -59.21 10.69 -33.58
N SER B 399 -59.20 12.01 -33.47
CA SER B 399 -60.15 12.78 -32.67
C SER B 399 -60.15 12.37 -31.18
N ASP B 400 -61.34 12.03 -30.68
CA ASP B 400 -61.52 11.73 -29.27
C ASP B 400 -60.62 10.61 -28.77
N TYR B 401 -60.46 9.56 -29.57
CA TYR B 401 -59.67 8.42 -29.09
C TYR B 401 -58.46 8.17 -30.02
N ASP B 402 -57.39 7.57 -29.50
CA ASP B 402 -56.13 7.43 -30.25
C ASP B 402 -55.35 6.13 -29.92
N GLY B 403 -54.45 5.72 -30.81
CA GLY B 403 -53.62 4.55 -30.59
C GLY B 403 -52.54 4.34 -31.64
N ILE B 404 -51.79 3.24 -31.51
CA ILE B 404 -50.71 2.93 -32.46
C ILE B 404 -51.26 2.34 -33.75
N TRP B 405 -50.69 2.79 -34.87
CA TRP B 405 -51.07 2.29 -36.19
C TRP B 405 -50.90 0.77 -36.24
N SER B 406 -51.94 0.06 -36.67
CA SER B 406 -51.94 -1.40 -36.69
C SER B 406 -51.01 -2.02 -37.73
N GLU B 407 -50.73 -3.30 -37.55
CA GLU B 407 -49.89 -4.06 -38.45
C GLU B 407 -50.61 -4.35 -39.78
N TRP B 408 -49.88 -4.23 -40.89
CA TRP B 408 -50.45 -4.46 -42.24
C TRP B 408 -50.90 -5.92 -42.37
N SER B 409 -51.76 -6.21 -43.35
CA SER B 409 -52.43 -7.50 -43.35
C SER B 409 -52.48 -8.28 -44.67
N ASN B 410 -52.19 -9.58 -44.57
CA ASN B 410 -52.38 -10.57 -45.64
C ASN B 410 -51.74 -10.15 -46.93
N GLU B 411 -50.45 -9.86 -46.87
CA GLU B 411 -49.76 -9.24 -47.98
C GLU B 411 -48.25 -9.26 -47.85
N GLU C 7 7.30 34.03 -4.56
CA GLU C 7 7.38 34.77 -3.31
C GLU C 7 8.71 35.49 -3.20
N GLU C 8 8.88 36.25 -2.12
CA GLU C 8 10.13 36.95 -1.93
C GLU C 8 11.09 36.06 -1.16
N THR C 9 12.35 36.10 -1.60
CA THR C 9 13.48 35.35 -1.04
C THR C 9 13.93 35.90 0.32
N VAL C 10 14.67 35.12 1.09
CA VAL C 10 15.17 35.57 2.41
C VAL C 10 16.10 36.80 2.38
N PRO C 11 16.97 36.92 1.36
CA PRO C 11 17.77 38.15 1.41
C PRO C 11 16.90 39.40 1.32
N LEU C 12 15.86 39.38 0.49
CA LEU C 12 15.03 40.56 0.26
C LEU C 12 14.24 40.97 1.48
N LYS C 13 13.65 40.00 2.18
CA LYS C 13 12.85 40.33 3.35
C LYS C 13 13.72 40.92 4.46
N THR C 14 14.89 40.31 4.62
CA THR C 14 15.90 40.76 5.57
C THR C 14 16.45 42.14 5.24
N LEU C 15 16.57 42.42 3.95
CA LEU C 15 17.38 43.55 3.50
C LEU C 15 16.74 44.85 3.91
N GLU C 16 17.48 45.58 4.71
CA GLU C 16 17.07 46.90 5.08
C GLU C 16 18.30 47.79 4.94
N CYS C 17 18.25 48.70 3.96
CA CYS C 17 19.27 49.71 3.76
C CYS C 17 18.76 50.95 4.46
N TYR C 18 19.67 51.72 5.04
CA TYR C 18 19.33 53.02 5.57
C TYR C 18 20.45 53.99 5.27
N ASN C 19 20.19 55.30 5.38
CA ASN C 19 21.29 56.21 5.08
C ASN C 19 21.53 57.44 5.90
N ASP C 20 22.77 57.48 6.39
CA ASP C 20 23.32 58.56 7.20
C ASP C 20 23.57 59.81 6.35
N TYR C 21 23.71 59.59 5.05
CA TYR C 21 23.81 60.65 4.05
C TYR C 21 25.09 61.47 4.10
N THR C 22 26.00 61.20 5.01
CA THR C 22 27.22 61.98 4.94
C THR C 22 27.99 61.50 3.71
N ASN C 23 28.54 60.29 3.80
CA ASN C 23 29.30 59.65 2.74
C ASN C 23 28.74 58.26 2.45
N ARG C 24 28.75 57.43 3.49
CA ARG C 24 28.41 56.01 3.41
C ARG C 24 26.93 55.68 3.06
N ILE C 25 26.73 54.53 2.38
CA ILE C 25 25.43 53.80 2.30
C ILE C 25 25.56 52.44 2.99
N ILE C 26 24.87 52.25 4.10
CA ILE C 26 25.12 51.07 4.95
C ILE C 26 23.90 50.16 5.17
N CYS C 27 24.06 48.90 4.75
CA CYS C 27 22.92 47.98 4.67
C CYS C 27 23.21 46.57 5.12
N SER C 28 22.36 46.07 6.01
CA SER C 28 22.51 44.74 6.59
C SER C 28 21.27 43.88 6.33
N TRP C 29 21.54 42.67 5.86
CA TRP C 29 20.54 41.69 5.47
C TRP C 29 21.10 40.31 5.74
N ALA C 30 20.45 39.27 5.26
CA ALA C 30 20.93 37.92 5.52
C ALA C 30 20.46 36.84 4.56
N ASP C 31 20.96 35.63 4.78
CA ASP C 31 20.64 34.47 3.99
C ASP C 31 20.54 33.28 4.94
N THR C 32 20.01 32.17 4.46
CA THR C 32 19.80 30.98 5.27
C THR C 32 21.13 30.30 5.58
N GLU C 33 21.24 29.65 6.75
CA GLU C 33 22.45 28.90 7.10
C GLU C 33 22.81 28.01 5.93
N ASP C 34 21.77 27.37 5.40
CA ASP C 34 21.86 26.29 4.43
C ASP C 34 22.51 26.69 3.13
N ALA C 35 22.23 27.90 2.69
CA ALA C 35 22.79 28.33 1.42
C ALA C 35 24.28 28.57 1.53
N GLN C 36 24.78 28.83 2.75
CA GLN C 36 26.12 29.38 2.92
C GLN C 36 27.15 28.60 2.15
N GLY C 37 27.01 27.29 2.12
CA GLY C 37 27.95 26.50 1.37
C GLY C 37 27.60 26.45 -0.09
N LEU C 38 26.30 26.54 -0.38
CA LEU C 38 25.78 26.37 -1.73
C LEU C 38 25.85 27.60 -2.65
N ILE C 39 25.42 28.76 -2.16
CA ILE C 39 25.28 29.92 -3.04
C ILE C 39 25.64 31.28 -2.42
N ASN C 40 26.51 32.02 -3.12
CA ASN C 40 26.85 33.37 -2.73
C ASN C 40 25.90 34.36 -3.38
N MET C 41 25.25 35.18 -2.55
CA MET C 41 24.31 36.18 -3.06
C MET C 41 24.93 37.57 -3.11
N THR C 42 25.23 38.07 -4.30
CA THR C 42 25.72 39.44 -4.42
C THR C 42 24.53 40.41 -4.35
N LEU C 43 24.75 41.62 -3.84
CA LEU C 43 23.68 42.65 -3.82
C LEU C 43 23.96 43.80 -4.76
N LEU C 44 22.94 44.18 -5.53
CA LEU C 44 23.10 45.22 -6.53
C LEU C 44 22.44 46.55 -6.11
N TYR C 45 23.01 47.67 -6.55
CA TYR C 45 22.49 49.01 -6.26
C TYR C 45 22.09 49.72 -7.57
N HIS C 46 21.05 50.54 -7.63
CA HIS C 46 20.60 50.97 -8.96
C HIS C 46 20.35 52.46 -9.24
N GLN C 47 21.07 52.96 -10.24
CA GLN C 47 21.01 54.32 -10.75
C GLN C 47 20.86 54.24 -12.24
N LEU C 48 21.00 55.38 -12.91
CA LEU C 48 20.91 55.40 -14.35
C LEU C 48 22.26 55.10 -15.02
N ASP C 49 23.33 55.02 -14.24
CA ASP C 49 24.51 54.26 -14.68
C ASP C 49 24.77 52.95 -13.94
N LYS C 50 24.03 52.69 -12.87
CA LYS C 50 24.73 52.13 -11.71
C LYS C 50 25.13 50.68 -11.80
N ILE C 51 24.17 49.77 -11.64
CA ILE C 51 24.54 48.40 -11.35
C ILE C 51 25.43 48.42 -10.10
N GLN C 52 26.75 48.25 -10.24
CA GLN C 52 27.63 48.53 -9.12
C GLN C 52 27.37 47.58 -7.93
N SER C 53 27.76 46.32 -8.10
CA SER C 53 27.62 45.31 -7.07
C SER C 53 28.27 45.77 -5.78
N VAL C 54 27.48 45.77 -4.73
CA VAL C 54 27.93 46.23 -3.43
C VAL C 54 29.06 45.33 -2.89
N SER C 55 29.95 45.90 -2.10
CA SER C 55 31.01 45.10 -1.48
C SER C 55 30.66 44.75 -0.03
N CYS C 56 30.56 43.46 0.25
CA CYS C 56 30.04 42.99 1.52
C CYS C 56 30.96 42.00 2.22
N GLU C 57 30.98 42.06 3.55
CA GLU C 57 31.63 41.09 4.44
C GLU C 57 30.68 40.76 5.58
N LEU C 58 30.76 39.55 6.11
CA LEU C 58 29.69 39.03 6.99
C LEU C 58 29.59 39.72 8.35
N SER C 59 28.37 39.90 8.86
CA SER C 59 28.15 40.46 10.18
C SER C 59 27.39 39.48 11.06
N GLU C 60 27.47 39.66 12.36
CA GLU C 60 26.92 38.67 13.28
C GLU C 60 25.51 39.05 13.76
N LYS C 61 25.03 40.21 13.35
CA LYS C 61 23.69 40.61 13.77
C LYS C 61 23.03 41.43 12.70
N LEU C 62 21.70 41.47 12.76
CA LEU C 62 20.93 42.18 11.77
C LEU C 62 20.43 43.47 12.43
N MET C 63 20.74 44.61 11.82
CA MET C 63 20.55 45.91 12.46
C MET C 63 19.12 46.43 12.39
N TRP C 64 18.50 46.35 11.23
CA TRP C 64 17.14 46.88 11.10
C TRP C 64 16.02 45.86 11.09
N SER C 65 16.37 44.58 11.13
CA SER C 65 15.38 43.52 11.06
C SER C 65 15.90 42.24 11.72
N GLU C 66 15.07 41.20 11.75
CA GLU C 66 15.47 39.87 12.23
C GLU C 66 15.07 38.80 11.20
N CYS C 67 15.69 37.63 11.28
CA CYS C 67 15.45 36.57 10.30
C CYS C 67 13.99 36.19 10.30
N PRO C 68 13.52 35.64 9.18
CA PRO C 68 12.19 35.03 9.18
C PRO C 68 12.08 33.90 10.23
N SER C 69 10.92 33.80 10.85
CA SER C 69 10.71 32.91 11.98
C SER C 69 11.14 31.48 11.70
N SER C 70 10.77 31.02 10.51
CA SER C 70 11.10 29.68 10.06
C SER C 70 12.61 29.41 10.03
N HIS C 71 13.38 30.41 9.61
CA HIS C 71 14.80 30.23 9.29
C HIS C 71 15.80 30.62 10.38
N ARG C 72 17.05 30.32 10.08
CA ARG C 72 18.21 30.79 10.82
C ARG C 72 19.13 31.52 9.87
N CYS C 73 19.27 32.82 10.10
CA CYS C 73 19.86 33.70 9.11
C CYS C 73 21.29 34.09 9.42
N VAL C 74 22.09 34.09 8.36
CA VAL C 74 23.48 34.50 8.37
C VAL C 74 23.59 35.96 7.90
N PRO C 75 23.78 36.89 8.84
CA PRO C 75 23.70 38.27 8.35
C PRO C 75 24.95 38.69 7.61
N ARG C 76 24.80 39.68 6.73
CA ARG C 76 25.89 40.39 6.06
C ARG C 76 25.85 41.86 6.48
N ARG C 77 26.99 42.54 6.43
CA ARG C 77 27.01 44.01 6.48
C ARG C 77 27.67 44.52 5.21
N CYS C 78 26.92 45.26 4.41
CA CYS C 78 27.43 45.86 3.18
C CYS C 78 27.46 47.39 3.33
N VAL C 79 28.57 47.99 2.88
CA VAL C 79 28.73 49.45 2.83
C VAL C 79 29.33 49.92 1.51
N ILE C 80 28.76 50.99 0.98
CA ILE C 80 29.22 51.60 -0.26
C ILE C 80 29.34 53.11 0.00
N PRO C 81 30.15 53.84 -0.77
CA PRO C 81 30.11 55.29 -0.57
C PRO C 81 28.97 56.00 -1.32
N TYR C 82 28.35 57.03 -0.74
CA TYR C 82 27.50 57.93 -1.54
C TYR C 82 27.79 59.38 -1.18
N THR C 83 28.40 60.10 -2.11
CA THR C 83 28.77 61.47 -1.84
C THR C 83 27.53 62.33 -1.92
N ARG C 84 26.63 61.98 -2.82
CA ARG C 84 25.54 62.88 -3.16
C ARG C 84 24.13 62.34 -2.97
N PHE C 85 23.20 63.28 -2.92
CA PHE C 85 21.79 62.98 -2.80
C PHE C 85 21.07 63.77 -3.85
N SER C 86 19.93 63.26 -4.24
CA SER C 86 19.01 64.07 -4.98
C SER C 86 17.63 63.60 -4.62
N ASN C 87 16.62 64.29 -5.15
CA ASN C 87 15.26 63.80 -5.06
C ASN C 87 14.85 63.14 -6.37
N GLY C 88 15.78 63.13 -7.31
CA GLY C 88 15.52 62.56 -8.62
C GLY C 88 16.20 61.23 -8.88
N ASP C 89 16.77 60.62 -7.84
CA ASP C 89 17.43 59.32 -8.02
C ASP C 89 16.54 58.17 -7.56
N ASN C 90 16.48 57.13 -8.37
CA ASN C 90 15.59 56.04 -8.10
C ASN C 90 16.31 54.77 -7.67
N ASP C 91 16.22 54.46 -6.38
CA ASP C 91 17.12 53.48 -5.79
C ASP C 91 16.53 52.06 -5.59
N TYR C 92 16.98 51.16 -6.47
CA TYR C 92 16.54 49.78 -6.50
C TYR C 92 17.71 48.93 -6.10
N TYR C 93 17.44 47.86 -5.39
CA TYR C 93 18.47 46.89 -5.07
C TYR C 93 17.97 45.53 -5.51
N SER C 94 18.84 44.72 -6.08
CA SER C 94 18.48 43.34 -6.34
C SER C 94 19.57 42.41 -5.80
N PHE C 95 19.20 41.14 -5.66
CA PHE C 95 20.12 40.09 -5.30
C PHE C 95 20.22 39.16 -6.47
N GLN C 96 21.42 38.66 -6.75
CA GLN C 96 21.55 37.61 -7.75
C GLN C 96 22.70 36.65 -7.44
N PRO C 97 22.65 35.43 -7.99
CA PRO C 97 23.65 34.37 -7.78
C PRO C 97 24.99 34.65 -8.47
N ASP C 98 26.11 34.13 -7.97
CA ASP C 98 27.40 34.37 -8.60
C ASP C 98 27.48 33.62 -9.93
N ARG C 99 26.59 32.65 -10.10
CA ARG C 99 26.49 31.92 -11.35
C ARG C 99 25.11 32.09 -11.94
N ASP C 100 24.99 31.99 -13.26
CA ASP C 100 23.68 32.00 -13.89
C ASP C 100 23.05 30.67 -13.53
N LEU C 101 21.74 30.55 -13.59
CA LEU C 101 21.11 29.24 -13.40
C LEU C 101 19.71 29.24 -13.99
N GLY C 102 18.97 28.15 -13.75
CA GLY C 102 17.72 27.95 -14.46
C GLY C 102 17.92 27.05 -15.68
N ILE C 103 16.83 26.63 -16.29
CA ILE C 103 16.93 25.60 -17.30
C ILE C 103 15.93 25.88 -18.41
N GLN C 104 16.34 25.56 -19.63
CA GLN C 104 15.59 25.90 -20.82
C GLN C 104 15.35 24.61 -21.56
N LEU C 105 14.11 24.35 -21.96
CA LEU C 105 13.77 23.06 -22.56
C LEU C 105 12.78 23.25 -23.71
N MET C 106 13.00 22.49 -24.77
CA MET C 106 12.13 22.53 -25.91
C MET C 106 11.25 21.27 -25.95
N VAL C 107 9.95 21.47 -26.09
CA VAL C 107 8.97 20.40 -25.97
C VAL C 107 8.18 20.29 -27.28
N PRO C 108 8.65 19.44 -28.20
CA PRO C 108 7.76 19.22 -29.35
C PRO C 108 6.44 18.69 -28.84
N LEU C 109 5.36 19.38 -29.18
CA LEU C 109 4.13 19.19 -28.45
C LEU C 109 3.48 17.85 -28.75
N ALA C 110 3.78 17.27 -29.91
CA ALA C 110 3.27 15.94 -30.19
C ALA C 110 4.08 14.94 -29.38
N GLN C 111 5.40 15.03 -29.46
CA GLN C 111 6.24 13.99 -28.85
C GLN C 111 6.12 13.88 -27.35
N HIS C 112 5.56 14.90 -26.70
CA HIS C 112 5.28 14.73 -25.29
C HIS C 112 3.79 14.81 -24.98
N VAL C 113 3.12 13.68 -25.00
CA VAL C 113 1.68 13.75 -24.79
C VAL C 113 1.22 12.72 -23.78
N GLN C 114 0.66 13.23 -22.70
CA GLN C 114 0.17 12.33 -21.69
C GLN C 114 -1.33 12.46 -21.72
N PRO C 115 -2.01 11.46 -22.32
CA PRO C 115 -3.46 11.48 -22.41
C PRO C 115 -4.13 11.64 -21.07
N PRO C 116 -5.35 12.16 -21.07
CA PRO C 116 -6.17 12.17 -19.86
C PRO C 116 -6.48 10.74 -19.36
N PRO C 117 -6.33 10.51 -18.04
CA PRO C 117 -6.55 9.23 -17.38
C PRO C 117 -8.03 8.87 -17.31
N PRO C 118 -8.37 7.57 -17.46
CA PRO C 118 -9.77 7.14 -17.37
C PRO C 118 -10.40 7.53 -16.03
N LYS C 119 -11.71 7.71 -16.06
CA LYS C 119 -12.45 8.35 -14.98
C LYS C 119 -13.76 7.63 -14.77
N ASP C 120 -14.33 7.75 -13.57
CA ASP C 120 -15.66 7.22 -13.27
C ASP C 120 -15.73 5.77 -13.66
N ILE C 121 -14.75 5.05 -13.13
CA ILE C 121 -14.52 3.67 -13.41
C ILE C 121 -15.47 2.83 -12.59
N HIS C 122 -15.98 1.75 -13.19
CA HIS C 122 -16.97 0.92 -12.52
C HIS C 122 -16.81 -0.57 -12.82
N ILE C 123 -16.91 -1.40 -11.77
CA ILE C 123 -16.98 -2.85 -11.96
C ILE C 123 -18.35 -3.37 -11.51
N SER C 124 -19.06 -4.03 -12.40
CA SER C 124 -20.31 -4.59 -11.98
C SER C 124 -20.34 -6.06 -12.31
N PRO C 125 -20.81 -6.87 -11.34
CA PRO C 125 -20.90 -8.30 -11.59
C PRO C 125 -21.84 -8.51 -12.74
N SER C 126 -21.51 -9.42 -13.63
CA SER C 126 -22.46 -9.72 -14.65
C SER C 126 -22.50 -11.20 -14.98
N GLY C 127 -23.60 -11.89 -14.72
CA GLY C 127 -23.84 -13.19 -15.32
C GLY C 127 -22.62 -14.11 -15.27
N ASP C 128 -22.23 -14.61 -16.43
CA ASP C 128 -20.94 -15.29 -16.58
C ASP C 128 -19.83 -14.24 -16.63
N HIS C 129 -20.11 -13.15 -17.34
CA HIS C 129 -19.13 -12.13 -17.72
C HIS C 129 -18.70 -11.23 -16.53
N PHE C 130 -17.87 -10.23 -16.79
CA PHE C 130 -17.60 -9.21 -15.80
C PHE C 130 -17.49 -7.83 -16.46
N LEU C 131 -18.23 -6.85 -15.94
CA LEU C 131 -18.39 -5.58 -16.62
C LEU C 131 -17.53 -4.47 -16.03
N LEU C 132 -16.52 -4.06 -16.78
CA LEU C 132 -15.61 -3.01 -16.35
C LEU C 132 -15.87 -1.74 -17.18
N GLU C 133 -16.35 -0.71 -16.48
CA GLU C 133 -16.74 0.55 -17.09
C GLU C 133 -15.78 1.66 -16.74
N TRP C 134 -15.49 2.52 -17.70
CA TRP C 134 -14.76 3.72 -17.37
C TRP C 134 -15.10 4.81 -18.38
N SER C 135 -14.73 6.04 -18.06
CA SER C 135 -15.02 7.18 -18.94
C SER C 135 -13.78 8.07 -19.13
N VAL C 136 -13.67 8.68 -20.31
CA VAL C 136 -12.58 9.61 -20.62
C VAL C 136 -13.10 10.90 -21.26
N SER C 137 -12.47 12.01 -20.91
CA SER C 137 -12.88 13.33 -21.40
C SER C 137 -11.87 13.89 -22.41
N LEU C 138 -12.30 13.97 -23.67
CA LEU C 138 -11.47 14.53 -24.75
C LEU C 138 -11.79 15.99 -25.11
N GLY C 139 -12.80 16.57 -24.47
CA GLY C 139 -13.18 17.95 -24.76
C GLY C 139 -14.21 18.13 -25.86
N ASP C 140 -14.46 19.39 -26.20
CA ASP C 140 -15.47 19.74 -27.19
C ASP C 140 -14.88 20.50 -28.39
N SER C 141 -15.41 20.22 -29.57
CA SER C 141 -16.47 19.24 -29.72
C SER C 141 -16.16 18.25 -30.83
N GLN C 142 -16.21 18.75 -32.06
CA GLN C 142 -16.05 17.91 -33.24
C GLN C 142 -14.59 17.50 -33.41
N VAL C 143 -13.65 18.44 -33.29
CA VAL C 143 -12.23 18.08 -33.35
C VAL C 143 -11.34 18.82 -32.36
N SER C 144 -10.65 18.07 -31.50
CA SER C 144 -9.38 18.56 -30.94
C SER C 144 -8.34 17.45 -30.92
N TRP C 145 -7.36 17.55 -31.82
CA TRP C 145 -6.26 16.58 -31.89
C TRP C 145 -6.68 15.11 -31.91
N LEU C 146 -6.32 14.37 -30.87
CA LEU C 146 -6.65 12.95 -30.68
C LEU C 146 -8.14 12.59 -30.66
N SER C 147 -8.53 11.67 -31.54
CA SER C 147 -9.87 11.07 -31.54
C SER C 147 -9.92 9.73 -30.77
N SER C 148 -10.96 8.95 -31.03
CA SER C 148 -10.99 7.54 -30.65
C SER C 148 -9.70 6.84 -31.09
N LYS C 149 -9.18 7.27 -32.23
CA LYS C 149 -7.78 7.10 -32.54
C LYS C 149 -7.20 8.51 -32.65
N ASP C 150 -6.07 8.76 -31.99
CA ASP C 150 -5.20 7.68 -31.52
C ASP C 150 -5.24 7.45 -30.01
N ILE C 151 -5.89 6.38 -29.60
CA ILE C 151 -6.08 6.14 -28.20
C ILE C 151 -6.29 4.64 -27.94
N GLU C 152 -5.91 4.20 -26.76
CA GLU C 152 -5.91 2.80 -26.44
C GLU C 152 -5.92 2.69 -24.93
N PHE C 153 -6.35 1.55 -24.40
CA PHE C 153 -6.45 1.42 -22.96
C PHE C 153 -5.77 0.19 -22.48
N GLU C 154 -4.90 0.36 -21.49
CA GLU C 154 -4.29 -0.77 -20.84
C GLU C 154 -5.02 -0.93 -19.53
N VAL C 155 -5.56 -2.13 -19.34
CA VAL C 155 -6.25 -2.44 -18.10
C VAL C 155 -5.47 -3.56 -17.43
N ALA C 156 -5.28 -3.40 -16.13
CA ALA C 156 -4.51 -4.33 -15.36
C ALA C 156 -5.29 -4.66 -14.13
N TYR C 157 -5.31 -5.97 -13.82
CA TYR C 157 -6.07 -6.59 -12.74
C TYR C 157 -5.19 -7.56 -11.98
N LYS C 158 -5.49 -7.70 -10.69
CA LYS C 158 -4.79 -8.62 -9.77
C LYS C 158 -5.68 -8.95 -8.57
N ARG C 159 -5.30 -9.97 -7.80
CA ARG C 159 -5.96 -10.21 -6.51
C ARG C 159 -5.37 -9.23 -5.48
N LEU C 160 -6.14 -8.90 -4.44
CA LEU C 160 -5.67 -8.00 -3.40
C LEU C 160 -4.29 -8.38 -2.96
N GLN C 161 -4.10 -9.66 -2.66
CA GLN C 161 -2.86 -10.14 -2.06
C GLN C 161 -1.60 -9.92 -2.91
N ASP C 162 -1.77 -9.79 -4.22
CA ASP C 162 -0.63 -9.59 -5.12
C ASP C 162 -0.12 -8.16 -5.12
N SER C 163 1.16 -7.99 -5.50
CA SER C 163 1.73 -6.66 -5.79
C SER C 163 1.50 -6.28 -7.24
N TRP C 164 1.23 -5.01 -7.49
CA TRP C 164 0.78 -4.58 -8.83
C TRP C 164 1.77 -4.88 -9.94
N GLU C 165 3.01 -5.23 -9.61
CA GLU C 165 3.98 -5.52 -10.65
C GLU C 165 3.63 -6.86 -11.32
N ASP C 166 3.02 -7.75 -10.55
CA ASP C 166 2.74 -9.08 -11.05
C ASP C 166 1.56 -9.12 -11.99
N ALA C 167 0.66 -8.16 -11.85
CA ALA C 167 -0.65 -8.23 -12.50
C ALA C 167 -0.55 -8.43 -14.02
N SER C 168 -1.55 -9.10 -14.59
CA SER C 168 -1.59 -9.28 -16.04
C SER C 168 -2.36 -8.10 -16.61
N SER C 169 -2.47 -8.01 -17.93
CA SER C 169 -3.09 -6.83 -18.49
C SER C 169 -3.79 -7.07 -19.82
N LEU C 170 -4.60 -6.11 -20.24
CA LEU C 170 -5.29 -6.21 -21.53
C LEU C 170 -5.33 -4.87 -22.25
N HIS C 171 -5.35 -4.91 -23.58
CA HIS C 171 -5.38 -3.70 -24.39
C HIS C 171 -6.61 -3.70 -25.31
N THR C 172 -7.52 -2.74 -25.10
CA THR C 172 -8.70 -2.57 -25.98
C THR C 172 -8.98 -1.10 -26.30
N SER C 173 -9.74 -0.88 -27.36
CA SER C 173 -10.06 0.46 -27.82
C SER C 173 -11.42 0.96 -27.34
N ASN C 174 -12.09 0.17 -26.52
CA ASN C 174 -13.47 0.48 -26.14
C ASN C 174 -13.49 0.89 -24.67
N PHE C 175 -14.52 1.63 -24.26
CA PHE C 175 -14.54 2.29 -22.95
C PHE C 175 -15.00 1.33 -21.87
N GLN C 176 -15.18 0.10 -22.30
CA GLN C 176 -15.53 -1.03 -21.44
C GLN C 176 -14.86 -2.32 -21.91
N VAL C 177 -14.60 -3.21 -20.98
CA VAL C 177 -14.15 -4.54 -21.37
C VAL C 177 -14.89 -5.57 -20.53
N ASN C 178 -15.26 -6.68 -21.15
CA ASN C 178 -15.88 -7.78 -20.41
C ASN C 178 -14.80 -8.79 -20.10
N LEU C 179 -14.55 -8.97 -18.81
CA LEU C 179 -13.50 -9.89 -18.40
C LEU C 179 -14.15 -11.24 -18.26
N GLU C 180 -13.79 -12.15 -19.15
CA GLU C 180 -14.30 -13.49 -19.05
C GLU C 180 -14.01 -14.03 -17.66
N PRO C 181 -14.86 -14.91 -17.15
CA PRO C 181 -14.43 -15.67 -16.00
C PRO C 181 -13.43 -16.66 -16.53
N LYS C 182 -12.67 -17.31 -15.67
CA LYS C 182 -11.60 -18.22 -16.07
C LYS C 182 -10.40 -17.38 -16.43
N LEU C 183 -10.55 -16.08 -16.27
CA LEU C 183 -9.44 -15.18 -16.30
C LEU C 183 -8.92 -15.05 -14.89
N PHE C 184 -9.72 -15.58 -13.97
CA PHE C 184 -9.54 -15.38 -12.52
C PHE C 184 -9.57 -16.69 -11.76
N LEU C 185 -8.97 -16.67 -10.58
CA LEU C 185 -9.08 -17.76 -9.63
C LEU C 185 -10.38 -17.58 -8.87
N PRO C 186 -11.09 -18.68 -8.65
CA PRO C 186 -12.49 -18.52 -8.28
C PRO C 186 -12.78 -17.82 -6.97
N ASN C 187 -12.21 -18.22 -5.86
CA ASN C 187 -12.81 -17.66 -4.68
C ASN C 187 -12.11 -16.41 -4.18
N SER C 188 -11.17 -15.90 -4.97
CA SER C 188 -10.35 -14.75 -4.57
C SER C 188 -11.03 -13.38 -4.61
N ILE C 189 -10.30 -12.36 -4.14
CA ILE C 189 -10.75 -10.96 -4.22
C ILE C 189 -9.87 -10.06 -5.09
N TYR C 190 -10.43 -9.46 -6.12
CA TYR C 190 -9.62 -8.88 -7.16
C TYR C 190 -9.62 -7.35 -7.18
N ALA C 191 -8.56 -6.80 -7.75
CA ALA C 191 -8.49 -5.38 -8.05
C ALA C 191 -8.24 -5.15 -9.54
N ALA C 192 -8.64 -3.98 -10.03
CA ALA C 192 -8.32 -3.61 -11.39
C ALA C 192 -8.21 -2.11 -11.50
N ARG C 193 -7.46 -1.65 -12.50
CA ARG C 193 -7.45 -0.23 -12.88
C ARG C 193 -7.09 -0.06 -14.32
N VAL C 194 -7.45 1.09 -14.86
CA VAL C 194 -7.12 1.40 -16.24
C VAL C 194 -6.36 2.74 -16.38
N ARG C 195 -5.56 2.80 -17.45
CA ARG C 195 -4.93 4.01 -17.85
C ARG C 195 -4.96 4.04 -19.36
N THR C 196 -4.79 5.24 -19.91
CA THR C 196 -4.87 5.51 -21.34
C THR C 196 -3.52 5.49 -21.99
N ARG C 197 -3.42 4.92 -23.18
CA ARG C 197 -2.12 4.85 -23.81
C ARG C 197 -2.21 5.39 -25.22
N LEU C 198 -1.07 5.59 -25.87
CA LEU C 198 -1.10 5.98 -27.27
C LEU C 198 -1.07 4.74 -28.13
N SER C 199 -2.00 4.67 -29.07
CA SER C 199 -2.05 3.56 -30.02
C SER C 199 -0.78 3.58 -30.84
N ALA C 200 -0.16 2.42 -31.04
CA ALA C 200 1.13 2.36 -31.73
C ALA C 200 1.08 3.06 -33.09
N GLY C 201 -0.09 3.07 -33.72
CA GLY C 201 -0.24 3.67 -35.04
C GLY C 201 -0.51 5.16 -34.96
N SER C 202 -0.20 5.76 -33.81
CA SER C 202 -0.48 7.17 -33.59
C SER C 202 0.44 8.11 -34.30
N SER C 203 1.73 7.76 -34.31
CA SER C 203 2.82 8.67 -34.65
C SER C 203 3.05 9.68 -33.52
N LEU C 204 2.11 9.76 -32.59
CA LEU C 204 2.30 10.53 -31.35
C LEU C 204 3.12 9.73 -30.35
N SER C 205 3.79 10.44 -29.45
CA SER C 205 4.73 9.82 -28.52
C SER C 205 4.56 10.42 -27.11
N GLY C 206 4.86 9.63 -26.08
CA GLY C 206 4.81 10.13 -24.71
C GLY C 206 4.49 9.14 -23.60
N ARG C 207 4.17 9.70 -22.43
CA ARG C 207 3.81 8.91 -21.26
C ARG C 207 2.34 8.56 -21.19
N PRO C 208 2.02 7.27 -21.07
CA PRO C 208 0.66 6.82 -20.75
C PRO C 208 0.12 7.53 -19.53
N SER C 209 -1.19 7.60 -19.45
CA SER C 209 -1.85 8.41 -18.45
C SER C 209 -1.64 7.87 -17.06
N ARG C 210 -1.87 8.73 -16.06
CA ARG C 210 -1.96 8.30 -14.66
C ARG C 210 -3.06 7.25 -14.61
N TRP C 211 -3.04 6.31 -13.66
CA TRP C 211 -4.07 5.24 -13.63
C TRP C 211 -5.41 5.70 -13.09
N SER C 212 -6.48 4.99 -13.48
CA SER C 212 -7.79 5.21 -12.89
C SER C 212 -7.74 4.83 -11.43
N PRO C 213 -8.76 5.17 -10.65
CA PRO C 213 -8.68 4.56 -9.33
C PRO C 213 -8.87 3.06 -9.47
N GLU C 214 -8.40 2.26 -8.51
CA GLU C 214 -8.64 0.82 -8.60
C GLU C 214 -10.07 0.53 -8.22
N VAL C 215 -10.52 -0.65 -8.58
CA VAL C 215 -11.82 -1.07 -8.14
C VAL C 215 -11.80 -2.57 -7.80
N HIS C 216 -12.55 -2.97 -6.77
CA HIS C 216 -12.46 -4.31 -6.19
C HIS C 216 -13.74 -5.12 -6.26
N TRP C 217 -13.60 -6.43 -6.45
CA TRP C 217 -14.75 -7.34 -6.44
C TRP C 217 -14.41 -8.82 -6.16
N ASP C 218 -15.44 -9.61 -5.87
CA ASP C 218 -15.29 -11.06 -5.72
C ASP C 218 -15.46 -11.73 -7.07
N SER C 219 -14.57 -12.68 -7.38
CA SER C 219 -14.64 -13.43 -8.64
C SER C 219 -15.65 -14.55 -8.54
N GLN C 220 -15.71 -15.39 -9.57
CA GLN C 220 -16.70 -16.48 -9.63
C GLN C 220 -16.69 -17.36 -8.39
N PRO C 221 -17.85 -17.78 -7.90
CA PRO C 221 -17.82 -18.66 -6.72
C PRO C 221 -17.21 -19.99 -7.12
N GLY C 222 -16.73 -20.77 -6.16
CA GLY C 222 -15.99 -21.99 -6.49
C GLY C 222 -16.16 -23.09 -5.47
N ASP C 223 -15.53 -24.24 -5.71
CA ASP C 223 -15.77 -25.39 -4.84
C ASP C 223 -15.37 -25.11 -3.39
N LYS C 224 -14.28 -24.37 -3.19
CA LYS C 224 -13.87 -23.84 -1.90
C LYS C 224 -13.23 -24.94 -1.08
N ALA C 225 -13.41 -26.19 -1.45
CA ALA C 225 -12.58 -27.22 -0.87
C ALA C 225 -11.54 -27.70 -1.84
N GLN C 226 -11.59 -27.18 -3.07
CA GLN C 226 -10.66 -27.66 -4.08
C GLN C 226 -9.39 -26.83 -4.12
N PRO C 227 -8.27 -27.49 -4.43
CA PRO C 227 -7.03 -26.75 -4.64
C PRO C 227 -7.08 -25.99 -5.94
N GLN C 228 -6.70 -24.72 -5.90
CA GLN C 228 -6.62 -23.92 -7.11
C GLN C 228 -5.24 -23.35 -7.25
N ASN C 229 -4.94 -22.84 -8.45
CA ASN C 229 -3.68 -22.19 -8.69
C ASN C 229 -2.47 -23.13 -8.58
N LEU C 230 -2.50 -24.24 -9.30
CA LEU C 230 -1.33 -25.07 -9.40
C LEU C 230 -0.30 -24.37 -10.25
N GLN C 231 0.89 -24.10 -9.71
CA GLN C 231 1.95 -23.52 -10.53
C GLN C 231 3.34 -24.13 -10.37
N CYS C 232 3.82 -24.77 -11.43
CA CYS C 232 5.09 -25.49 -11.41
C CYS C 232 6.03 -24.88 -12.45
N PHE C 233 7.25 -24.49 -12.05
CA PHE C 233 8.25 -23.85 -12.95
C PHE C 233 9.66 -24.38 -12.80
N PHE C 234 10.38 -24.45 -13.92
CA PHE C 234 11.66 -25.18 -14.01
C PHE C 234 12.88 -24.23 -14.01
N ASP C 235 13.91 -24.54 -13.24
CA ASP C 235 15.04 -23.62 -13.14
C ASP C 235 16.12 -23.98 -14.16
N GLY C 236 15.86 -24.97 -14.99
CA GLY C 236 16.79 -25.31 -16.05
C GLY C 236 17.90 -26.21 -15.54
N ILE C 237 18.09 -26.22 -14.23
CA ILE C 237 18.98 -27.20 -13.60
C ILE C 237 18.30 -28.16 -12.61
N GLN C 238 17.97 -29.36 -13.08
CA GLN C 238 17.53 -30.49 -12.23
C GLN C 238 16.61 -30.20 -11.01
N SER C 239 15.71 -29.23 -11.11
CA SER C 239 14.68 -29.01 -10.08
C SER C 239 13.43 -28.34 -10.69
N LEU C 240 12.23 -28.70 -10.26
CA LEU C 240 11.02 -28.04 -10.75
C LEU C 240 10.13 -27.59 -9.57
N HIS C 241 9.91 -26.29 -9.41
CA HIS C 241 9.32 -25.79 -8.16
C HIS C 241 7.85 -25.52 -8.26
N CYS C 242 7.04 -26.37 -7.64
CA CYS C 242 5.61 -26.21 -7.78
C CYS C 242 4.96 -25.59 -6.55
N SER C 243 3.84 -24.90 -6.78
CA SER C 243 3.04 -24.35 -5.70
C SER C 243 1.56 -24.32 -6.06
N TRP C 244 0.73 -24.30 -5.01
CA TRP C 244 -0.73 -24.37 -5.10
C TRP C 244 -1.35 -23.74 -3.86
N GLU C 245 -2.67 -23.53 -3.88
CA GLU C 245 -3.40 -22.92 -2.77
C GLU C 245 -4.55 -23.81 -2.34
N VAL C 246 -4.90 -23.80 -1.06
CA VAL C 246 -6.25 -24.27 -0.66
C VAL C 246 -6.90 -23.31 0.31
N TRP C 247 -8.23 -23.38 0.36
CA TRP C 247 -9.01 -22.69 1.37
C TRP C 247 -8.57 -23.17 2.76
N THR C 248 -8.19 -22.25 3.65
CA THR C 248 -7.67 -22.63 4.97
C THR C 248 -8.66 -23.48 5.78
N GLN C 249 -9.95 -23.17 5.67
CA GLN C 249 -10.99 -23.89 6.44
C GLN C 249 -10.92 -25.40 6.25
N THR C 250 -10.60 -25.78 5.02
CA THR C 250 -10.50 -27.17 4.62
C THR C 250 -9.51 -27.94 5.46
N THR C 251 -8.30 -27.41 5.53
CA THR C 251 -7.12 -28.15 5.97
C THR C 251 -7.27 -28.99 7.24
N GLY C 252 -8.14 -28.55 8.15
CA GLY C 252 -8.46 -29.37 9.31
C GLY C 252 -9.07 -30.72 8.93
N SER C 253 -9.98 -30.68 7.97
CA SER C 253 -10.63 -31.90 7.50
C SER C 253 -9.84 -32.69 6.47
N VAL C 254 -9.11 -32.06 5.57
CA VAL C 254 -8.50 -32.83 4.50
C VAL C 254 -7.03 -32.41 4.22
N SER C 255 -6.19 -33.37 3.81
CA SER C 255 -4.84 -33.04 3.38
C SER C 255 -4.54 -33.50 1.96
N PHE C 256 -3.50 -32.92 1.35
CA PHE C 256 -3.07 -33.23 -0.02
C PHE C 256 -1.59 -33.51 -0.10
N GLY C 257 -1.14 -33.97 -1.26
CA GLY C 257 0.27 -34.15 -1.50
C GLY C 257 0.57 -33.94 -2.97
N LEU C 258 1.83 -33.64 -3.27
CA LEU C 258 2.15 -33.36 -4.64
C LEU C 258 2.71 -34.61 -5.27
N PHE C 259 2.18 -34.99 -6.43
CA PHE C 259 2.74 -36.12 -7.16
C PHE C 259 3.04 -35.76 -8.62
N TYR C 260 4.10 -36.34 -9.14
CA TYR C 260 4.57 -35.98 -10.46
C TYR C 260 4.98 -37.17 -11.28
N ARG C 261 4.51 -37.17 -12.53
CA ARG C 261 4.92 -38.14 -13.52
C ARG C 261 5.87 -37.55 -14.53
N PRO C 262 7.17 -37.86 -14.42
CA PRO C 262 8.02 -37.47 -15.53
C PRO C 262 7.54 -38.23 -16.73
N SER C 263 7.32 -37.64 -17.90
CA SER C 263 6.64 -38.38 -18.97
C SER C 263 5.19 -38.69 -18.53
N PRO C 264 4.27 -38.90 -19.49
CA PRO C 264 2.91 -39.33 -19.11
C PRO C 264 2.80 -40.81 -18.66
N ALA C 265 3.80 -41.60 -18.97
CA ALA C 265 3.74 -43.03 -18.75
C ALA C 265 4.37 -43.57 -17.46
N ALA C 266 4.87 -42.70 -16.59
CA ALA C 266 5.77 -43.17 -15.53
C ALA C 266 5.08 -43.60 -14.23
N PRO C 267 5.85 -44.11 -13.26
CA PRO C 267 5.43 -44.37 -11.88
C PRO C 267 5.29 -43.13 -10.97
N GLU C 268 4.08 -42.60 -10.74
CA GLU C 268 3.87 -41.40 -9.92
C GLU C 268 4.71 -41.38 -8.65
N GLU C 269 5.36 -40.25 -8.42
CA GLU C 269 6.24 -40.09 -7.28
C GLU C 269 5.67 -39.00 -6.43
N LYS C 270 6.14 -38.91 -5.20
CA LYS C 270 5.56 -38.01 -4.21
C LYS C 270 6.59 -37.00 -3.75
N CYS C 271 6.38 -35.73 -4.01
CA CYS C 271 7.34 -34.75 -3.54
C CYS C 271 7.33 -34.68 -2.02
N SER C 272 8.52 -34.61 -1.44
CA SER C 272 8.68 -34.30 -0.04
C SER C 272 9.97 -33.52 0.13
N PRO C 273 9.97 -32.57 1.07
CA PRO C 273 8.80 -32.25 1.88
C PRO C 273 7.78 -31.39 1.14
N VAL C 274 6.80 -30.94 1.90
CA VAL C 274 5.86 -29.97 1.40
C VAL C 274 5.80 -28.89 2.47
N VAL C 275 6.07 -27.65 2.08
CA VAL C 275 6.12 -26.56 3.03
C VAL C 275 4.87 -25.73 2.91
N LYS C 276 4.42 -25.17 4.01
CA LYS C 276 3.29 -24.28 3.91
C LYS C 276 3.64 -22.85 4.28
N GLU C 277 3.25 -21.92 3.39
CA GLU C 277 3.48 -20.51 3.61
C GLU C 277 2.35 -20.07 4.56
N PRO C 278 2.36 -18.79 5.03
CA PRO C 278 1.62 -18.66 6.30
C PRO C 278 0.12 -19.01 6.19
N GLN C 279 -0.68 -18.48 5.26
CA GLN C 279 -0.49 -17.21 4.55
C GLN C 279 -1.67 -16.34 4.96
N ALA C 280 -1.49 -15.03 5.10
CA ALA C 280 -2.50 -14.29 5.82
C ALA C 280 -3.55 -13.82 4.86
N SER C 281 -4.65 -14.56 4.91
CA SER C 281 -5.69 -14.52 3.91
C SER C 281 -6.56 -15.71 4.27
N VAL C 282 -7.64 -15.89 3.53
CA VAL C 282 -8.48 -17.05 3.77
C VAL C 282 -7.78 -18.27 3.20
N TYR C 283 -6.85 -18.05 2.28
CA TYR C 283 -6.10 -19.17 1.72
C TYR C 283 -4.94 -19.61 2.60
N THR C 284 -4.47 -20.84 2.36
CA THR C 284 -3.21 -21.33 2.91
C THR C 284 -2.37 -21.78 1.70
N ARG C 285 -1.09 -21.44 1.66
CA ARG C 285 -0.32 -21.71 0.45
C ARG C 285 0.75 -22.79 0.61
N TYR C 286 0.84 -23.68 -0.37
CA TYR C 286 1.79 -24.78 -0.31
C TYR C 286 2.76 -24.75 -1.48
N ARG C 287 4.00 -25.13 -1.20
CA ARG C 287 4.98 -25.37 -2.25
C ARG C 287 5.80 -26.59 -1.93
N CYS C 288 6.18 -27.31 -2.98
CA CYS C 288 7.15 -28.39 -2.90
C CYS C 288 8.11 -28.21 -4.08
N SER C 289 9.31 -28.77 -3.96
CA SER C 289 10.26 -28.79 -5.08
C SER C 289 10.60 -30.23 -5.38
N LEU C 290 10.50 -30.61 -6.64
CA LEU C 290 10.80 -31.98 -7.04
C LEU C 290 11.93 -31.98 -8.07
N PRO C 291 12.84 -32.96 -7.97
CA PRO C 291 13.99 -33.10 -8.88
C PRO C 291 13.68 -33.67 -10.28
N VAL C 292 14.32 -33.11 -11.31
CA VAL C 292 14.13 -33.50 -12.72
C VAL C 292 15.39 -34.14 -13.30
N PRO C 293 15.41 -35.47 -13.41
CA PRO C 293 16.66 -36.17 -13.74
C PRO C 293 17.23 -35.91 -15.12
N GLU C 294 16.43 -36.08 -16.15
CA GLU C 294 16.97 -36.02 -17.50
C GLU C 294 16.02 -35.30 -18.42
N PRO C 295 15.87 -33.98 -18.21
CA PRO C 295 14.96 -33.15 -18.99
C PRO C 295 15.33 -33.14 -20.45
N SER C 296 14.34 -33.32 -21.31
CA SER C 296 14.53 -33.42 -22.75
C SER C 296 13.85 -32.22 -23.38
N ALA C 297 14.24 -31.85 -24.60
CA ALA C 297 13.64 -30.68 -25.26
C ALA C 297 12.12 -30.76 -25.25
N HIS C 298 11.63 -32.00 -25.37
CA HIS C 298 10.21 -32.32 -25.39
C HIS C 298 9.60 -32.80 -24.05
N SER C 299 10.42 -33.00 -23.03
CA SER C 299 9.94 -33.70 -21.83
C SER C 299 8.87 -32.89 -21.09
N GLN C 300 7.80 -33.60 -20.77
CA GLN C 300 6.58 -33.06 -20.19
C GLN C 300 6.30 -33.71 -18.85
N TYR C 301 5.67 -32.96 -17.97
CA TYR C 301 5.34 -33.48 -16.66
C TYR C 301 3.84 -33.32 -16.48
N THR C 302 3.24 -34.33 -15.86
CA THR C 302 1.92 -34.16 -15.27
C THR C 302 2.15 -33.99 -13.79
N VAL C 303 1.84 -32.80 -13.28
CA VAL C 303 1.96 -32.60 -11.85
C VAL C 303 0.58 -32.63 -11.25
N SER C 304 0.47 -33.32 -10.13
CA SER C 304 -0.81 -33.60 -9.51
C SER C 304 -0.87 -33.12 -8.07
N VAL C 305 -1.83 -32.26 -7.77
CA VAL C 305 -2.13 -32.00 -6.38
C VAL C 305 -3.32 -32.87 -6.13
N LYS C 306 -3.12 -33.89 -5.32
CA LYS C 306 -4.15 -34.87 -5.09
C LYS C 306 -4.41 -34.99 -3.62
N HIS C 307 -5.66 -35.27 -3.33
CA HIS C 307 -6.11 -35.59 -2.00
C HIS C 307 -5.56 -36.93 -1.56
N LEU C 308 -5.13 -37.02 -0.32
CA LEU C 308 -4.71 -38.30 0.22
C LEU C 308 -5.57 -38.68 1.42
N GLU C 309 -6.00 -39.94 1.48
CA GLU C 309 -6.93 -40.36 2.51
C GLU C 309 -6.18 -40.77 3.74
N GLN C 310 -6.33 -39.97 4.78
CA GLN C 310 -5.72 -40.26 6.07
C GLN C 310 -6.29 -41.59 6.56
N GLY C 311 -5.46 -42.38 7.22
CA GLY C 311 -5.91 -43.65 7.74
C GLY C 311 -4.92 -44.30 8.68
N LYS C 312 -5.43 -45.17 9.54
CA LYS C 312 -4.59 -45.92 10.48
C LYS C 312 -5.16 -47.28 10.85
N PHE C 313 -4.29 -48.19 11.27
CA PHE C 313 -4.73 -49.45 11.86
C PHE C 313 -5.07 -49.31 13.34
N ILE C 314 -6.29 -49.65 13.72
CA ILE C 314 -6.56 -49.88 15.13
C ILE C 314 -6.34 -51.35 15.58
N MET C 315 -6.62 -52.28 14.68
CA MET C 315 -6.94 -53.73 14.92
C MET C 315 -8.16 -54.04 15.80
N SER C 316 -8.17 -55.25 16.35
CA SER C 316 -9.30 -55.69 17.18
C SER C 316 -8.93 -55.79 18.65
N TYR C 317 -7.66 -55.55 18.96
CA TYR C 317 -7.08 -55.86 20.29
C TYR C 317 -7.12 -54.64 21.19
N TYR C 318 -8.03 -53.71 20.88
CA TYR C 318 -8.54 -52.73 21.84
C TYR C 318 -9.93 -53.11 22.39
N HIS C 319 -10.04 -53.44 23.69
CA HIS C 319 -11.31 -53.90 24.28
C HIS C 319 -11.88 -52.98 25.34
N ILE C 320 -13.21 -53.00 25.49
CA ILE C 320 -13.88 -52.31 26.59
C ILE C 320 -15.06 -53.24 27.04
N GLN C 321 -15.11 -53.70 28.29
CA GLN C 321 -16.04 -54.79 28.62
C GLN C 321 -17.36 -54.61 29.46
N MET C 322 -17.64 -53.41 29.99
CA MET C 322 -18.66 -53.18 31.06
C MET C 322 -18.47 -54.03 32.32
N GLU C 323 -19.50 -54.23 33.19
CA GLU C 323 -19.67 -55.39 34.15
C GLU C 323 -20.62 -55.11 35.36
N PRO C 324 -21.57 -56.01 35.74
CA PRO C 324 -22.13 -56.03 37.11
C PRO C 324 -21.49 -56.94 38.19
N PRO C 325 -21.37 -56.40 39.41
CA PRO C 325 -21.14 -57.20 40.62
C PRO C 325 -22.39 -57.16 41.52
N ILE C 326 -22.57 -58.16 42.39
CA ILE C 326 -23.75 -58.24 43.26
C ILE C 326 -23.36 -58.39 44.73
N LEU C 327 -23.95 -57.50 45.51
CA LEU C 327 -23.68 -57.36 46.94
C LEU C 327 -24.84 -57.91 47.75
N GLN C 328 -24.53 -58.86 48.64
CA GLN C 328 -25.54 -59.63 49.36
C GLN C 328 -26.15 -58.92 50.58
N GLN C 329 -25.32 -58.24 51.38
CA GLN C 329 -25.80 -57.64 52.63
C GLN C 329 -24.98 -56.39 53.05
N THR C 330 -25.37 -55.79 54.18
CA THR C 330 -24.66 -54.66 54.77
C THR C 330 -24.40 -54.88 56.27
N ALA C 331 -23.12 -54.92 56.66
CA ALA C 331 -22.68 -55.15 58.04
C ALA C 331 -23.43 -56.31 58.70
N ASN C 332 -23.98 -56.06 59.88
CA ASN C 332 -24.87 -57.00 60.57
C ASN C 332 -24.22 -58.36 60.90
N ALA C 333 -24.86 -59.45 60.48
CA ALA C 333 -24.30 -60.80 60.62
C ALA C 333 -23.07 -60.89 59.72
N ALA C 334 -22.16 -61.81 60.03
CA ALA C 334 -20.87 -61.89 59.33
C ALA C 334 -21.10 -62.02 57.82
N SER C 335 -20.55 -61.07 57.08
CA SER C 335 -20.88 -60.90 55.67
C SER C 335 -19.63 -60.88 54.82
N TYR C 336 -19.53 -61.81 53.87
CA TYR C 336 -18.34 -61.83 53.03
C TYR C 336 -18.57 -62.11 51.55
N SER C 337 -17.44 -62.28 50.88
CA SER C 337 -17.24 -62.36 49.45
C SER C 337 -17.87 -61.24 48.60
N LEU C 338 -17.96 -61.49 47.29
CA LEU C 338 -18.44 -60.52 46.29
C LEU C 338 -18.70 -61.29 45.00
N HIS C 339 -19.71 -60.94 44.21
CA HIS C 339 -19.92 -61.67 42.96
C HIS C 339 -19.86 -60.73 41.74
N TRP C 340 -19.01 -61.04 40.76
CA TRP C 340 -19.05 -60.33 39.48
C TRP C 340 -19.77 -61.19 38.47
N GLU C 341 -20.87 -60.69 37.93
CA GLU C 341 -21.79 -61.58 37.23
C GLU C 341 -21.34 -61.93 35.79
N THR C 342 -21.49 -61.03 34.82
CA THR C 342 -21.22 -61.41 33.42
C THR C 342 -19.74 -61.21 33.05
N GLN C 343 -19.12 -61.98 32.15
CA GLN C 343 -19.67 -63.07 31.34
C GLN C 343 -20.82 -62.70 30.36
N LYS C 344 -20.67 -61.99 29.22
CA LYS C 344 -19.54 -61.28 28.60
C LYS C 344 -18.21 -62.02 28.62
N ILE C 345 -18.26 -63.33 28.46
CA ILE C 345 -17.05 -64.15 28.51
C ILE C 345 -16.30 -63.93 27.20
N PRO C 346 -15.08 -63.39 27.29
CA PRO C 346 -14.19 -63.44 26.13
C PRO C 346 -13.64 -64.84 25.90
N LYS C 347 -13.31 -65.54 27.00
CA LYS C 347 -12.84 -66.94 27.04
C LYS C 347 -11.44 -67.17 26.45
N TYR C 348 -11.01 -66.21 25.66
CA TYR C 348 -9.76 -66.32 24.93
C TYR C 348 -8.65 -65.72 25.73
N ILE C 349 -9.03 -65.05 26.80
CA ILE C 349 -8.10 -64.16 27.46
C ILE C 349 -8.25 -63.91 28.93
N ASP C 350 -7.25 -63.20 29.39
CA ASP C 350 -7.04 -62.82 30.77
C ASP C 350 -8.03 -61.78 31.18
N HIS C 351 -7.97 -61.38 32.44
CA HIS C 351 -9.01 -60.54 32.98
C HIS C 351 -8.53 -59.38 33.85
N THR C 352 -7.80 -59.70 34.91
CA THR C 352 -7.31 -58.74 35.91
C THR C 352 -8.35 -57.75 36.46
N PHE C 353 -9.42 -58.28 37.03
CA PHE C 353 -10.37 -57.47 37.78
C PHE C 353 -9.66 -56.67 38.86
N GLN C 354 -10.07 -55.40 39.01
CA GLN C 354 -9.56 -54.55 40.07
C GLN C 354 -10.75 -54.15 40.95
N VAL C 355 -10.56 -53.95 42.23
CA VAL C 355 -11.69 -53.71 43.13
C VAL C 355 -11.40 -52.52 44.05
N GLN C 356 -12.43 -51.75 44.41
CA GLN C 356 -12.27 -50.66 45.37
C GLN C 356 -13.51 -50.45 46.26
N TYR C 357 -13.29 -50.19 47.54
CA TYR C 357 -14.36 -50.03 48.52
C TYR C 357 -14.09 -49.01 49.64
N LYS C 358 -15.02 -48.06 49.87
CA LYS C 358 -15.03 -47.21 51.09
C LYS C 358 -16.09 -46.09 51.09
N LYS C 359 -16.21 -45.39 52.23
CA LYS C 359 -16.94 -44.12 52.37
C LYS C 359 -16.02 -43.11 53.09
N LYS C 360 -16.42 -41.83 53.12
CA LYS C 360 -15.65 -40.74 53.76
C LYS C 360 -14.36 -40.39 52.98
N SER C 361 -14.11 -41.10 51.88
CA SER C 361 -12.93 -40.93 51.01
C SER C 361 -12.43 -39.49 50.83
N ASP C 366 -10.59 -39.52 47.58
CA ASP C 366 -9.35 -40.30 47.53
C ASP C 366 -9.59 -41.76 47.21
N SER C 367 -10.55 -42.32 47.93
CA SER C 367 -10.75 -43.76 48.15
C SER C 367 -9.52 -44.48 48.78
N LYS C 368 -9.43 -45.81 48.66
CA LYS C 368 -8.21 -46.58 48.99
C LYS C 368 -8.15 -47.94 48.26
N THR C 369 -7.15 -48.24 47.44
CA THR C 369 -7.30 -49.35 46.47
C THR C 369 -6.82 -50.77 46.87
N GLU C 370 -7.14 -51.74 46.01
CA GLU C 370 -6.52 -53.08 45.97
C GLU C 370 -6.80 -53.76 44.62
N ASN C 371 -6.05 -54.81 44.30
CA ASN C 371 -6.11 -55.43 42.96
C ASN C 371 -6.44 -56.93 42.98
N LEU C 372 -6.41 -57.55 41.81
CA LEU C 372 -6.78 -58.97 41.63
C LEU C 372 -6.36 -59.49 40.26
N GLY C 373 -6.87 -60.66 39.88
CA GLY C 373 -6.93 -61.03 38.48
C GLY C 373 -7.76 -62.28 38.21
N ARG C 374 -8.38 -62.32 37.03
CA ARG C 374 -9.17 -63.45 36.49
C ARG C 374 -9.90 -64.36 37.49
N VAL C 375 -10.81 -63.80 38.27
CA VAL C 375 -11.63 -64.59 39.17
C VAL C 375 -13.09 -64.20 38.90
N ASN C 376 -14.07 -65.00 39.30
CA ASN C 376 -15.47 -64.54 39.27
C ASN C 376 -16.06 -64.11 40.64
N SER C 377 -15.31 -64.22 41.72
CA SER C 377 -15.75 -63.72 43.04
C SER C 377 -14.56 -63.42 43.96
N MET C 378 -14.74 -62.54 44.93
CA MET C 378 -13.63 -62.20 45.83
C MET C 378 -14.01 -62.14 47.30
N ASP C 379 -13.35 -62.95 48.13
CA ASP C 379 -13.58 -63.00 49.57
C ASP C 379 -13.00 -61.76 50.27
N LEU C 380 -13.56 -61.36 51.40
CA LEU C 380 -13.24 -60.05 51.95
C LEU C 380 -12.66 -60.01 53.37
N PRO C 381 -11.92 -58.93 53.66
CA PRO C 381 -11.48 -58.51 55.00
C PRO C 381 -12.66 -58.22 55.95
N GLN C 382 -12.39 -57.71 57.14
CA GLN C 382 -13.42 -57.52 58.17
C GLN C 382 -13.52 -56.09 58.71
N LEU C 383 -14.68 -55.47 58.54
CA LEU C 383 -14.94 -54.13 59.07
C LEU C 383 -15.79 -54.21 60.35
N GLU C 384 -17.08 -54.45 60.11
CA GLU C 384 -18.25 -54.55 61.01
C GLU C 384 -18.62 -53.44 62.02
N PRO C 385 -18.37 -52.21 61.57
CA PRO C 385 -19.12 -50.99 61.89
C PRO C 385 -19.54 -50.23 60.60
N ASP C 386 -20.81 -49.79 60.52
CA ASP C 386 -21.36 -49.09 59.36
C ASP C 386 -21.97 -49.93 58.24
N THR C 387 -21.72 -49.51 57.02
CA THR C 387 -22.41 -50.02 55.85
C THR C 387 -21.45 -50.72 54.93
N SER C 388 -21.92 -51.80 54.29
CA SER C 388 -21.06 -52.53 53.35
C SER C 388 -20.59 -51.51 52.36
N TYR C 389 -21.56 -50.86 51.73
CA TYR C 389 -21.42 -50.09 50.49
C TYR C 389 -20.34 -48.99 50.55
N CYS C 390 -19.65 -48.69 49.44
CA CYS C 390 -20.01 -49.12 48.07
C CYS C 390 -18.86 -49.78 47.27
N ALA C 391 -19.21 -50.68 46.34
CA ALA C 391 -18.24 -51.53 45.60
C ALA C 391 -18.03 -51.18 44.14
N ARG C 392 -16.80 -51.30 43.65
CA ARG C 392 -16.53 -51.06 42.24
C ARG C 392 -15.52 -52.06 41.65
N VAL C 393 -15.78 -52.51 40.44
CA VAL C 393 -14.90 -53.46 39.74
C VAL C 393 -14.56 -53.03 38.30
N ARG C 394 -13.31 -53.23 37.89
CA ARG C 394 -12.84 -52.90 36.55
C ARG C 394 -12.43 -54.19 35.87
N VAL C 395 -12.35 -54.22 34.55
CA VAL C 395 -11.79 -55.40 33.86
C VAL C 395 -10.95 -55.00 32.65
N LYS C 396 -9.80 -55.64 32.45
CA LYS C 396 -8.93 -55.33 31.33
C LYS C 396 -8.30 -56.58 30.72
N PRO C 397 -7.94 -56.53 29.43
CA PRO C 397 -7.02 -57.50 28.79
C PRO C 397 -5.49 -57.33 29.05
N ILE C 398 -4.75 -58.44 29.10
CA ILE C 398 -3.28 -58.41 29.26
C ILE C 398 -2.50 -59.32 28.28
N SER C 399 -1.18 -59.13 28.21
CA SER C 399 -0.29 -59.93 27.37
C SER C 399 -0.60 -59.67 25.90
N ASP C 400 -0.92 -60.72 25.17
CA ASP C 400 -1.18 -60.59 23.74
C ASP C 400 -2.33 -59.63 23.45
N TYR C 401 -3.46 -59.82 24.12
CA TYR C 401 -4.64 -58.99 23.89
C TYR C 401 -4.62 -57.78 24.83
N ASP C 402 -4.74 -56.55 24.33
CA ASP C 402 -4.78 -55.42 25.25
C ASP C 402 -5.82 -54.34 24.94
N GLY C 403 -6.82 -54.25 25.80
CA GLY C 403 -7.87 -53.25 25.69
C GLY C 403 -7.61 -52.03 26.52
N ILE C 404 -8.67 -51.48 27.11
CA ILE C 404 -8.52 -50.57 28.24
C ILE C 404 -9.49 -50.92 29.39
N TRP C 405 -9.35 -50.20 30.51
CA TRP C 405 -10.20 -50.46 31.66
C TRP C 405 -11.65 -50.25 31.33
N SER C 406 -12.40 -51.31 31.57
CA SER C 406 -13.83 -51.27 31.45
C SER C 406 -14.35 -50.30 32.48
N GLU C 407 -15.43 -49.61 32.16
CA GLU C 407 -15.90 -48.56 33.04
C GLU C 407 -16.29 -49.17 34.39
N TRP C 408 -16.15 -48.35 35.42
CA TRP C 408 -16.44 -48.72 36.80
C TRP C 408 -17.91 -49.13 36.87
N SER C 409 -18.31 -49.80 37.94
CA SER C 409 -19.70 -50.24 37.97
C SER C 409 -20.36 -50.51 39.32
N ASN C 410 -21.67 -50.57 39.24
CA ASN C 410 -22.56 -51.13 40.25
C ASN C 410 -22.70 -50.37 41.55
N GLU C 411 -21.78 -49.45 41.85
CA GLU C 411 -21.90 -48.61 43.05
C GLU C 411 -20.99 -47.38 42.99
N TYR C 412 -21.03 -46.57 44.05
CA TYR C 412 -20.30 -45.29 44.19
C TYR C 412 -19.10 -45.11 43.27
N GLU D 7 1.55 -33.86 9.74
CA GLU D 7 0.47 -33.14 9.06
C GLU D 7 -0.68 -34.07 8.68
N GLU D 8 -1.56 -34.28 9.66
CA GLU D 8 -2.70 -35.16 9.53
C GLU D 8 -3.97 -34.49 10.06
N THR D 9 -5.09 -34.84 9.46
CA THR D 9 -6.37 -34.17 9.68
C THR D 9 -6.86 -34.33 11.10
N VAL D 10 -7.70 -33.41 11.58
CA VAL D 10 -8.25 -33.56 12.94
C VAL D 10 -8.98 -34.90 13.14
N PRO D 11 -9.80 -35.35 12.18
CA PRO D 11 -10.43 -36.66 12.35
C PRO D 11 -9.46 -37.79 12.74
N LEU D 12 -8.33 -37.88 12.05
CA LEU D 12 -7.41 -38.94 12.37
C LEU D 12 -6.82 -38.77 13.76
N LYS D 13 -6.36 -37.58 14.12
CA LYS D 13 -5.82 -37.40 15.46
C LYS D 13 -6.85 -37.73 16.55
N THR D 14 -8.13 -37.53 16.23
CA THR D 14 -9.21 -37.80 17.16
C THR D 14 -9.70 -39.24 17.22
N LEU D 15 -9.50 -40.00 16.15
CA LEU D 15 -10.03 -41.35 16.03
C LEU D 15 -9.62 -42.28 17.17
N GLU D 16 -10.59 -42.86 17.86
CA GLU D 16 -10.34 -44.01 18.74
C GLU D 16 -11.46 -45.03 18.55
N CYS D 17 -11.12 -46.23 18.10
CA CYS D 17 -12.13 -47.25 17.88
C CYS D 17 -11.78 -48.49 18.72
N TYR D 18 -12.65 -48.84 19.68
CA TYR D 18 -12.44 -49.99 20.57
C TYR D 18 -13.63 -50.95 20.37
N ASN D 19 -13.55 -52.17 20.88
CA ASN D 19 -14.69 -53.08 20.78
C ASN D 19 -14.97 -53.82 22.07
N ASP D 20 -16.18 -54.37 22.21
CA ASP D 20 -16.58 -55.13 23.39
C ASP D 20 -16.08 -56.56 23.20
N TYR D 21 -15.50 -56.75 22.02
CA TYR D 21 -15.07 -58.03 21.47
C TYR D 21 -16.09 -59.11 21.52
N THR D 22 -17.35 -58.74 21.31
CA THR D 22 -18.41 -59.73 21.14
C THR D 22 -19.22 -59.48 19.86
N ASN D 23 -19.86 -58.31 19.83
CA ASN D 23 -20.74 -57.91 18.73
C ASN D 23 -20.20 -56.68 17.99
N ARG D 24 -19.95 -55.61 18.73
CA ARG D 24 -19.75 -54.29 18.15
C ARG D 24 -18.36 -53.69 18.24
N ILE D 25 -18.00 -52.85 17.26
CA ILE D 25 -16.89 -51.91 17.41
C ILE D 25 -17.45 -50.53 17.67
N ILE D 26 -16.83 -49.77 18.57
CA ILE D 26 -17.30 -48.43 18.83
C ILE D 26 -16.19 -47.39 18.58
N CYS D 27 -16.40 -46.57 17.55
CA CYS D 27 -15.40 -45.61 17.16
C CYS D 27 -16.00 -44.21 17.25
N SER D 28 -15.42 -43.38 18.13
CA SER D 28 -15.82 -41.98 18.29
C SER D 28 -14.71 -41.11 17.72
N TRP D 29 -15.09 -40.06 16.99
CA TRP D 29 -14.14 -39.17 16.32
C TRP D 29 -14.71 -37.80 16.03
N ALA D 30 -13.85 -36.84 15.69
CA ALA D 30 -14.29 -35.46 15.45
C ALA D 30 -13.80 -34.81 14.16
N ASP D 31 -14.48 -33.72 13.79
CA ASP D 31 -14.16 -32.91 12.63
C ASP D 31 -14.22 -31.46 13.09
N THR D 32 -13.45 -30.57 12.49
CA THR D 32 -13.51 -29.16 12.86
C THR D 32 -14.91 -28.65 12.62
N GLU D 33 -15.35 -27.67 13.41
CA GLU D 33 -16.61 -27.00 13.09
C GLU D 33 -16.40 -26.20 11.81
N ASP D 34 -15.15 -25.82 11.55
CA ASP D 34 -14.81 -25.02 10.39
C ASP D 34 -15.36 -25.66 9.13
N ALA D 35 -15.03 -26.94 8.96
CA ALA D 35 -15.23 -27.66 7.71
C ALA D 35 -16.69 -27.94 7.37
N GLN D 36 -17.58 -27.69 8.33
CA GLN D 36 -18.94 -28.16 8.23
C GLN D 36 -19.60 -27.77 6.90
N GLY D 37 -19.62 -26.48 6.59
CA GLY D 37 -20.27 -26.03 5.38
C GLY D 37 -19.81 -26.75 4.12
N LEU D 38 -18.49 -26.79 3.93
CA LEU D 38 -17.89 -27.30 2.69
C LEU D 38 -17.70 -28.78 2.64
N ILE D 39 -17.29 -29.39 3.74
CA ILE D 39 -16.90 -30.78 3.63
C ILE D 39 -17.40 -31.63 4.80
N ASN D 40 -17.95 -32.79 4.44
CA ASN D 40 -18.30 -33.78 5.43
C ASN D 40 -17.41 -34.96 5.16
N MET D 41 -17.02 -35.67 6.20
CA MET D 41 -16.14 -36.80 5.99
C MET D 41 -16.82 -38.09 6.46
N THR D 42 -16.83 -39.12 5.63
CA THR D 42 -17.36 -40.42 6.03
C THR D 42 -16.24 -41.41 6.35
N LEU D 43 -16.41 -42.13 7.45
CA LEU D 43 -15.40 -43.07 7.91
C LEU D 43 -15.46 -44.46 7.23
N LEU D 44 -14.39 -44.84 6.55
CA LEU D 44 -14.35 -46.14 5.91
C LEU D 44 -13.63 -47.15 6.79
N TYR D 45 -14.21 -48.34 6.96
CA TYR D 45 -13.62 -49.41 7.80
C TYR D 45 -13.18 -50.61 6.99
N HIS D 46 -11.89 -50.87 6.90
CA HIS D 46 -11.48 -51.87 5.94
C HIS D 46 -11.35 -53.27 6.50
N GLN D 47 -11.99 -54.20 5.83
CA GLN D 47 -11.61 -55.60 5.89
C GLN D 47 -10.68 -55.83 4.72
N LEU D 48 -10.42 -57.08 4.35
CA LEU D 48 -9.66 -57.30 3.12
C LEU D 48 -10.35 -56.61 1.94
N ASP D 49 -11.51 -57.12 1.55
CA ASP D 49 -12.31 -56.54 0.48
C ASP D 49 -13.21 -55.38 0.92
N LYS D 50 -13.73 -55.46 2.14
CA LYS D 50 -15.03 -54.85 2.45
C LYS D 50 -15.17 -53.32 2.45
N ILE D 51 -14.16 -52.55 2.87
CA ILE D 51 -14.34 -51.09 2.80
C ILE D 51 -15.57 -50.71 3.65
N GLN D 52 -16.77 -50.68 3.09
CA GLN D 52 -17.96 -50.69 3.97
C GLN D 52 -18.22 -49.43 4.82
N SER D 53 -18.88 -48.46 4.20
CA SER D 53 -19.19 -47.17 4.81
C SER D 53 -19.75 -47.35 6.20
N VAL D 54 -19.32 -46.51 7.13
CA VAL D 54 -19.65 -46.71 8.53
C VAL D 54 -20.74 -45.76 8.97
N SER D 55 -21.92 -46.31 9.23
CA SER D 55 -23.00 -45.51 9.80
C SER D 55 -22.48 -44.87 11.07
N CYS D 56 -22.54 -43.55 11.14
CA CYS D 56 -22.09 -42.86 12.33
C CYS D 56 -23.12 -41.80 12.63
N GLU D 57 -23.11 -41.30 13.85
CA GLU D 57 -24.03 -40.25 14.28
C GLU D 57 -23.29 -39.25 15.13
N LEU D 58 -23.81 -38.05 15.25
CA LEU D 58 -23.13 -37.02 16.03
C LEU D 58 -23.19 -37.30 17.51
N SER D 59 -22.30 -36.68 18.27
CA SER D 59 -22.16 -37.02 19.68
C SER D 59 -21.88 -35.78 20.52
N GLU D 60 -22.23 -35.85 21.81
CA GLU D 60 -21.95 -34.73 22.70
C GLU D 60 -20.44 -34.57 22.88
N LYS D 61 -19.74 -35.69 22.96
CA LYS D 61 -18.29 -35.66 23.08
C LYS D 61 -17.72 -36.89 22.37
N LEU D 62 -16.40 -36.97 22.32
CA LEU D 62 -15.71 -38.16 21.90
C LEU D 62 -15.11 -38.69 23.18
N MET D 63 -15.16 -40.00 23.39
CA MET D 63 -14.86 -40.53 24.72
C MET D 63 -13.38 -40.62 25.06
N TRP D 64 -12.60 -41.15 24.11
CA TRP D 64 -11.23 -41.54 24.38
C TRP D 64 -10.17 -40.55 23.94
N SER D 65 -10.57 -39.40 23.42
CA SER D 65 -9.61 -38.38 23.06
C SER D 65 -10.15 -36.97 23.31
N GLU D 66 -9.41 -35.97 22.86
CA GLU D 66 -9.79 -34.58 23.07
C GLU D 66 -9.37 -33.75 21.89
N CYS D 67 -10.21 -32.80 21.49
CA CYS D 67 -10.00 -32.03 20.26
C CYS D 67 -8.72 -31.23 20.31
N PRO D 68 -7.84 -31.44 19.34
CA PRO D 68 -6.47 -30.94 19.47
C PRO D 68 -6.34 -29.41 19.44
N SER D 69 -5.48 -28.92 20.34
CA SER D 69 -4.93 -27.57 20.30
C SER D 69 -5.98 -26.49 20.08
N SER D 70 -5.63 -25.55 19.20
CA SER D 70 -6.45 -24.40 18.89
C SER D 70 -7.88 -24.75 18.51
N HIS D 71 -8.03 -25.85 17.78
CA HIS D 71 -9.31 -26.27 17.23
C HIS D 71 -10.35 -26.54 18.30
N ARG D 72 -11.59 -26.19 17.99
CA ARG D 72 -12.76 -26.74 18.69
C ARG D 72 -13.30 -27.83 17.77
N CYS D 73 -13.92 -28.88 18.31
CA CYS D 73 -14.28 -30.07 17.50
C CYS D 73 -15.77 -30.50 17.52
N VAL D 74 -16.22 -31.06 16.40
CA VAL D 74 -17.56 -31.60 16.29
C VAL D 74 -17.54 -33.12 16.28
N PRO D 75 -17.92 -33.72 17.42
CA PRO D 75 -17.81 -35.15 17.74
C PRO D 75 -18.80 -36.05 17.00
N ARG D 76 -18.45 -37.34 16.96
CA ARG D 76 -19.30 -38.38 16.40
C ARG D 76 -19.31 -39.61 17.38
N ARG D 77 -20.19 -40.59 17.17
CA ARG D 77 -19.96 -41.90 17.73
C ARG D 77 -20.42 -42.94 16.72
N CYS D 78 -19.50 -43.73 16.18
CA CYS D 78 -19.90 -44.74 15.18
C CYS D 78 -19.92 -46.11 15.83
N VAL D 79 -20.95 -46.93 15.57
CA VAL D 79 -20.90 -48.34 16.00
C VAL D 79 -21.04 -49.29 14.80
N ILE D 80 -20.14 -50.28 14.74
CA ILE D 80 -20.18 -51.26 13.67
C ILE D 80 -20.45 -52.61 14.25
N PRO D 81 -21.56 -53.25 13.86
CA PRO D 81 -21.76 -54.62 14.33
C PRO D 81 -20.75 -55.61 13.71
N TYR D 82 -20.04 -56.38 14.54
CA TYR D 82 -19.06 -57.41 14.10
C TYR D 82 -19.20 -58.69 14.89
N THR D 83 -19.63 -59.77 14.25
CA THR D 83 -19.74 -61.01 14.98
C THR D 83 -18.50 -61.88 14.85
N ARG D 84 -17.61 -61.55 13.91
CA ARG D 84 -16.42 -62.35 13.77
C ARG D 84 -15.12 -61.60 13.94
N PHE D 85 -14.50 -61.81 15.09
CA PHE D 85 -13.12 -61.48 15.33
C PHE D 85 -12.23 -62.60 14.90
N SER D 86 -11.01 -62.23 14.61
CA SER D 86 -9.95 -63.18 14.51
C SER D 86 -8.67 -62.46 14.87
N ASN D 87 -7.68 -63.20 15.36
CA ASN D 87 -6.35 -62.64 15.50
C ASN D 87 -5.84 -62.24 14.13
N GLY D 88 -6.36 -62.92 13.11
CA GLY D 88 -6.04 -62.64 11.73
C GLY D 88 -6.59 -61.32 11.22
N ASP D 89 -7.75 -60.90 11.72
CA ASP D 89 -8.37 -59.67 11.26
C ASP D 89 -7.44 -58.47 11.37
N ASN D 90 -7.22 -57.80 10.25
CA ASN D 90 -6.42 -56.57 10.22
C ASN D 90 -7.29 -55.38 9.96
N ASP D 91 -7.50 -54.57 10.99
CA ASP D 91 -8.49 -53.51 10.90
C ASP D 91 -7.87 -52.17 10.55
N TYR D 92 -8.24 -51.68 9.37
CA TYR D 92 -7.79 -50.41 8.84
C TYR D 92 -8.94 -49.44 8.65
N TYR D 93 -8.76 -48.21 9.13
CA TYR D 93 -9.81 -47.22 9.06
C TYR D 93 -9.27 -46.04 8.28
N SER D 94 -10.03 -45.57 7.30
CA SER D 94 -9.63 -44.37 6.57
C SER D 94 -10.74 -43.34 6.69
N PHE D 95 -10.39 -42.06 6.54
CA PHE D 95 -11.39 -41.01 6.36
C PHE D 95 -11.44 -40.51 4.93
N GLN D 96 -12.65 -40.44 4.36
CA GLN D 96 -12.83 -39.91 3.01
C GLN D 96 -13.95 -38.85 2.97
N PRO D 97 -13.88 -37.96 1.98
CA PRO D 97 -14.82 -36.84 1.80
C PRO D 97 -16.00 -37.08 0.81
N ASP D 98 -16.85 -36.07 0.67
CA ASP D 98 -18.04 -36.10 -0.17
C ASP D 98 -17.77 -36.28 -1.63
N ARG D 99 -16.59 -35.86 -2.07
CA ARG D 99 -16.36 -35.67 -3.49
C ARG D 99 -14.91 -35.77 -3.91
N ASP D 100 -14.64 -36.29 -5.09
CA ASP D 100 -13.26 -36.36 -5.55
C ASP D 100 -12.73 -34.95 -5.70
N LEU D 101 -11.64 -34.63 -5.00
CA LEU D 101 -11.06 -33.29 -5.13
C LEU D 101 -9.55 -33.31 -5.29
N GLY D 102 -9.11 -32.75 -6.40
CA GLY D 102 -7.71 -32.66 -6.73
C GLY D 102 -7.61 -31.69 -7.88
N ILE D 103 -6.38 -31.34 -8.25
CA ILE D 103 -6.18 -30.50 -9.41
C ILE D 103 -5.05 -31.07 -10.24
N GLN D 104 -5.17 -30.89 -11.54
CA GLN D 104 -4.19 -31.43 -12.45
C GLN D 104 -3.52 -30.33 -13.24
N LEU D 105 -2.22 -30.42 -13.43
CA LEU D 105 -1.56 -29.53 -14.37
C LEU D 105 -0.50 -30.29 -15.16
N MET D 106 -0.55 -30.08 -16.46
CA MET D 106 0.47 -30.54 -17.37
C MET D 106 1.44 -29.39 -17.60
N VAL D 107 2.70 -29.58 -17.21
CA VAL D 107 3.71 -28.56 -17.46
C VAL D 107 4.77 -29.08 -18.44
N PRO D 108 4.72 -28.61 -19.69
CA PRO D 108 5.89 -28.87 -20.55
C PRO D 108 7.06 -28.03 -20.03
N LEU D 109 8.22 -28.66 -19.86
CA LEU D 109 9.33 -28.03 -19.17
C LEU D 109 9.91 -26.80 -19.87
N ALA D 110 10.14 -26.93 -21.17
CA ALA D 110 10.62 -25.82 -21.97
C ALA D 110 9.78 -24.56 -21.76
N GLN D 111 8.47 -24.71 -21.82
CA GLN D 111 7.58 -23.56 -21.74
C GLN D 111 7.42 -22.99 -20.33
N HIS D 112 7.85 -23.73 -19.32
CA HIS D 112 7.94 -23.13 -17.98
C HIS D 112 9.37 -23.10 -17.53
N VAL D 113 10.05 -21.97 -17.59
CA VAL D 113 11.33 -21.88 -16.91
C VAL D 113 11.60 -20.54 -16.28
N GLN D 114 11.91 -20.57 -14.98
CA GLN D 114 12.24 -19.39 -14.25
C GLN D 114 13.69 -19.57 -13.89
N PRO D 115 14.56 -18.84 -14.63
CA PRO D 115 16.01 -18.88 -14.48
C PRO D 115 16.42 -18.49 -13.08
N PRO D 116 17.63 -18.88 -12.71
CA PRO D 116 18.15 -18.48 -11.41
C PRO D 116 18.31 -16.98 -11.39
N PRO D 117 17.93 -16.34 -10.28
CA PRO D 117 18.21 -14.91 -10.11
C PRO D 117 19.68 -14.60 -10.19
N PRO D 118 20.00 -13.34 -10.40
CA PRO D 118 21.33 -12.89 -10.02
C PRO D 118 21.39 -12.78 -8.50
N LYS D 119 22.60 -12.81 -7.94
CA LYS D 119 22.80 -12.51 -6.50
C LYS D 119 24.18 -11.87 -6.30
N ASP D 120 24.46 -11.45 -5.06
CA ASP D 120 25.78 -10.99 -4.69
C ASP D 120 26.17 -9.87 -5.63
N ILE D 121 25.26 -8.91 -5.81
CA ILE D 121 25.49 -7.85 -6.78
C ILE D 121 25.88 -6.55 -6.11
N HIS D 122 26.96 -5.94 -6.59
CA HIS D 122 27.36 -4.65 -6.04
C HIS D 122 27.62 -3.60 -7.11
N ILE D 123 27.35 -2.35 -6.75
CA ILE D 123 27.59 -1.25 -7.65
C ILE D 123 28.71 -0.42 -7.08
N SER D 124 29.73 -0.19 -7.89
CA SER D 124 30.83 0.67 -7.51
C SER D 124 30.90 1.86 -8.45
N PRO D 125 31.36 3.00 -7.94
CA PRO D 125 31.73 4.09 -8.83
C PRO D 125 33.02 3.71 -9.53
N SER D 126 33.15 3.99 -10.82
CA SER D 126 34.33 3.55 -11.55
C SER D 126 35.15 4.74 -12.03
N GLY D 127 34.70 5.34 -13.12
CA GLY D 127 35.27 6.57 -13.65
C GLY D 127 34.34 7.68 -13.27
N ASP D 128 34.13 8.60 -14.20
CA ASP D 128 32.89 9.34 -14.25
C ASP D 128 31.71 8.37 -14.19
N HIS D 129 31.79 7.28 -14.98
CA HIS D 129 30.69 6.32 -15.16
C HIS D 129 30.42 5.42 -13.95
N PHE D 130 29.43 4.54 -14.06
CA PHE D 130 29.06 3.62 -12.99
C PHE D 130 29.10 2.15 -13.40
N LEU D 131 29.60 1.32 -12.50
CA LEU D 131 29.77 -0.07 -12.84
C LEU D 131 28.88 -0.97 -12.01
N LEU D 132 27.86 -1.52 -12.67
CA LEU D 132 27.01 -2.50 -12.01
C LEU D 132 27.36 -3.87 -12.52
N GLU D 133 27.78 -4.74 -11.60
CA GLU D 133 28.06 -6.13 -11.91
C GLU D 133 27.37 -7.07 -10.92
N TRP D 134 26.99 -8.25 -11.40
CA TRP D 134 26.32 -9.23 -10.57
C TRP D 134 26.94 -10.62 -10.69
N SER D 135 26.29 -11.59 -10.07
CA SER D 135 26.72 -12.97 -10.07
C SER D 135 25.53 -13.89 -10.34
N VAL D 136 25.73 -14.91 -11.17
CA VAL D 136 24.69 -15.90 -11.50
C VAL D 136 25.21 -17.33 -11.52
N SER D 137 24.38 -18.26 -11.07
CA SER D 137 24.76 -19.65 -10.99
C SER D 137 24.00 -20.52 -11.99
N LEU D 138 24.70 -20.99 -13.01
CA LEU D 138 24.03 -21.75 -14.06
C LEU D 138 24.06 -23.26 -13.88
N GLY D 139 24.85 -23.74 -12.93
CA GLY D 139 24.95 -25.16 -12.68
C GLY D 139 25.53 -25.95 -13.85
N ASP D 140 25.48 -27.27 -13.74
CA ASP D 140 26.02 -28.17 -14.77
C ASP D 140 25.06 -29.36 -15.02
N SER D 141 25.12 -30.01 -16.20
CA SER D 141 26.17 -29.94 -17.23
C SER D 141 26.35 -28.56 -17.89
N GLN D 142 27.49 -28.34 -18.54
CA GLN D 142 27.66 -27.13 -19.32
C GLN D 142 26.53 -27.08 -20.36
N VAL D 143 26.09 -28.25 -20.80
CA VAL D 143 24.83 -28.35 -21.55
C VAL D 143 23.59 -27.89 -20.75
N SER D 144 23.07 -28.77 -19.88
CA SER D 144 22.04 -28.46 -18.85
C SER D 144 21.02 -27.40 -19.24
N TRP D 145 20.64 -27.39 -20.51
CA TRP D 145 19.57 -26.52 -21.04
C TRP D 145 19.86 -25.05 -21.16
N LEU D 146 20.84 -24.56 -20.42
CA LEU D 146 21.12 -23.14 -20.47
C LEU D 146 22.58 -22.89 -20.19
N SER D 147 23.06 -21.80 -20.77
CA SER D 147 24.47 -21.51 -20.89
C SER D 147 24.53 -19.98 -21.00
N SER D 148 25.65 -19.47 -21.47
CA SER D 148 25.73 -18.06 -21.86
C SER D 148 24.49 -17.73 -22.68
N LYS D 149 24.10 -18.68 -23.52
CA LYS D 149 22.77 -18.74 -24.09
C LYS D 149 22.05 -19.96 -23.48
N ASP D 150 20.76 -19.83 -23.18
CA ASP D 150 19.99 -18.73 -23.70
C ASP D 150 19.51 -17.75 -22.64
N ILE D 151 20.22 -16.65 -22.46
CA ILE D 151 19.92 -15.81 -21.31
C ILE D 151 20.43 -14.37 -21.49
N GLU D 152 19.74 -13.44 -20.83
CA GLU D 152 20.16 -12.07 -20.78
C GLU D 152 19.71 -11.52 -19.44
N PHE D 153 19.95 -10.25 -19.19
CA PHE D 153 19.55 -9.66 -17.93
C PHE D 153 18.75 -8.42 -18.14
N GLU D 154 17.91 -8.09 -17.18
CA GLU D 154 17.29 -6.80 -17.19
C GLU D 154 17.57 -6.14 -15.86
N VAL D 155 17.89 -4.86 -15.91
CA VAL D 155 18.18 -4.10 -14.70
C VAL D 155 17.31 -2.82 -14.62
N ALA D 156 16.79 -2.53 -13.43
CA ALA D 156 15.87 -1.43 -13.25
C ALA D 156 16.47 -0.49 -12.27
N TYR D 157 16.17 0.80 -12.42
CA TYR D 157 16.71 1.75 -11.48
C TYR D 157 15.77 2.86 -11.25
N LYS D 158 15.79 3.34 -10.01
CA LYS D 158 14.90 4.40 -9.62
C LYS D 158 15.54 5.19 -8.53
N ARG D 159 15.01 6.39 -8.31
CA ARG D 159 15.31 7.10 -7.10
C ARG D 159 14.52 6.39 -6.02
N LEU D 160 14.87 6.64 -4.78
CA LEU D 160 14.20 5.99 -3.66
C LEU D 160 12.77 6.38 -3.61
N GLN D 161 12.47 7.54 -4.19
CA GLN D 161 11.15 8.11 -4.04
C GLN D 161 10.17 7.49 -5.00
N ASP D 162 10.62 7.18 -6.21
CA ASP D 162 9.73 6.53 -7.16
C ASP D 162 9.35 5.14 -6.71
N SER D 163 8.16 4.68 -7.11
CA SER D 163 7.88 3.24 -7.11
C SER D 163 8.39 2.56 -8.36
N TRP D 164 8.58 1.26 -8.24
CA TRP D 164 9.31 0.51 -9.24
C TRP D 164 8.58 0.43 -10.56
N GLU D 165 7.29 0.75 -10.53
CA GLU D 165 6.48 0.73 -11.74
C GLU D 165 7.08 1.73 -12.74
N ASP D 166 7.68 2.77 -12.19
CA ASP D 166 8.25 3.86 -12.98
C ASP D 166 9.62 3.54 -13.55
N ALA D 167 10.38 2.69 -12.87
CA ALA D 167 11.82 2.57 -13.12
C ALA D 167 12.12 2.23 -14.55
N SER D 168 13.24 2.76 -15.04
CA SER D 168 13.71 2.52 -16.39
C SER D 168 14.48 1.22 -16.45
N SER D 169 14.57 0.62 -17.63
CA SER D 169 15.25 -0.67 -17.75
C SER D 169 16.40 -0.68 -18.75
N LEU D 170 17.34 -1.60 -18.53
CA LEU D 170 18.44 -1.88 -19.42
C LEU D 170 18.47 -3.35 -19.79
N HIS D 171 19.12 -3.69 -20.89
CA HIS D 171 19.31 -5.09 -21.24
C HIS D 171 20.77 -5.34 -21.57
N THR D 172 21.42 -6.26 -20.87
CA THR D 172 22.71 -6.79 -21.33
C THR D 172 22.71 -8.28 -21.26
N SER D 173 23.47 -8.90 -22.15
CA SER D 173 23.76 -10.31 -22.01
C SER D 173 25.06 -10.41 -21.20
N ASN D 174 25.63 -9.25 -20.92
CA ASN D 174 26.82 -9.17 -20.09
C ASN D 174 26.51 -9.27 -18.62
N PHE D 175 27.52 -9.60 -17.82
CA PHE D 175 27.33 -9.77 -16.39
C PHE D 175 27.63 -8.50 -15.64
N GLN D 176 27.88 -7.44 -16.41
CA GLN D 176 28.14 -6.11 -15.87
C GLN D 176 27.48 -5.06 -16.75
N VAL D 177 27.27 -3.88 -16.21
CA VAL D 177 26.73 -2.83 -17.04
C VAL D 177 27.41 -1.49 -16.74
N ASN D 178 27.46 -0.66 -17.78
CA ASN D 178 27.94 0.68 -17.64
C ASN D 178 26.80 1.63 -17.44
N LEU D 179 26.68 2.17 -16.23
CA LEU D 179 25.65 3.15 -15.97
C LEU D 179 26.29 4.48 -16.08
N GLU D 180 26.02 5.17 -17.18
CA GLU D 180 26.68 6.43 -17.44
C GLU D 180 26.04 7.46 -16.53
N PRO D 181 26.83 8.45 -16.10
CA PRO D 181 26.14 9.60 -15.54
C PRO D 181 25.37 10.20 -16.69
N LYS D 182 24.36 10.99 -16.38
CA LYS D 182 23.39 11.49 -17.37
C LYS D 182 22.32 10.45 -17.54
N LEU D 183 22.49 9.32 -16.86
CA LEU D 183 21.38 8.41 -16.74
C LEU D 183 20.51 8.92 -15.61
N PHE D 184 21.15 9.59 -14.65
CA PHE D 184 20.55 9.88 -13.35
C PHE D 184 20.52 11.37 -13.03
N LEU D 185 19.58 11.76 -12.18
CA LEU D 185 19.50 13.12 -11.67
C LEU D 185 20.59 13.33 -10.64
N PRO D 186 21.23 14.49 -10.66
CA PRO D 186 22.32 14.67 -9.71
C PRO D 186 21.83 14.89 -8.29
N ASN D 187 22.69 14.64 -7.31
CA ASN D 187 22.40 14.91 -5.92
C ASN D 187 21.17 14.17 -5.37
N SER D 188 21.08 12.87 -5.64
CA SER D 188 19.87 12.11 -5.32
C SER D 188 20.18 10.64 -5.17
N ILE D 189 19.40 9.90 -4.37
CA ILE D 189 19.75 8.49 -4.10
C ILE D 189 19.05 7.47 -5.02
N TYR D 190 19.84 6.65 -5.69
CA TYR D 190 19.31 5.70 -6.66
C TYR D 190 19.42 4.27 -6.23
N ALA D 191 18.51 3.45 -6.72
CA ALA D 191 18.51 2.03 -6.42
C ALA D 191 18.53 1.23 -7.71
N ALA D 192 19.35 0.20 -7.77
CA ALA D 192 19.30 -0.76 -8.87
C ALA D 192 18.97 -2.17 -8.39
N ARG D 193 18.44 -2.98 -9.32
CA ARG D 193 18.14 -4.39 -9.08
C ARG D 193 18.06 -5.06 -10.44
N VAL D 194 18.19 -6.38 -10.46
CA VAL D 194 18.42 -7.09 -11.71
C VAL D 194 17.71 -8.43 -11.69
N ARG D 195 17.25 -8.87 -12.85
CA ARG D 195 16.77 -10.22 -12.90
C ARG D 195 17.22 -10.88 -14.15
N THR D 196 17.35 -12.18 -14.04
CA THR D 196 17.69 -13.00 -15.14
C THR D 196 16.48 -13.16 -16.01
N ARG D 197 16.60 -12.86 -17.29
CA ARG D 197 15.49 -13.07 -18.19
C ARG D 197 15.86 -14.09 -19.23
N LEU D 198 14.86 -14.77 -19.76
CA LEU D 198 15.09 -15.66 -20.88
C LEU D 198 15.33 -14.80 -22.08
N SER D 199 16.36 -15.12 -22.87
CA SER D 199 16.58 -14.35 -24.08
C SER D 199 15.54 -14.63 -25.14
N ALA D 200 15.24 -13.60 -25.94
CA ALA D 200 14.22 -13.66 -26.96
C ALA D 200 14.50 -14.77 -27.96
N GLY D 201 15.73 -14.79 -28.43
CA GLY D 201 16.15 -15.71 -29.47
C GLY D 201 15.97 -17.16 -29.08
N SER D 202 15.83 -17.42 -27.79
CA SER D 202 15.74 -18.79 -27.31
C SER D 202 14.45 -19.50 -27.61
N SER D 203 14.60 -20.78 -27.90
CA SER D 203 13.52 -21.71 -27.95
C SER D 203 12.70 -21.68 -26.66
N LEU D 204 13.39 -21.60 -25.53
CA LEU D 204 12.77 -21.62 -24.21
C LEU D 204 11.81 -20.46 -23.97
N SER D 205 10.78 -20.71 -23.17
CA SER D 205 9.81 -19.68 -22.80
C SER D 205 9.48 -19.86 -21.32
N GLY D 206 8.94 -18.85 -20.65
CA GLY D 206 8.82 -18.93 -19.21
C GLY D 206 8.42 -17.68 -18.46
N ARG D 207 8.88 -17.58 -17.21
CA ARG D 207 8.90 -16.30 -16.51
C ARG D 207 10.31 -15.97 -16.17
N PRO D 208 10.64 -14.68 -16.29
CA PRO D 208 11.79 -14.03 -15.67
C PRO D 208 12.00 -14.38 -14.19
N SER D 209 13.27 -14.50 -13.84
CA SER D 209 13.73 -14.91 -12.51
C SER D 209 13.31 -13.94 -11.43
N ARG D 210 13.34 -14.38 -10.17
CA ARG D 210 13.13 -13.47 -9.06
C ARG D 210 14.07 -12.30 -9.20
N TRP D 211 13.67 -11.11 -8.76
CA TRP D 211 14.57 -9.96 -8.85
C TRP D 211 15.64 -10.07 -7.77
N SER D 212 16.85 -9.65 -8.11
CA SER D 212 17.98 -9.66 -7.18
C SER D 212 17.79 -8.68 -6.04
N PRO D 213 18.64 -8.77 -5.02
CA PRO D 213 18.62 -7.78 -3.96
C PRO D 213 18.83 -6.41 -4.51
N GLU D 214 18.21 -5.41 -3.89
CA GLU D 214 18.41 -4.02 -4.21
C GLU D 214 19.79 -3.59 -3.77
N VAL D 215 20.32 -2.58 -4.45
CA VAL D 215 21.56 -1.94 -4.07
C VAL D 215 21.35 -0.43 -4.13
N HIS D 216 21.96 0.31 -3.22
CA HIS D 216 21.78 1.78 -3.17
C HIS D 216 23.07 2.54 -3.44
N TRP D 217 22.92 3.77 -3.95
CA TRP D 217 24.06 4.65 -4.16
C TRP D 217 23.66 6.10 -4.48
N ASP D 218 24.63 7.00 -4.52
CA ASP D 218 24.35 8.43 -4.70
C ASP D 218 24.85 8.87 -6.06
N SER D 219 24.07 9.71 -6.72
CA SER D 219 24.38 10.06 -8.10
C SER D 219 25.40 11.15 -8.10
N GLN D 220 25.81 11.53 -9.29
CA GLN D 220 26.86 12.52 -9.46
C GLN D 220 26.52 13.80 -8.70
N PRO D 221 27.55 14.52 -8.26
CA PRO D 221 27.30 15.83 -7.64
C PRO D 221 26.77 16.83 -8.68
N GLY D 222 25.88 17.72 -8.28
CA GLY D 222 25.27 18.68 -9.19
C GLY D 222 24.91 19.97 -8.48
N ASP D 223 24.71 21.05 -9.22
CA ASP D 223 24.59 22.35 -8.58
C ASP D 223 23.28 22.46 -7.82
N LYS D 224 23.39 22.71 -6.52
CA LYS D 224 22.24 22.68 -5.63
C LYS D 224 21.26 23.79 -5.98
N ALA D 225 21.79 24.87 -6.52
CA ALA D 225 20.97 26.03 -6.82
C ALA D 225 20.14 25.83 -8.08
N GLN D 226 20.68 25.02 -8.99
CA GLN D 226 20.10 24.81 -10.30
C GLN D 226 18.95 23.81 -10.31
N PRO D 227 17.78 24.23 -10.80
CA PRO D 227 16.58 23.39 -11.02
C PRO D 227 16.81 22.29 -11.99
N GLN D 228 16.37 21.11 -11.61
CA GLN D 228 16.60 19.97 -12.45
C GLN D 228 15.29 19.22 -12.61
N ASN D 229 15.29 18.34 -13.59
CA ASN D 229 14.13 17.55 -13.89
C ASN D 229 12.93 18.43 -14.30
N LEU D 230 13.02 19.04 -15.47
CA LEU D 230 11.94 19.88 -15.96
C LEU D 230 11.09 19.01 -16.85
N GLN D 231 9.80 18.89 -16.56
CA GLN D 231 8.98 17.94 -17.30
C GLN D 231 7.64 18.49 -17.71
N CYS D 232 7.47 18.65 -19.00
CA CYS D 232 6.26 19.21 -19.54
C CYS D 232 5.61 18.23 -20.53
N PHE D 233 4.32 17.96 -20.35
CA PHE D 233 3.60 17.01 -21.16
C PHE D 233 2.33 17.63 -21.61
N PHE D 234 1.90 17.28 -22.81
CA PHE D 234 0.71 17.88 -23.45
C PHE D 234 -0.45 16.90 -23.37
N ASP D 235 -1.63 17.38 -22.98
CA ASP D 235 -2.71 16.46 -22.74
C ASP D 235 -3.63 16.39 -23.93
N GLY D 236 -3.24 17.04 -25.02
CA GLY D 236 -4.01 16.89 -26.24
C GLY D 236 -5.31 17.69 -26.25
N ILE D 237 -5.70 18.23 -25.09
CA ILE D 237 -6.67 19.31 -25.07
C ILE D 237 -6.20 20.57 -24.37
N GLN D 238 -5.77 21.58 -25.12
CA GLN D 238 -5.71 22.94 -24.60
C GLN D 238 -4.81 23.19 -23.37
N SER D 239 -4.22 22.14 -22.79
CA SER D 239 -3.33 22.27 -21.62
C SER D 239 -1.93 21.65 -21.80
N LEU D 240 -0.95 22.21 -21.10
CA LEU D 240 0.40 21.65 -21.07
C LEU D 240 0.87 21.62 -19.62
N HIS D 241 1.27 20.45 -19.12
CA HIS D 241 1.61 20.29 -17.69
C HIS D 241 3.08 20.11 -17.52
N CYS D 242 3.68 21.14 -16.95
CA CYS D 242 5.10 21.16 -16.76
C CYS D 242 5.36 21.03 -15.24
N SER D 243 6.43 20.30 -14.88
CA SER D 243 6.87 20.15 -13.49
C SER D 243 8.40 20.03 -13.40
N TRP D 244 8.98 20.54 -12.32
CA TRP D 244 10.44 20.60 -12.17
C TRP D 244 10.71 20.56 -10.69
N GLU D 245 11.95 20.25 -10.28
CA GLU D 245 12.27 20.32 -8.85
C GLU D 245 13.51 21.14 -8.59
N VAL D 246 13.57 21.74 -7.39
CA VAL D 246 14.80 22.35 -6.94
C VAL D 246 15.18 21.91 -5.53
N TRP D 247 16.49 21.94 -5.25
CA TRP D 247 16.99 21.62 -3.94
C TRP D 247 16.29 22.46 -2.90
N THR D 248 15.86 21.80 -1.83
CA THR D 248 15.10 22.44 -0.80
C THR D 248 15.81 23.59 -0.08
N GLN D 249 17.08 23.38 0.25
CA GLN D 249 17.85 24.35 1.05
C GLN D 249 18.18 25.56 0.24
N THR D 250 18.05 25.42 -1.08
CA THR D 250 18.24 26.51 -1.99
C THR D 250 17.10 27.54 -1.90
N THR D 251 15.85 27.08 -1.81
CA THR D 251 14.68 27.96 -2.01
C THR D 251 14.57 29.17 -1.09
N GLY D 252 15.37 29.18 -0.02
CA GLY D 252 15.45 30.37 0.80
C GLY D 252 16.16 31.47 0.03
N SER D 253 17.18 31.06 -0.69
CA SER D 253 18.03 31.98 -1.41
C SER D 253 17.56 32.44 -2.81
N VAL D 254 17.04 31.55 -3.65
CA VAL D 254 16.51 31.99 -4.94
C VAL D 254 15.06 31.60 -5.22
N SER D 255 14.37 32.42 -6.02
CA SER D 255 13.03 32.08 -6.49
C SER D 255 13.07 31.81 -7.99
N PHE D 256 12.16 30.96 -8.47
CA PHE D 256 12.13 30.60 -9.88
C PHE D 256 10.72 30.72 -10.42
N GLY D 257 10.60 30.78 -11.74
CA GLY D 257 9.29 30.83 -12.38
C GLY D 257 9.25 30.23 -13.76
N LEU D 258 8.06 29.85 -14.19
CA LEU D 258 7.96 29.13 -15.45
C LEU D 258 7.46 30.03 -16.53
N PHE D 259 8.20 30.06 -17.64
CA PHE D 259 7.78 30.85 -18.80
C PHE D 259 7.76 30.00 -20.08
N TYR D 260 6.98 30.44 -21.07
CA TYR D 260 6.85 29.71 -22.33
C TYR D 260 6.67 30.54 -23.61
N ARG D 261 7.31 30.08 -24.68
CA ARG D 261 7.15 30.65 -26.01
C ARG D 261 6.55 29.63 -26.99
N PRO D 262 5.30 29.82 -27.41
CA PRO D 262 4.66 29.01 -28.46
C PRO D 262 5.25 29.38 -29.83
N SER D 263 6.32 28.67 -30.26
CA SER D 263 7.21 29.02 -31.40
C SER D 263 8.34 29.95 -30.96
N PRO D 264 9.44 30.01 -31.75
CA PRO D 264 10.66 30.75 -31.40
C PRO D 264 10.46 32.26 -31.30
N ALA D 265 9.52 32.77 -32.09
CA ALA D 265 9.05 34.14 -31.99
C ALA D 265 8.08 34.21 -30.83
N ALA D 266 7.28 35.29 -30.81
CA ALA D 266 6.11 35.42 -29.92
C ALA D 266 6.51 35.79 -28.52
N PRO D 267 5.61 36.48 -27.81
CA PRO D 267 6.03 37.02 -26.52
C PRO D 267 6.23 35.92 -25.50
N GLU D 268 7.29 36.03 -24.71
CA GLU D 268 7.45 35.19 -23.54
C GLU D 268 6.26 35.45 -22.60
N GLU D 269 5.60 34.39 -22.13
CA GLU D 269 4.58 34.56 -21.09
C GLU D 269 4.85 33.67 -19.88
N LYS D 270 4.31 34.08 -18.74
CA LYS D 270 4.59 33.45 -17.45
C LYS D 270 3.50 32.50 -17.02
N CYS D 271 3.85 31.27 -16.73
CA CYS D 271 2.81 30.38 -16.24
C CYS D 271 2.48 30.65 -14.78
N SER D 272 1.19 30.70 -14.47
CA SER D 272 0.72 30.78 -13.10
C SER D 272 -0.63 30.08 -12.99
N PRO D 273 -0.99 29.59 -11.80
CA PRO D 273 -0.21 29.56 -10.56
C PRO D 273 0.83 28.46 -10.57
N VAL D 274 1.83 28.62 -9.71
CA VAL D 274 2.87 27.64 -9.52
C VAL D 274 2.61 26.85 -8.26
N VAL D 275 2.39 25.56 -8.39
CA VAL D 275 1.98 24.78 -7.24
C VAL D 275 3.16 24.15 -6.55
N LYS D 276 3.28 24.48 -5.27
CA LYS D 276 4.32 23.90 -4.45
C LYS D 276 3.67 22.96 -3.50
N GLU D 277 4.21 21.75 -3.41
CA GLU D 277 3.66 20.77 -2.48
C GLU D 277 4.70 20.54 -1.40
N PRO D 278 4.22 20.35 -0.16
CA PRO D 278 5.07 20.46 1.01
C PRO D 278 6.31 19.58 0.95
N GLN D 279 6.17 18.30 0.60
CA GLN D 279 7.32 17.50 0.18
C GLN D 279 8.57 17.76 1.02
N ALA D 280 8.58 17.29 2.26
CA ALA D 280 9.76 17.51 3.08
C ALA D 280 10.70 16.37 2.78
N SER D 281 11.67 16.73 1.97
CA SER D 281 12.52 15.80 1.29
C SER D 281 13.64 16.72 0.88
N VAL D 282 14.81 16.19 0.54
CA VAL D 282 15.93 17.05 0.19
C VAL D 282 15.60 17.88 -1.05
N TYR D 283 14.66 17.37 -1.83
CA TYR D 283 14.12 18.10 -2.94
C TYR D 283 12.70 18.63 -2.68
N THR D 284 12.43 19.82 -3.21
CA THR D 284 11.09 20.38 -3.20
C THR D 284 10.54 20.43 -4.62
N ARG D 285 9.26 20.03 -4.79
CA ARG D 285 8.71 19.84 -6.13
C ARG D 285 7.61 20.84 -6.53
N TYR D 286 7.82 21.40 -7.72
CA TYR D 286 6.97 22.44 -8.29
C TYR D 286 6.34 21.99 -9.59
N ARG D 287 5.08 22.31 -9.77
CA ARG D 287 4.44 22.04 -11.02
C ARG D 287 3.52 23.21 -11.29
N CYS D 288 3.29 23.48 -12.56
CA CYS D 288 2.30 24.46 -12.94
C CYS D 288 1.81 24.13 -14.36
N SER D 289 0.61 24.59 -14.70
CA SER D 289 -0.03 24.26 -15.98
C SER D 289 -0.37 25.49 -16.79
N LEU D 290 0.04 25.47 -18.06
CA LEU D 290 -0.15 26.61 -18.94
C LEU D 290 -1.05 26.21 -20.08
N PRO D 291 -1.91 27.13 -20.49
CA PRO D 291 -2.84 26.87 -21.58
C PRO D 291 -2.15 26.80 -22.92
N VAL D 292 -2.46 25.79 -23.74
CA VAL D 292 -2.04 25.83 -25.14
C VAL D 292 -3.27 26.02 -26.03
N PRO D 293 -3.48 27.27 -26.47
CA PRO D 293 -4.82 27.68 -26.87
C PRO D 293 -5.32 27.00 -28.15
N GLU D 294 -4.53 27.13 -29.20
CA GLU D 294 -4.67 26.30 -30.37
C GLU D 294 -3.33 25.64 -30.53
N PRO D 295 -3.25 24.33 -30.26
CA PRO D 295 -2.02 23.73 -30.76
C PRO D 295 -2.00 23.83 -32.26
N SER D 296 -0.94 24.44 -32.78
CA SER D 296 -0.61 24.24 -34.16
C SER D 296 -0.34 22.73 -34.16
N ALA D 297 -0.80 22.01 -35.18
CA ALA D 297 -0.64 20.56 -35.19
C ALA D 297 0.83 20.15 -35.03
N HIS D 298 1.72 21.03 -35.52
CA HIS D 298 3.18 20.89 -35.42
C HIS D 298 3.81 21.67 -34.27
N SER D 299 2.98 22.26 -33.41
CA SER D 299 3.44 23.27 -32.45
C SER D 299 4.68 22.85 -31.65
N GLN D 300 5.66 23.74 -31.64
CA GLN D 300 6.85 23.60 -30.83
C GLN D 300 6.80 24.63 -29.72
N TYR D 301 6.91 24.17 -28.49
CA TYR D 301 6.89 25.09 -27.39
C TYR D 301 8.26 25.19 -26.77
N THR D 302 8.54 26.34 -26.18
CA THR D 302 9.80 26.51 -25.48
C THR D 302 9.52 26.89 -24.07
N VAL D 303 9.97 26.05 -23.14
CA VAL D 303 9.64 26.23 -21.76
C VAL D 303 10.90 26.44 -21.01
N SER D 304 10.89 27.42 -20.13
CA SER D 304 12.10 27.73 -19.41
C SER D 304 11.83 28.00 -17.95
N VAL D 305 12.68 27.46 -17.11
CA VAL D 305 12.66 27.86 -15.73
C VAL D 305 13.74 28.87 -15.58
N LYS D 306 13.31 30.11 -15.35
CA LYS D 306 14.19 31.25 -15.29
C LYS D 306 14.01 31.78 -13.90
N HIS D 307 14.92 32.60 -13.45
CA HIS D 307 14.83 32.93 -12.06
C HIS D 307 14.31 34.34 -11.80
N LEU D 308 13.20 34.41 -11.07
CA LEU D 308 12.64 35.66 -10.56
C LEU D 308 13.71 36.48 -9.84
N GLU D 309 13.84 37.73 -10.24
CA GLU D 309 14.83 38.65 -9.69
C GLU D 309 14.22 39.51 -8.60
N GLN D 310 14.71 39.33 -7.37
CA GLN D 310 14.08 39.96 -6.23
C GLN D 310 14.75 41.27 -5.88
N GLY D 311 13.95 42.34 -5.87
CA GLY D 311 14.41 43.66 -5.51
C GLY D 311 13.37 44.58 -4.88
N LYS D 312 13.81 45.62 -4.16
CA LYS D 312 12.87 46.59 -3.58
C LYS D 312 13.45 48.01 -3.59
N PHE D 313 12.65 49.01 -3.98
CA PHE D 313 13.07 50.43 -3.92
C PHE D 313 13.18 50.91 -2.48
N ILE D 314 14.31 51.47 -2.05
CA ILE D 314 14.33 52.13 -0.74
C ILE D 314 14.34 53.67 -0.82
N MET D 315 14.48 54.18 -2.04
CA MET D 315 14.93 55.56 -2.33
C MET D 315 16.20 55.87 -1.53
N SER D 316 16.46 57.14 -1.20
CA SER D 316 17.43 57.44 -0.16
C SER D 316 16.80 58.09 1.05
N TYR D 317 15.51 58.43 0.91
CA TYR D 317 14.92 59.49 1.72
C TYR D 317 14.57 59.01 3.11
N TYR D 318 14.74 57.70 3.30
CA TYR D 318 14.41 57.09 4.57
C TYR D 318 15.16 57.72 5.73
N HIS D 319 14.38 58.20 6.71
CA HIS D 319 14.95 58.76 7.93
C HIS D 319 15.67 57.64 8.70
N ILE D 320 16.73 58.00 9.43
CA ILE D 320 17.57 57.00 10.11
C ILE D 320 17.18 56.72 11.59
N GLN D 321 16.28 57.56 12.13
CA GLN D 321 15.63 57.41 13.45
C GLN D 321 16.47 57.72 14.71
N MET D 322 17.80 57.77 14.56
CA MET D 322 18.73 58.05 15.67
C MET D 322 18.37 57.26 16.94
#